data_9I0H
#
_entry.id   9I0H
#
_cell.length_a   1.00
_cell.length_b   1.00
_cell.length_c   1.00
_cell.angle_alpha   90.00
_cell.angle_beta   90.00
_cell.angle_gamma   90.00
#
_symmetry.space_group_name_H-M   'P 1'
#
loop_
_entity.id
_entity.type
_entity.pdbx_description
1 polymer 'Nitrogenase iron-molybdenum cofactor biosynthesis protein NifE'
2 non-polymer 'IRON/SULFUR CLUSTER'
3 non-polymer 'FeFe cofactor'
4 water water
#
_entity_poly.entity_id   1
_entity_poly.type   'polypeptide(L)'
_entity_poly.pdbx_seq_one_letter_code
;MAKPDYYDVSECETHEKGAPKFCKKSEPGEGAERSCAYDGARVVLMPITDVIHLVHGPIACAGNSWDNRGARSSDSQLYR
RGFTTEMLENDVVFGGEKKLYRAILELAERYEGQAKAMFVYATCVTAMTGDDVEAVCAAAGKKVAIPLIPVNTPGFIGDK
NIGNRLAGEVLFKHVIGTAEPPVLGEYPINLIGEYNIAGDLWGMLPLFERLGIQVLSCFSGDATFEELRYAHRAKLNIII
CSKSLTNLARKMQKNYGMPYLEESFYGMTDTAKALRDIARELDDAVGGLEKRIMQDRVEKLLEEEEATCRERLAPYRARL
EGKRSVLFTGGVKTWSMVNALRELGVEILAAGTQNSTLEDFYRMKALMHQDARIIEDTSSAGLLQVMYDKMPDLIVAGGK
TKFLALKTKTPFLDINHGRSHPYAGYEGMVTFAKQLDLTVNNPIWPVLNAKAPWEKTEEELTAAVALAAGHARACLDEDL
KDSTVKVPAKNATVNPQKNSPALGATLAYLGIDQMLALLHGAQGCSTFIRLQLSRHFKEPVALNSTAMSEDTAIFGGWEN
LKKGLKKVIEKFSPEVVGVMTSGLTETMGDDVRSAIVHFRQEYPEHDGVPVVWASTPDYCGSLQEGYAATVEAIVRSVPE
PGETIPGQVTVLPGAHLTPADVEEVRELCEAFGLDPIIVPDIANALDGHIDETVSPLSTGGVSMARIRQAGQSAATLFIG
DSLAKAAEAMTERCGMPSYGFTSLTGLAQVDRFMETLAAIAGRPIPEKFRRWRSRLMDAMVDSHYQFGLKKVTVALEGDN
LKTLVNFLAGMGCEIQAAIAATRVRGLDGLPARDIFVGDLEDLETAARGSDLIVANSNGRQAAAKLGIKAHLRAGLPVFD
RLGAHQKMWVGYRGTMNLLFETANLFQANAGEGQKLAHN
;
_entity_poly.pdbx_strand_id   A,B
#
loop_
_chem_comp.id
_chem_comp.type
_chem_comp.name
_chem_comp.formula
S5Q non-polymer 'FeFe cofactor' 'C Fe8 S9 -4'
SF4 non-polymer 'IRON/SULFUR CLUSTER' 'Fe4 S4'
#
# COMPACT_ATOMS: atom_id res chain seq x y z
N CYS A 36 13.39 -36.70 -18.54
CA CYS A 36 14.36 -37.11 -17.49
C CYS A 36 13.66 -38.03 -16.48
N ALA A 37 14.34 -38.34 -15.38
CA ALA A 37 13.77 -39.24 -14.34
C ALA A 37 13.70 -38.49 -13.00
N TYR A 38 14.71 -37.68 -12.67
CA TYR A 38 14.71 -37.02 -11.37
C TYR A 38 13.57 -36.03 -11.24
N ASP A 39 12.96 -35.65 -12.35
CA ASP A 39 11.81 -34.76 -12.28
C ASP A 39 10.62 -35.47 -11.67
N GLY A 40 10.41 -36.74 -12.01
CA GLY A 40 9.35 -37.50 -11.36
C GLY A 40 9.60 -37.70 -9.89
N ALA A 41 10.81 -38.13 -9.53
CA ALA A 41 11.16 -38.29 -8.13
C ALA A 41 11.07 -36.98 -7.38
N ARG A 42 11.35 -35.87 -8.06
CA ARG A 42 11.22 -34.55 -7.46
C ARG A 42 9.76 -34.23 -7.17
N VAL A 43 8.91 -34.29 -8.20
CA VAL A 43 7.51 -33.91 -8.04
C VAL A 43 6.78 -34.82 -7.08
N VAL A 44 7.26 -36.04 -6.86
CA VAL A 44 6.60 -36.91 -5.88
C VAL A 44 7.21 -36.74 -4.49
N LEU A 45 8.53 -36.63 -4.38
CA LEU A 45 9.19 -36.67 -3.08
C LEU A 45 9.43 -35.30 -2.48
N MET A 46 9.68 -34.27 -3.30
CA MET A 46 9.81 -32.92 -2.76
C MET A 46 8.59 -32.39 -2.01
N PRO A 47 7.34 -32.77 -2.32
CA PRO A 47 6.22 -32.28 -1.50
C PRO A 47 6.27 -32.69 -0.04
N ILE A 48 7.16 -33.60 0.35
CA ILE A 48 7.19 -34.11 1.76
C ILE A 48 7.56 -32.93 2.67
N THR A 49 6.80 -32.67 3.70
CA THR A 49 6.90 -31.38 4.40
C THR A 49 7.68 -31.31 5.66
N ASP A 50 8.36 -32.33 6.05
CA ASP A 50 9.05 -32.34 7.31
C ASP A 50 10.44 -32.94 7.15
N VAL A 51 10.97 -32.80 5.93
CA VAL A 51 12.22 -33.41 5.50
C VAL A 51 13.04 -32.35 4.78
N ILE A 52 14.35 -32.43 4.92
CA ILE A 52 15.29 -31.57 4.21
C ILE A 52 15.63 -32.22 2.87
N HIS A 53 15.48 -31.45 1.80
CA HIS A 53 15.76 -31.92 0.45
C HIS A 53 17.06 -31.32 -0.03
N LEU A 54 18.10 -32.14 -0.13
CA LEU A 54 19.41 -31.70 -0.59
C LEU A 54 19.58 -32.10 -2.05
N VAL A 55 19.84 -31.12 -2.90
CA VAL A 55 19.88 -31.30 -4.34
C VAL A 55 21.34 -31.11 -4.77
N HIS A 56 22.04 -32.23 -4.98
CA HIS A 56 23.48 -32.16 -5.28
C HIS A 56 23.67 -31.61 -6.68
N GLY A 57 24.09 -30.36 -6.76
CA GLY A 57 24.41 -29.75 -8.03
C GLY A 57 23.80 -28.38 -8.22
N PRO A 58 23.65 -27.99 -9.49
CA PRO A 58 23.30 -26.60 -9.80
C PRO A 58 21.82 -26.29 -9.61
N ILE A 59 21.54 -25.00 -9.46
CA ILE A 59 20.16 -24.51 -9.44
C ILE A 59 19.54 -24.66 -10.83
N ALA A 60 20.30 -24.38 -11.87
CA ALA A 60 19.88 -24.76 -13.21
C ALA A 60 19.54 -26.24 -13.17
N CYS A 61 18.45 -26.61 -13.84
CA CYS A 61 17.89 -27.96 -13.77
C CYS A 61 17.18 -28.22 -12.44
N ALA A 62 17.19 -27.27 -11.54
CA ALA A 62 16.55 -27.51 -10.26
C ALA A 62 15.63 -26.37 -9.92
N GLN A 77 6.54 -26.92 7.64
CA GLN A 77 6.58 -26.00 6.47
C GLN A 77 8.00 -26.01 5.87
N LEU A 78 8.89 -26.86 6.40
CA LEU A 78 10.28 -26.90 5.91
C LEU A 78 10.20 -27.31 4.43
N TYR A 79 9.03 -27.63 3.94
CA TYR A 79 8.97 -28.15 2.55
C TYR A 79 9.25 -27.02 1.63
N ARG A 80 9.18 -25.81 2.16
CA ARG A 80 9.46 -24.62 1.33
C ARG A 80 10.94 -24.24 1.45
N ARG A 81 11.74 -25.09 2.09
CA ARG A 81 13.19 -24.87 2.20
C ARG A 81 13.85 -25.76 1.18
N GLY A 82 14.40 -25.17 0.15
CA GLY A 82 15.16 -25.95 -0.82
C GLY A 82 16.59 -25.83 -0.42
N PHE A 83 17.32 -26.89 -0.57
CA PHE A 83 18.71 -26.90 -0.16
C PHE A 83 19.55 -27.41 -1.32
N THR A 84 20.42 -26.55 -1.83
CA THR A 84 21.21 -26.82 -3.02
C THR A 84 22.69 -26.69 -2.68
N THR A 85 23.47 -27.70 -3.04
CA THR A 85 24.89 -27.69 -2.75
C THR A 85 25.62 -26.77 -3.71
N GLU A 86 26.62 -26.05 -3.18
CA GLU A 86 27.38 -25.10 -3.98
C GLU A 86 28.04 -25.79 -5.16
N MET A 87 27.68 -25.35 -6.37
CA MET A 87 28.31 -25.88 -7.61
C MET A 87 28.80 -27.30 -7.40
N GLY A 96 32.55 -34.20 -5.76
CA GLY A 96 31.98 -33.35 -4.73
C GLY A 96 31.32 -34.16 -3.63
N GLU A 97 31.74 -35.41 -3.49
CA GLU A 97 31.14 -36.25 -2.46
C GLU A 97 31.56 -35.80 -1.07
N LYS A 98 32.77 -35.25 -0.95
CA LYS A 98 33.24 -34.74 0.37
C LYS A 98 32.43 -33.48 0.71
N LYS A 99 32.22 -32.60 -0.27
CA LYS A 99 31.41 -31.43 -0.07
C LYS A 99 29.97 -31.81 0.27
N LEU A 100 29.45 -32.87 -0.34
CA LEU A 100 28.11 -33.34 0.01
C LEU A 100 28.09 -33.91 1.42
N TYR A 101 29.16 -34.60 1.83
CA TYR A 101 29.34 -35.01 3.22
C TYR A 101 29.23 -33.81 4.16
N ARG A 102 29.99 -32.75 3.85
CA ARG A 102 29.98 -31.54 4.66
C ARG A 102 28.58 -30.93 4.73
N ALA A 103 27.90 -30.84 3.58
CA ALA A 103 26.58 -30.24 3.54
C ALA A 103 25.58 -31.07 4.33
N ILE A 104 25.64 -32.40 4.21
CA ILE A 104 24.76 -33.26 4.98
C ILE A 104 24.95 -33.02 6.47
N LEU A 105 26.20 -33.05 6.92
CA LEU A 105 26.47 -32.83 8.33
C LEU A 105 25.93 -31.48 8.79
N GLU A 106 26.29 -30.41 8.08
CA GLU A 106 25.92 -29.06 8.52
C GLU A 106 24.42 -28.86 8.53
N LEU A 107 23.74 -29.29 7.47
CA LEU A 107 22.28 -29.13 7.40
C LEU A 107 21.59 -29.95 8.47
N ALA A 108 22.16 -31.10 8.83
CA ALA A 108 21.58 -31.89 9.91
C ALA A 108 21.74 -31.20 11.26
N GLU A 109 22.93 -30.63 11.52
CA GLU A 109 23.15 -29.97 12.79
C GLU A 109 22.34 -28.69 12.92
N ARG A 110 22.20 -27.93 11.83
CA ARG A 110 21.51 -26.66 11.90
C ARG A 110 20.00 -26.85 12.06
N TYR A 111 19.40 -27.71 11.25
CA TYR A 111 17.96 -27.90 11.24
C TYR A 111 17.53 -29.12 12.04
N GLU A 112 18.30 -29.50 13.05
CA GLU A 112 17.91 -30.59 13.94
C GLU A 112 16.70 -30.18 14.77
N GLY A 113 15.83 -31.16 15.03
CA GLY A 113 14.59 -30.92 15.74
C GLY A 113 13.44 -30.46 14.88
N GLN A 114 13.72 -29.95 13.68
CA GLN A 114 12.70 -29.55 12.73
C GLN A 114 12.66 -30.45 11.52
N ALA A 115 13.64 -31.33 11.37
CA ALA A 115 13.72 -32.26 10.26
C ALA A 115 13.71 -33.68 10.80
N LYS A 116 12.96 -34.56 10.13
CA LYS A 116 12.90 -35.96 10.52
C LYS A 116 13.68 -36.86 9.58
N ALA A 117 14.05 -36.37 8.40
CA ALA A 117 14.83 -37.14 7.44
C ALA A 117 15.50 -36.16 6.48
N MET A 118 16.31 -36.70 5.57
CA MET A 118 16.97 -35.90 4.55
C MET A 118 17.03 -36.69 3.25
N PHE A 119 16.52 -36.11 2.17
CA PHE A 119 16.59 -36.70 0.84
C PHE A 119 17.74 -36.08 0.07
N VAL A 120 18.61 -36.92 -0.48
CA VAL A 120 19.72 -36.48 -1.30
C VAL A 120 19.40 -36.86 -2.74
N TYR A 121 18.96 -35.89 -3.53
CA TYR A 121 18.63 -36.12 -4.93
C TYR A 121 19.85 -35.87 -5.81
N ALA A 122 20.12 -36.82 -6.70
CA ALA A 122 21.10 -36.61 -7.76
C ALA A 122 20.40 -35.96 -8.95
N THR A 123 21.13 -35.02 -9.58
CA THR A 123 20.58 -34.27 -10.73
C THR A 123 21.33 -34.62 -11.99
N CYS A 124 20.77 -34.27 -13.18
CA CYS A 124 21.40 -34.50 -14.52
C CYS A 124 22.90 -34.15 -14.42
N VAL A 125 23.23 -32.98 -13.84
CA VAL A 125 24.65 -32.52 -13.77
C VAL A 125 25.48 -33.50 -12.93
N THR A 126 25.03 -33.81 -11.72
CA THR A 126 25.82 -34.65 -10.84
C THR A 126 25.92 -36.07 -11.36
N ALA A 127 24.84 -36.61 -11.92
CA ALA A 127 24.90 -37.96 -12.48
C ALA A 127 25.96 -38.05 -13.56
N MET A 128 26.17 -36.92 -14.24
CA MET A 128 27.28 -36.86 -15.23
C MET A 128 28.60 -36.83 -14.46
N THR A 129 28.65 -36.13 -13.32
CA THR A 129 29.86 -36.17 -12.52
C THR A 129 30.15 -37.58 -12.00
N GLY A 130 29.11 -38.37 -11.74
CA GLY A 130 29.28 -39.75 -11.34
C GLY A 130 29.49 -40.00 -9.87
N ASP A 131 29.41 -38.95 -9.04
CA ASP A 131 29.55 -39.14 -7.60
C ASP A 131 28.44 -40.02 -7.08
N ASP A 132 28.81 -41.16 -6.47
CA ASP A 132 27.84 -42.14 -6.01
C ASP A 132 27.18 -41.65 -4.72
N VAL A 133 25.90 -41.30 -4.80
CA VAL A 133 25.21 -40.80 -3.62
C VAL A 133 25.00 -41.91 -2.60
N GLU A 134 24.97 -43.17 -3.04
CA GLU A 134 24.91 -44.28 -2.10
C GLU A 134 26.15 -44.31 -1.22
N ALA A 135 27.32 -44.04 -1.82
CA ALA A 135 28.56 -44.04 -1.06
C ALA A 135 28.55 -42.98 0.04
N VAL A 136 28.09 -41.77 -0.29
CA VAL A 136 28.06 -40.74 0.74
C VAL A 136 26.98 -41.02 1.77
N CYS A 137 25.86 -41.61 1.35
CA CYS A 137 24.86 -42.01 2.34
C CYS A 137 25.45 -43.01 3.34
N ALA A 138 26.16 -44.01 2.84
CA ALA A 138 26.76 -44.99 3.73
C ALA A 138 27.85 -44.35 4.59
N ALA A 139 28.64 -43.45 4.02
CA ALA A 139 29.75 -42.83 4.73
C ALA A 139 29.33 -41.68 5.64
N ALA A 140 28.06 -41.26 5.60
CA ALA A 140 27.61 -40.14 6.39
C ALA A 140 26.46 -40.47 7.35
N GLY A 141 25.69 -41.52 7.10
CA GLY A 141 24.55 -41.82 7.95
C GLY A 141 24.92 -42.22 9.35
N LYS A 142 26.07 -42.89 9.51
CA LYS A 142 26.49 -43.33 10.83
C LYS A 142 26.90 -42.17 11.75
N LYS A 143 27.00 -40.95 11.22
CA LYS A 143 27.38 -39.79 12.01
C LYS A 143 26.16 -39.04 12.52
N VAL A 144 25.29 -38.61 11.61
CA VAL A 144 24.00 -38.01 11.97
C VAL A 144 22.91 -39.03 11.66
N ALA A 145 22.08 -39.32 12.64
CA ALA A 145 21.15 -40.43 12.57
C ALA A 145 19.77 -40.06 12.03
N ILE A 146 19.53 -38.80 11.70
CA ILE A 146 18.26 -38.48 11.03
C ILE A 146 18.32 -39.17 9.67
N PRO A 147 17.35 -40.03 9.36
CA PRO A 147 17.50 -40.94 8.22
C PRO A 147 17.75 -40.21 6.90
N LEU A 148 18.80 -40.64 6.20
CA LEU A 148 19.15 -40.09 4.89
C LEU A 148 18.75 -41.11 3.83
N ILE A 149 17.96 -40.67 2.87
CA ILE A 149 17.44 -41.53 1.81
C ILE A 149 18.10 -41.12 0.50
N PRO A 150 18.82 -42.02 -0.16
CA PRO A 150 19.43 -41.67 -1.45
C PRO A 150 18.48 -41.89 -2.62
N VAL A 151 18.33 -40.86 -3.45
CA VAL A 151 17.55 -40.94 -4.68
C VAL A 151 18.55 -40.88 -5.83
N ASN A 152 18.90 -42.04 -6.39
CA ASN A 152 19.90 -42.11 -7.45
C ASN A 152 19.26 -42.52 -8.77
N THR A 153 20.04 -42.38 -9.85
CA THR A 153 19.57 -42.79 -11.17
C THR A 153 19.31 -44.27 -11.27
N PRO A 154 20.22 -45.17 -10.87
CA PRO A 154 19.88 -46.59 -11.00
C PRO A 154 18.79 -46.99 -10.01
N ILE A 162 9.05 -43.53 -17.30
CA ILE A 162 8.27 -43.40 -16.07
C ILE A 162 9.16 -43.03 -14.90
N GLY A 163 9.22 -41.73 -14.60
CA GLY A 163 9.97 -41.28 -13.44
C GLY A 163 9.37 -41.71 -12.12
N ASN A 164 8.10 -42.12 -12.13
CA ASN A 164 7.44 -42.54 -10.90
C ASN A 164 7.84 -43.94 -10.46
N ARG A 165 8.56 -44.68 -11.29
CA ARG A 165 9.19 -45.90 -10.79
C ARG A 165 10.10 -45.54 -9.64
N LEU A 166 11.18 -44.82 -9.94
CA LEU A 166 12.21 -44.43 -8.98
C LEU A 166 11.61 -43.98 -7.66
N ALA A 167 10.54 -43.18 -7.73
CA ALA A 167 9.89 -42.71 -6.52
C ALA A 167 9.33 -43.88 -5.71
N GLY A 168 8.52 -44.71 -6.35
CA GLY A 168 7.95 -45.85 -5.65
C GLY A 168 9.00 -46.80 -5.13
N GLU A 169 10.07 -46.98 -5.89
CA GLU A 169 11.10 -47.93 -5.47
C GLU A 169 11.88 -47.42 -4.27
N VAL A 170 12.32 -46.16 -4.29
CA VAL A 170 13.01 -45.65 -3.11
C VAL A 170 12.06 -45.63 -1.91
N LEU A 171 10.78 -45.32 -2.15
CA LEU A 171 9.82 -45.24 -1.06
C LEU A 171 9.63 -46.60 -0.38
N PHE A 172 9.49 -47.66 -1.18
CA PHE A 172 9.38 -48.99 -0.58
C PHE A 172 10.71 -49.41 0.06
N LYS A 173 11.81 -49.31 -0.69
CA LYS A 173 13.08 -49.86 -0.22
C LYS A 173 13.54 -49.20 1.07
N HIS A 174 13.22 -47.92 1.28
CA HIS A 174 13.81 -47.19 2.39
C HIS A 174 12.81 -46.58 3.37
N VAL A 175 11.62 -46.19 2.92
CA VAL A 175 10.71 -45.40 3.74
C VAL A 175 9.60 -46.26 4.34
N ILE A 176 8.97 -47.10 3.53
CA ILE A 176 7.79 -47.84 3.96
C ILE A 176 8.20 -49.03 4.81
N GLY A 177 7.58 -49.18 5.97
CA GLY A 177 7.80 -50.33 6.82
C GLY A 177 8.78 -50.12 7.96
N THR A 178 9.22 -48.89 8.19
CA THR A 178 10.20 -48.60 9.22
C THR A 178 9.58 -48.29 10.57
N ALA A 179 8.26 -48.22 10.66
CA ALA A 179 7.62 -47.91 11.94
C ALA A 179 6.19 -48.44 11.95
N GLU A 180 5.87 -49.22 12.97
CA GLU A 180 4.49 -49.64 13.19
C GLU A 180 3.64 -48.42 13.54
N PRO A 181 2.43 -48.30 12.99
CA PRO A 181 1.64 -47.09 13.23
C PRO A 181 1.22 -46.99 14.67
N PRO A 182 1.12 -45.78 15.22
CA PRO A 182 0.67 -45.61 16.61
C PRO A 182 -0.78 -46.01 16.80
N VAL A 183 -1.68 -45.50 15.95
CA VAL A 183 -3.09 -45.83 16.01
C VAL A 183 -3.48 -46.42 14.66
N LEU A 184 -3.83 -47.70 14.65
CA LEU A 184 -4.24 -48.41 13.44
C LEU A 184 -5.68 -48.86 13.64
N GLY A 185 -6.62 -48.14 13.04
CA GLY A 185 -8.02 -48.47 13.20
C GLY A 185 -8.41 -49.71 12.40
N GLU A 186 -9.71 -49.96 12.36
CA GLU A 186 -10.25 -51.06 11.59
C GLU A 186 -10.45 -50.71 10.13
N TYR A 187 -10.26 -49.46 9.74
CA TYR A 187 -10.36 -49.03 8.34
C TYR A 187 -9.28 -48.02 7.99
N PRO A 188 -8.00 -48.42 8.01
CA PRO A 188 -7.00 -47.59 7.33
C PRO A 188 -6.86 -47.84 5.84
N ILE A 189 -6.71 -46.73 5.11
CA ILE A 189 -6.51 -46.71 3.68
C ILE A 189 -5.31 -45.82 3.38
N ASN A 190 -4.64 -46.11 2.27
CA ASN A 190 -3.53 -45.28 1.81
C ASN A 190 -3.92 -44.62 0.50
N LEU A 191 -3.93 -43.30 0.49
CA LEU A 191 -4.20 -42.53 -0.72
C LEU A 191 -2.87 -42.23 -1.42
N ILE A 192 -2.70 -42.79 -2.62
CA ILE A 192 -1.47 -42.67 -3.38
C ILE A 192 -1.72 -41.70 -4.53
N GLY A 193 -0.96 -40.62 -4.57
CA GLY A 193 -1.05 -39.65 -5.65
C GLY A 193 -1.83 -38.39 -5.34
N GLU A 194 -2.22 -38.18 -4.08
CA GLU A 194 -2.92 -36.95 -3.72
C GLU A 194 -1.90 -35.88 -3.38
N TYR A 195 -1.88 -34.82 -4.18
CA TYR A 195 -0.91 -33.74 -4.02
C TYR A 195 -1.44 -32.60 -3.18
N ASN A 196 -2.63 -32.75 -2.61
CA ASN A 196 -3.28 -31.74 -1.78
C ASN A 196 -3.23 -30.37 -2.44
N ILE A 197 -3.50 -30.34 -3.74
CA ILE A 197 -3.44 -29.11 -4.51
C ILE A 197 -4.57 -28.20 -4.05
N ALA A 198 -4.23 -27.16 -3.29
CA ALA A 198 -5.19 -26.19 -2.77
C ALA A 198 -6.24 -26.85 -1.90
N GLY A 199 -5.91 -27.99 -1.30
CA GLY A 199 -6.81 -28.63 -0.36
C GLY A 199 -7.84 -29.56 -0.96
N ASP A 200 -7.54 -30.22 -2.08
CA ASP A 200 -8.48 -31.17 -2.63
C ASP A 200 -8.62 -32.39 -1.73
N LEU A 201 -7.52 -32.82 -1.11
CA LEU A 201 -7.60 -33.85 -0.06
C LEU A 201 -8.33 -33.34 1.17
N TRP A 202 -8.27 -32.03 1.42
CA TRP A 202 -8.90 -31.47 2.60
C TRP A 202 -10.42 -31.51 2.51
N GLY A 203 -10.96 -31.48 1.29
CA GLY A 203 -12.40 -31.63 1.11
C GLY A 203 -12.89 -33.05 1.22
N MET A 204 -11.99 -34.03 1.11
CA MET A 204 -12.36 -35.43 1.23
C MET A 204 -12.09 -36.00 2.62
N LEU A 205 -11.16 -35.40 3.36
CA LEU A 205 -10.84 -35.92 4.70
C LEU A 205 -12.04 -35.94 5.65
N PRO A 206 -12.87 -34.89 5.74
CA PRO A 206 -14.05 -35.01 6.63
C PRO A 206 -14.99 -36.12 6.25
N LEU A 207 -15.16 -36.39 4.96
CA LEU A 207 -16.03 -37.48 4.54
C LEU A 207 -15.49 -38.82 5.02
N PHE A 208 -14.18 -39.04 4.85
CA PHE A 208 -13.57 -40.28 5.31
C PHE A 208 -13.61 -40.39 6.83
N GLU A 209 -13.48 -39.27 7.53
CA GLU A 209 -13.61 -39.28 8.99
C GLU A 209 -15.02 -39.65 9.42
N ARG A 210 -16.04 -39.11 8.75
CA ARG A 210 -17.42 -39.44 9.10
C ARG A 210 -17.72 -40.89 8.78
N LEU A 211 -17.15 -41.41 7.69
CA LEU A 211 -17.35 -42.80 7.32
C LEU A 211 -16.69 -43.77 8.29
N GLY A 212 -15.75 -43.29 9.11
CA GLY A 212 -15.02 -44.17 9.99
C GLY A 212 -13.77 -44.79 9.38
N ILE A 213 -13.27 -44.24 8.30
CA ILE A 213 -12.09 -44.75 7.61
C ILE A 213 -10.90 -43.88 7.95
N GLN A 214 -9.75 -44.51 8.17
CA GLN A 214 -8.54 -43.81 8.59
C GLN A 214 -7.59 -43.66 7.41
N VAL A 215 -7.14 -42.43 7.16
CA VAL A 215 -6.15 -42.16 6.11
C VAL A 215 -4.78 -42.30 6.77
N LEU A 216 -4.23 -43.50 6.69
CA LEU A 216 -2.95 -43.74 7.36
C LEU A 216 -1.81 -43.02 6.65
N SER A 217 -1.86 -42.95 5.32
CA SER A 217 -0.79 -42.31 4.57
C SER A 217 -1.36 -41.63 3.35
N CYS A 218 -1.04 -40.35 3.18
CA CYS A 218 -1.35 -39.59 1.98
C CYS A 218 -0.03 -39.29 1.29
N PHE A 219 0.23 -39.95 0.17
CA PHE A 219 1.49 -39.78 -0.53
C PHE A 219 1.48 -38.47 -1.30
N SER A 220 2.44 -37.61 -1.01
CA SER A 220 2.69 -36.33 -1.68
C SER A 220 1.66 -35.26 -1.35
N GLY A 221 0.83 -35.44 -0.33
CA GLY A 221 -0.08 -34.40 0.10
C GLY A 221 0.46 -33.64 1.29
N ASP A 222 -0.36 -33.44 2.31
CA ASP A 222 0.18 -33.00 3.60
C ASP A 222 0.89 -34.18 4.23
N ALA A 223 1.98 -34.60 3.62
CA ALA A 223 2.62 -35.88 3.91
C ALA A 223 3.76 -35.65 4.90
N THR A 224 3.56 -36.10 6.14
CA THR A 224 4.65 -36.16 7.09
C THR A 224 5.37 -37.49 6.93
N PHE A 225 6.69 -37.45 7.10
CA PHE A 225 7.51 -38.65 6.90
C PHE A 225 7.05 -39.79 7.80
N GLU A 226 6.71 -39.48 9.05
CA GLU A 226 6.22 -40.51 9.96
C GLU A 226 4.93 -41.13 9.43
N GLU A 227 4.04 -40.32 8.88
CA GLU A 227 2.82 -40.85 8.30
C GLU A 227 3.12 -41.80 7.15
N LEU A 228 4.15 -41.48 6.35
CA LEU A 228 4.50 -42.33 5.24
C LEU A 228 5.13 -43.65 5.69
N ARG A 229 5.83 -43.64 6.82
CA ARG A 229 6.47 -44.87 7.27
C ARG A 229 5.48 -45.91 7.80
N TYR A 230 4.18 -45.63 7.81
CA TYR A 230 3.20 -46.54 8.37
C TYR A 230 2.45 -47.36 7.33
N ALA A 231 2.66 -47.12 6.04
CA ALA A 231 1.84 -47.72 5.00
C ALA A 231 1.90 -49.24 4.98
N HIS A 232 2.73 -49.86 5.81
CA HIS A 232 2.86 -51.31 5.79
C HIS A 232 1.61 -51.99 6.38
N ARG A 233 0.94 -51.34 7.32
CA ARG A 233 -0.30 -51.86 7.89
C ARG A 233 -1.48 -51.05 7.36
N ALA A 234 -2.11 -51.55 6.31
CA ALA A 234 -3.37 -51.01 5.82
C ALA A 234 -4.04 -52.11 5.01
N LYS A 235 -5.28 -51.85 4.61
CA LYS A 235 -6.02 -52.83 3.82
C LYS A 235 -6.29 -52.42 2.39
N LEU A 236 -6.41 -51.13 2.09
CA LEU A 236 -6.74 -50.70 0.74
C LEU A 236 -5.82 -49.56 0.30
N ASN A 237 -5.20 -49.73 -0.86
CA ASN A 237 -4.53 -48.66 -1.56
C ASN A 237 -5.50 -48.06 -2.57
N ILE A 238 -5.65 -46.73 -2.54
CA ILE A 238 -6.46 -46.03 -3.52
C ILE A 238 -5.54 -45.12 -4.29
N ILE A 239 -5.43 -45.37 -5.59
CA ILE A 239 -4.61 -44.55 -6.48
C ILE A 239 -5.50 -43.45 -7.03
N ILE A 240 -5.24 -42.21 -6.61
CA ILE A 240 -6.06 -41.06 -7.01
C ILE A 240 -5.37 -40.48 -8.25
N CYS A 241 -5.74 -41.04 -9.41
CA CYS A 241 -4.93 -40.92 -10.61
C CYS A 241 -3.45 -41.02 -10.29
N SER A 242 -2.64 -40.13 -10.88
CA SER A 242 -1.19 -40.19 -10.70
C SER A 242 -0.70 -41.63 -10.90
N LYS A 243 -1.17 -42.23 -11.99
CA LYS A 243 -1.17 -43.69 -12.11
C LYS A 243 0.23 -44.26 -11.98
N SER A 244 1.23 -43.59 -12.56
CA SER A 244 2.55 -44.16 -12.77
C SER A 244 3.17 -44.73 -11.50
N LEU A 245 2.55 -44.50 -10.34
CA LEU A 245 2.86 -45.24 -9.13
C LEU A 245 2.10 -46.57 -9.05
N THR A 246 1.47 -46.99 -10.16
CA THR A 246 0.85 -48.30 -10.18
C THR A 246 1.86 -49.39 -9.90
N ASN A 247 3.12 -49.19 -10.26
CA ASN A 247 4.15 -50.18 -9.94
C ASN A 247 4.30 -50.32 -8.43
N LEU A 248 4.28 -49.20 -7.71
CA LEU A 248 4.32 -49.25 -6.25
C LEU A 248 3.07 -49.91 -5.70
N ALA A 249 1.91 -49.66 -6.31
CA ALA A 249 0.69 -50.31 -5.86
C ALA A 249 0.75 -51.82 -6.06
N ARG A 250 1.28 -52.26 -7.21
CA ARG A 250 1.42 -53.69 -7.48
C ARG A 250 2.45 -54.33 -6.58
N LYS A 251 3.50 -53.59 -6.23
CA LYS A 251 4.60 -54.14 -5.46
C LYS A 251 4.31 -54.19 -3.98
N MET A 252 3.57 -53.23 -3.44
CA MET A 252 3.02 -53.38 -2.11
C MET A 252 1.97 -54.47 -2.07
N GLN A 253 1.33 -54.75 -3.22
CA GLN A 253 0.32 -55.80 -3.28
C GLN A 253 0.93 -57.18 -3.07
N LYS A 254 2.05 -57.46 -3.75
CA LYS A 254 2.68 -58.76 -3.59
C LYS A 254 3.20 -58.95 -2.17
N ASN A 255 4.00 -58.00 -1.69
CA ASN A 255 4.72 -58.20 -0.44
C ASN A 255 3.79 -58.09 0.77
N TYR A 256 2.87 -57.11 0.74
CA TYR A 256 2.09 -56.77 1.92
C TYR A 256 0.61 -57.11 1.78
N GLY A 257 0.20 -57.68 0.65
CA GLY A 257 -1.17 -58.15 0.46
C GLY A 257 -2.22 -57.08 0.57
N MET A 258 -2.11 -56.03 -0.24
CA MET A 258 -2.98 -54.85 -0.12
C MET A 258 -3.62 -54.53 -1.46
N PRO A 259 -4.92 -54.78 -1.63
CA PRO A 259 -5.57 -54.51 -2.92
C PRO A 259 -5.52 -53.03 -3.29
N TYR A 260 -5.34 -52.78 -4.58
CA TYR A 260 -5.25 -51.43 -5.12
C TYR A 260 -6.46 -51.12 -6.00
N LEU A 261 -6.98 -49.91 -5.83
CA LEU A 261 -8.18 -49.45 -6.50
C LEU A 261 -7.88 -48.09 -7.11
N GLU A 262 -8.01 -47.99 -8.43
CA GLU A 262 -7.75 -46.74 -9.15
C GLU A 262 -8.99 -45.88 -9.22
N GLU A 263 -9.08 -44.89 -8.35
CA GLU A 263 -10.29 -44.09 -8.29
C GLU A 263 -10.03 -42.61 -8.57
N SER A 264 -11.08 -41.93 -9.00
CA SER A 264 -11.08 -40.49 -9.21
C SER A 264 -12.13 -39.87 -8.30
N PHE A 265 -11.77 -38.77 -7.63
CA PHE A 265 -12.64 -38.11 -6.66
C PHE A 265 -13.14 -36.76 -7.17
N TYR A 266 -13.29 -36.62 -8.48
CA TYR A 266 -13.67 -35.34 -9.09
C TYR A 266 -15.04 -35.50 -9.74
N GLY A 267 -16.09 -35.04 -9.05
CA GLY A 267 -17.44 -35.13 -9.55
C GLY A 267 -18.32 -36.01 -8.69
N MET A 268 -19.64 -35.76 -8.71
CA MET A 268 -20.56 -36.56 -7.91
C MET A 268 -20.52 -38.03 -8.30
N THR A 269 -20.58 -38.31 -9.60
CA THR A 269 -20.68 -39.69 -10.06
C THR A 269 -19.40 -40.46 -9.77
N ASP A 270 -18.25 -39.87 -10.06
CA ASP A 270 -16.99 -40.56 -9.81
C ASP A 270 -16.72 -40.72 -8.32
N THR A 271 -17.08 -39.72 -7.52
CA THR A 271 -16.99 -39.87 -6.07
C THR A 271 -17.90 -41.00 -5.59
N ALA A 272 -19.08 -41.12 -6.20
CA ALA A 272 -19.99 -42.20 -5.82
C ALA A 272 -19.40 -43.56 -6.13
N LYS A 273 -18.86 -43.73 -7.34
CA LYS A 273 -18.23 -44.99 -7.69
C LYS A 273 -17.05 -45.29 -6.78
N ALA A 274 -16.25 -44.26 -6.47
CA ALA A 274 -15.11 -44.45 -5.60
C ALA A 274 -15.53 -44.93 -4.23
N LEU A 275 -16.52 -44.26 -3.63
CA LEU A 275 -16.95 -44.63 -2.28
C LEU A 275 -17.60 -46.00 -2.26
N ARG A 276 -18.37 -46.34 -3.30
CA ARG A 276 -18.98 -47.66 -3.36
C ARG A 276 -17.92 -48.75 -3.44
N ASP A 277 -16.95 -48.59 -4.33
CA ASP A 277 -15.89 -49.58 -4.48
C ASP A 277 -15.06 -49.70 -3.21
N ILE A 278 -14.75 -48.56 -2.58
CA ILE A 278 -13.97 -48.57 -1.35
C ILE A 278 -14.71 -49.31 -0.25
N ALA A 279 -16.01 -49.02 -0.10
CA ALA A 279 -16.81 -49.71 0.91
C ALA A 279 -16.84 -51.20 0.64
N ARG A 280 -16.99 -51.59 -0.62
CA ARG A 280 -17.01 -53.00 -0.97
C ARG A 280 -15.72 -53.70 -0.57
N GLU A 281 -14.58 -53.15 -0.98
CA GLU A 281 -13.31 -53.83 -0.73
C GLU A 281 -12.95 -53.84 0.75
N LEU A 282 -13.24 -52.75 1.47
CA LEU A 282 -12.99 -52.76 2.90
C LEU A 282 -13.99 -53.62 3.66
N ASP A 283 -15.17 -53.87 3.09
CA ASP A 283 -16.08 -54.83 3.68
C ASP A 283 -15.56 -56.25 3.50
N ASP A 284 -14.95 -56.53 2.35
CA ASP A 284 -14.26 -57.81 2.19
C ASP A 284 -13.17 -57.96 3.24
N ALA A 285 -12.30 -56.94 3.35
CA ALA A 285 -11.14 -57.06 4.24
C ALA A 285 -11.55 -57.12 5.71
N VAL A 286 -12.47 -56.25 6.13
CA VAL A 286 -12.91 -56.14 7.51
C VAL A 286 -14.32 -56.69 7.59
N GLY A 287 -14.50 -57.74 8.40
CA GLY A 287 -15.76 -58.43 8.33
C GLY A 287 -15.89 -59.13 6.99
N GLY A 288 -17.12 -59.18 6.48
CA GLY A 288 -17.39 -59.78 5.20
C GLY A 288 -18.38 -58.97 4.40
N LEU A 289 -18.50 -59.30 3.12
CA LEU A 289 -19.55 -58.58 2.37
C LEU A 289 -20.78 -58.78 3.23
N GLU A 290 -20.91 -60.02 3.71
CA GLU A 290 -22.02 -60.30 4.64
C GLU A 290 -21.88 -59.35 5.80
N LYS A 291 -22.98 -59.07 6.46
CA LYS A 291 -22.88 -58.04 7.50
C LYS A 291 -22.10 -56.82 7.02
N ARG A 292 -22.44 -56.37 5.81
CA ARG A 292 -21.84 -55.15 5.28
C ARG A 292 -22.21 -53.97 6.16
N ILE A 293 -21.20 -53.36 6.76
CA ILE A 293 -21.38 -52.13 7.51
C ILE A 293 -20.98 -50.91 6.68
N MET A 294 -19.86 -51.02 5.96
CA MET A 294 -19.37 -49.89 5.19
C MET A 294 -20.28 -49.58 4.01
N GLN A 295 -20.86 -50.60 3.38
CA GLN A 295 -21.78 -50.33 2.30
C GLN A 295 -22.99 -49.53 2.78
N ASP A 296 -23.60 -49.92 3.90
CA ASP A 296 -24.75 -49.17 4.37
C ASP A 296 -24.34 -47.76 4.80
N ARG A 297 -23.20 -47.64 5.47
CA ARG A 297 -22.77 -46.32 5.93
C ARG A 297 -22.47 -45.40 4.75
N VAL A 298 -21.85 -45.92 3.69
CA VAL A 298 -21.58 -45.07 2.52
C VAL A 298 -22.89 -44.72 1.82
N GLU A 299 -23.86 -45.64 1.77
CA GLU A 299 -25.13 -45.28 1.16
C GLU A 299 -25.76 -44.10 1.89
N LYS A 300 -25.76 -44.17 3.23
CA LYS A 300 -26.35 -43.11 4.03
C LYS A 300 -25.65 -41.77 3.78
N LEU A 301 -24.32 -41.76 3.90
CA LEU A 301 -23.57 -40.53 3.70
C LEU A 301 -23.73 -40.00 2.29
N LEU A 302 -23.72 -40.89 1.29
CA LEU A 302 -23.90 -40.46 -0.09
C LEU A 302 -25.21 -39.74 -0.28
N GLU A 303 -26.29 -40.31 0.26
CA GLU A 303 -27.59 -39.68 0.10
C GLU A 303 -27.61 -38.30 0.72
N GLU A 304 -27.18 -38.19 1.98
CA GLU A 304 -27.26 -36.89 2.65
C GLU A 304 -26.39 -35.85 1.96
N GLU A 305 -25.16 -36.22 1.60
CA GLU A 305 -24.24 -35.24 1.02
C GLU A 305 -24.68 -34.84 -0.38
N GLU A 306 -25.20 -35.78 -1.16
CA GLU A 306 -25.71 -35.43 -2.48
C GLU A 306 -26.87 -34.46 -2.38
N ALA A 307 -27.80 -34.70 -1.44
CA ALA A 307 -28.90 -33.77 -1.26
C ALA A 307 -28.39 -32.37 -0.89
N THR A 308 -27.46 -32.31 0.08
CA THR A 308 -26.96 -31.01 0.53
C THR A 308 -26.24 -30.28 -0.60
N CYS A 309 -25.46 -30.98 -1.40
CA CYS A 309 -24.69 -30.31 -2.44
C CYS A 309 -25.58 -29.87 -3.60
N ARG A 310 -26.61 -30.65 -3.95
CA ARG A 310 -27.58 -30.17 -4.92
C ARG A 310 -28.28 -28.91 -4.42
N GLU A 311 -28.65 -28.90 -3.14
CA GLU A 311 -29.32 -27.73 -2.57
C GLU A 311 -28.42 -26.50 -2.60
N ARG A 312 -27.12 -26.69 -2.34
CA ARG A 312 -26.20 -25.56 -2.37
C ARG A 312 -25.87 -25.13 -3.80
N LEU A 313 -25.94 -26.05 -4.76
CA LEU A 313 -25.60 -25.74 -6.14
C LEU A 313 -26.73 -25.08 -6.90
N ALA A 314 -27.98 -25.23 -6.44
CA ALA A 314 -29.11 -24.63 -7.16
C ALA A 314 -28.96 -23.13 -7.45
N PRO A 315 -28.58 -22.27 -6.50
CA PRO A 315 -28.41 -20.85 -6.86
C PRO A 315 -27.40 -20.62 -7.98
N TYR A 316 -26.27 -21.31 -7.91
CA TYR A 316 -25.26 -21.22 -8.95
C TYR A 316 -25.72 -21.87 -10.24
N ARG A 317 -26.60 -22.88 -10.16
CA ARG A 317 -27.20 -23.43 -11.36
C ARG A 317 -28.05 -22.37 -12.06
N ALA A 318 -28.84 -21.62 -11.30
CA ALA A 318 -29.67 -20.58 -11.91
C ALA A 318 -28.81 -19.54 -12.61
N ARG A 319 -27.72 -19.11 -11.98
CA ARG A 319 -26.91 -18.09 -12.64
C ARG A 319 -26.09 -18.61 -13.83
N LEU A 320 -25.84 -19.91 -13.91
CA LEU A 320 -24.98 -20.49 -14.94
C LEU A 320 -25.75 -21.38 -15.90
N GLU A 321 -26.96 -20.97 -16.29
CA GLU A 321 -27.77 -21.76 -17.21
C GLU A 321 -27.67 -21.19 -18.62
N GLY A 322 -27.48 -22.08 -19.59
CA GLY A 322 -27.44 -21.70 -20.97
C GLY A 322 -26.13 -21.12 -21.45
N LYS A 323 -25.13 -21.00 -20.58
CA LYS A 323 -23.84 -20.47 -21.00
C LYS A 323 -23.09 -21.52 -21.82
N ARG A 324 -22.27 -21.03 -22.75
CA ARG A 324 -21.55 -21.89 -23.67
C ARG A 324 -20.07 -21.88 -23.35
N SER A 325 -19.47 -23.06 -23.31
CA SER A 325 -18.08 -23.23 -22.95
C SER A 325 -17.35 -24.00 -24.03
N VAL A 326 -16.05 -23.76 -24.12
CA VAL A 326 -15.17 -24.45 -25.03
C VAL A 326 -14.08 -25.11 -24.20
N LEU A 327 -13.94 -26.42 -24.34
CA LEU A 327 -12.91 -27.18 -23.63
C LEU A 327 -11.77 -27.49 -24.59
N PHE A 328 -10.61 -26.93 -24.31
CA PHE A 328 -9.46 -27.02 -25.22
C PHE A 328 -8.38 -27.93 -24.66
N LYS A 333 -9.49 -34.76 -14.55
CA LYS A 333 -9.39 -35.46 -15.85
C LYS A 333 -10.33 -34.78 -16.86
N THR A 334 -10.10 -34.99 -18.15
CA THR A 334 -10.94 -34.37 -19.17
C THR A 334 -12.41 -34.71 -18.96
N TRP A 335 -12.73 -35.97 -18.69
CA TRP A 335 -14.12 -36.37 -18.54
C TRP A 335 -14.74 -35.71 -17.31
N SER A 336 -14.06 -35.78 -16.16
CA SER A 336 -14.61 -35.29 -14.91
C SER A 336 -15.05 -33.83 -15.03
N MET A 337 -14.17 -32.97 -15.53
CA MET A 337 -14.54 -31.57 -15.71
C MET A 337 -15.68 -31.42 -16.70
N VAL A 338 -15.67 -32.23 -17.76
CA VAL A 338 -16.79 -32.23 -18.71
C VAL A 338 -18.11 -32.42 -17.96
N ASN A 339 -18.26 -33.57 -17.29
CA ASN A 339 -19.55 -33.84 -16.68
C ASN A 339 -19.89 -32.84 -15.58
N ALA A 340 -18.90 -32.35 -14.83
CA ALA A 340 -19.21 -31.32 -13.84
C ALA A 340 -19.84 -30.10 -14.52
N LEU A 341 -19.24 -29.67 -15.64
CA LEU A 341 -19.79 -28.53 -16.37
C LEU A 341 -21.18 -28.84 -16.90
N ARG A 342 -21.40 -30.06 -17.39
CA ARG A 342 -22.72 -30.43 -17.90
C ARG A 342 -23.76 -30.45 -16.78
N GLU A 343 -23.38 -30.92 -15.59
CA GLU A 343 -24.26 -30.85 -14.43
C GLU A 343 -24.67 -29.42 -14.15
N LEU A 344 -23.70 -28.51 -14.17
CA LEU A 344 -24.05 -27.12 -13.90
C LEU A 344 -24.85 -26.48 -15.03
N GLY A 345 -25.19 -27.22 -16.07
CA GLY A 345 -26.02 -26.69 -17.14
C GLY A 345 -25.29 -25.91 -18.20
N VAL A 346 -23.99 -26.07 -18.30
CA VAL A 346 -23.17 -25.37 -19.28
C VAL A 346 -23.01 -26.26 -20.50
N GLU A 347 -23.40 -25.76 -21.66
CA GLU A 347 -23.28 -26.51 -22.90
C GLU A 347 -21.87 -26.39 -23.44
N ILE A 348 -21.23 -27.53 -23.69
CA ILE A 348 -19.87 -27.57 -24.21
C ILE A 348 -19.95 -27.65 -25.73
N LEU A 349 -19.50 -26.59 -26.41
CA LEU A 349 -19.52 -26.58 -27.87
C LEU A 349 -18.50 -27.54 -28.45
N ALA A 350 -17.30 -27.58 -27.87
CA ALA A 350 -16.26 -28.48 -28.35
C ALA A 350 -15.31 -28.84 -27.22
N LEU A 383 -7.48 -18.03 -33.85
CA LEU A 383 -8.81 -18.59 -33.69
C LEU A 383 -9.77 -17.56 -33.10
N LEU A 384 -9.56 -16.29 -33.45
CA LEU A 384 -10.43 -15.23 -32.97
C LEU A 384 -11.78 -15.22 -33.69
N GLN A 385 -11.76 -15.41 -35.01
CA GLN A 385 -12.98 -15.37 -35.80
C GLN A 385 -13.86 -16.60 -35.52
N VAL A 386 -13.24 -17.76 -35.33
CA VAL A 386 -14.03 -18.94 -34.99
C VAL A 386 -14.69 -18.75 -33.64
N MET A 387 -14.08 -18.00 -32.74
CA MET A 387 -14.76 -17.66 -31.50
C MET A 387 -15.89 -16.68 -31.75
N TYR A 388 -15.64 -15.71 -32.64
CA TYR A 388 -16.68 -14.74 -32.95
C TYR A 388 -17.95 -15.41 -33.45
N ASP A 389 -17.79 -16.44 -34.30
CA ASP A 389 -18.96 -17.19 -34.76
C ASP A 389 -19.40 -18.26 -33.77
N LYS A 390 -18.53 -18.61 -32.80
CA LYS A 390 -18.92 -19.56 -31.76
C LYS A 390 -19.65 -18.85 -30.64
N MET A 391 -19.39 -17.56 -30.46
CA MET A 391 -19.77 -16.78 -29.29
C MET A 391 -19.63 -17.56 -27.97
N PRO A 392 -18.41 -17.99 -27.63
CA PRO A 392 -18.25 -18.73 -26.37
C PRO A 392 -18.33 -17.80 -25.17
N ASP A 393 -18.92 -18.31 -24.09
CA ASP A 393 -18.98 -17.57 -22.84
C ASP A 393 -17.91 -17.99 -21.85
N LEU A 394 -17.29 -19.14 -22.05
CA LEU A 394 -16.29 -19.63 -21.10
C LEU A 394 -15.29 -20.52 -21.81
N ILE A 395 -14.03 -20.42 -21.42
CA ILE A 395 -12.95 -21.25 -21.96
C ILE A 395 -12.36 -22.03 -20.81
N VAL A 396 -12.54 -23.35 -20.84
CA VAL A 396 -12.12 -24.20 -19.72
C VAL A 396 -10.86 -24.98 -20.08
N ALA A 397 -10.06 -24.48 -21.02
CA ALA A 397 -8.74 -25.04 -21.15
C ALA A 397 -8.01 -24.72 -19.86
N GLY A 398 -7.95 -25.67 -18.95
CA GLY A 398 -7.25 -25.43 -17.71
C GLY A 398 -5.76 -25.38 -17.85
N GLY A 399 -5.27 -25.36 -19.08
CA GLY A 399 -3.85 -25.42 -19.32
C GLY A 399 -3.16 -24.11 -19.06
N LYS A 400 -1.82 -24.19 -19.12
CA LYS A 400 -0.95 -23.04 -18.99
C LYS A 400 -1.00 -22.12 -20.19
N THR A 401 -1.90 -22.41 -21.14
CA THR A 401 -2.29 -21.50 -22.20
C THR A 401 -3.10 -20.33 -21.69
N LYS A 402 -3.13 -20.17 -20.36
CA LYS A 402 -3.92 -19.12 -19.72
C LYS A 402 -3.78 -17.80 -20.45
N PHE A 403 -2.57 -17.24 -20.45
CA PHE A 403 -2.36 -15.85 -20.84
C PHE A 403 -2.97 -15.56 -22.20
N LEU A 404 -2.87 -16.50 -23.14
CA LEU A 404 -3.55 -16.36 -24.42
C LEU A 404 -5.06 -16.26 -24.23
N ALA A 405 -5.63 -17.15 -23.41
CA ALA A 405 -7.07 -17.14 -23.19
C ALA A 405 -7.53 -15.86 -22.51
N LEU A 406 -6.75 -15.39 -21.53
CA LEU A 406 -7.04 -14.12 -20.88
C LEU A 406 -7.05 -12.98 -21.89
N LYS A 407 -6.07 -12.98 -22.79
CA LYS A 407 -6.00 -11.93 -23.80
C LYS A 407 -7.03 -12.09 -24.91
N THR A 408 -7.74 -13.21 -24.97
CA THR A 408 -8.83 -13.35 -25.93
C THR A 408 -10.11 -12.65 -25.46
N LYS A 409 -10.08 -11.94 -24.32
CA LYS A 409 -11.21 -11.14 -23.85
C LYS A 409 -12.43 -12.01 -23.56
N THR A 410 -12.19 -13.21 -23.04
CA THR A 410 -13.27 -14.11 -22.66
C THR A 410 -12.99 -14.69 -21.28
N PRO A 411 -14.04 -15.03 -20.53
CA PRO A 411 -13.83 -15.67 -19.23
C PRO A 411 -13.11 -17.01 -19.38
N PHE A 412 -12.12 -17.22 -18.52
CA PHE A 412 -11.25 -18.39 -18.60
C PHE A 412 -11.18 -19.06 -17.24
N LEU A 413 -11.14 -20.40 -17.24
CA LEU A 413 -11.05 -21.18 -16.03
C LEU A 413 -9.96 -22.23 -16.16
N ASP A 414 -9.28 -22.52 -15.05
CA ASP A 414 -8.08 -23.36 -15.07
C ASP A 414 -8.28 -24.53 -14.13
N ILE A 415 -8.01 -25.75 -14.64
CA ILE A 415 -8.12 -26.96 -13.83
C ILE A 415 -6.82 -27.76 -13.89
N ASN A 416 -5.84 -27.36 -13.09
CA ASN A 416 -4.53 -28.00 -13.21
C ASN A 416 -3.81 -27.82 -11.89
N HIS A 417 -2.49 -28.06 -11.92
CA HIS A 417 -1.68 -27.94 -10.72
C HIS A 417 -1.57 -26.50 -10.22
N GLY A 418 -2.01 -25.53 -11.01
CA GLY A 418 -1.94 -24.13 -10.64
C GLY A 418 -3.20 -23.54 -10.03
N ARG A 419 -4.24 -24.34 -9.82
CA ARG A 419 -5.45 -23.82 -9.20
C ARG A 419 -5.21 -23.53 -7.72
N SER A 420 -5.85 -22.47 -7.23
CA SER A 420 -5.72 -22.05 -5.84
C SER A 420 -7.00 -22.27 -5.05
N HIS A 421 -7.79 -23.28 -5.43
CA HIS A 421 -9.01 -23.61 -4.73
C HIS A 421 -9.26 -25.11 -4.83
N PRO A 422 -9.81 -25.73 -3.78
CA PRO A 422 -10.05 -27.18 -3.84
C PRO A 422 -11.26 -27.50 -4.70
N TYR A 423 -11.10 -28.53 -5.55
CA TYR A 423 -12.17 -28.97 -6.44
C TYR A 423 -12.60 -30.41 -6.19
N ALA A 424 -12.05 -31.08 -5.18
CA ALA A 424 -12.39 -32.47 -4.93
C ALA A 424 -13.51 -32.60 -3.91
N GLY A 425 -14.39 -33.57 -4.14
CA GLY A 425 -15.50 -33.80 -3.24
C GLY A 425 -16.63 -32.81 -3.46
N TYR A 426 -17.65 -32.94 -2.60
CA TYR A 426 -18.83 -32.10 -2.72
C TYR A 426 -18.50 -30.65 -2.42
N GLU A 427 -17.75 -30.40 -1.35
CA GLU A 427 -17.34 -29.03 -1.05
C GLU A 427 -16.41 -28.48 -2.13
N GLY A 428 -15.51 -29.33 -2.65
CA GLY A 428 -14.62 -28.89 -3.70
C GLY A 428 -15.37 -28.48 -4.96
N MET A 429 -16.43 -29.20 -5.29
CA MET A 429 -17.17 -28.82 -6.48
C MET A 429 -18.17 -27.71 -6.24
N VAL A 430 -18.61 -27.50 -5.00
CA VAL A 430 -19.26 -26.25 -4.65
C VAL A 430 -18.32 -25.08 -4.91
N THR A 431 -17.06 -25.23 -4.52
CA THR A 431 -16.04 -24.22 -4.80
C THR A 431 -15.85 -24.05 -6.31
N PHE A 432 -15.86 -25.15 -7.05
CA PHE A 432 -15.75 -25.08 -8.51
C PHE A 432 -16.87 -24.24 -9.10
N ALA A 433 -18.12 -24.50 -8.67
CA ALA A 433 -19.25 -23.73 -9.16
C ALA A 433 -19.14 -22.27 -8.75
N LYS A 434 -18.66 -22.00 -7.54
CA LYS A 434 -18.51 -20.62 -7.08
C LYS A 434 -17.49 -19.88 -7.93
N GLN A 435 -16.36 -20.51 -8.22
CA GLN A 435 -15.34 -19.85 -9.04
C GLN A 435 -15.83 -19.66 -10.48
N LEU A 436 -16.60 -20.62 -10.99
CA LEU A 436 -17.20 -20.47 -12.31
C LEU A 436 -18.13 -19.28 -12.36
N ASP A 437 -19.01 -19.16 -11.36
CA ASP A 437 -19.93 -18.03 -11.30
C ASP A 437 -19.17 -16.71 -11.13
N LEU A 438 -18.07 -16.73 -10.39
CA LEU A 438 -17.25 -15.53 -10.23
C LEU A 438 -16.66 -15.09 -11.57
N THR A 439 -16.05 -16.01 -12.30
CA THR A 439 -15.32 -15.66 -13.50
C THR A 439 -16.21 -15.44 -14.72
N VAL A 440 -17.41 -16.02 -14.74
CA VAL A 440 -18.27 -15.93 -15.91
C VAL A 440 -19.27 -14.79 -15.78
N ASN A 441 -19.81 -14.56 -14.59
CA ASN A 441 -20.83 -13.53 -14.36
C ASN A 441 -20.22 -12.24 -13.83
N ASN A 442 -18.95 -11.98 -14.14
CA ASN A 442 -18.33 -10.73 -13.70
C ASN A 442 -18.83 -9.56 -14.55
N PRO A 443 -19.06 -8.40 -13.95
CA PRO A 443 -19.52 -7.25 -14.73
C PRO A 443 -18.49 -6.68 -15.69
N ILE A 444 -17.23 -7.09 -15.61
CA ILE A 444 -16.19 -6.48 -16.41
C ILE A 444 -16.25 -6.91 -17.87
N TRP A 445 -16.75 -8.13 -18.14
CA TRP A 445 -16.68 -8.65 -19.50
C TRP A 445 -17.52 -7.87 -20.50
N PRO A 446 -18.77 -7.50 -20.23
CA PRO A 446 -19.50 -6.64 -21.18
C PRO A 446 -18.83 -5.30 -21.40
N VAL A 447 -18.21 -4.73 -20.36
CA VAL A 447 -17.48 -3.48 -20.53
C VAL A 447 -16.22 -3.70 -21.37
N LEU A 448 -15.53 -4.82 -21.15
CA LEU A 448 -14.29 -5.08 -21.87
C LEU A 448 -14.53 -5.39 -23.34
N ASN A 449 -15.67 -6.00 -23.67
CA ASN A 449 -15.99 -6.32 -25.05
C ASN A 449 -16.69 -5.19 -25.78
N ALA A 450 -16.83 -4.02 -25.15
CA ALA A 450 -17.41 -2.86 -25.81
C ALA A 450 -16.40 -2.22 -26.76
N LYS A 451 -16.92 -1.44 -27.70
CA LYS A 451 -16.09 -0.83 -28.71
C LYS A 451 -15.22 0.28 -28.11
N ALA A 452 -13.98 0.37 -28.57
CA ALA A 452 -13.08 1.41 -28.13
C ALA A 452 -13.50 2.76 -28.71
N PRO A 453 -13.11 3.87 -28.07
CA PRO A 453 -13.48 5.19 -28.59
C PRO A 453 -12.98 5.45 -30.01
N TRP A 454 -11.82 4.92 -30.38
CA TRP A 454 -11.28 5.17 -31.71
C TRP A 454 -11.88 4.26 -32.78
N GLU A 455 -12.63 3.22 -32.40
CA GLU A 455 -13.25 2.33 -33.35
C GLU A 455 -14.78 2.43 -33.35
N LYS A 456 -15.32 3.44 -32.67
CA LYS A 456 -16.75 3.71 -32.74
C LYS A 456 -17.07 4.48 -34.02
N THR A 457 -18.26 4.26 -34.55
CA THR A 457 -18.72 5.07 -35.66
C THR A 457 -19.06 6.47 -35.18
N GLU A 458 -19.15 7.41 -36.13
CA GLU A 458 -19.36 8.81 -35.78
C GLU A 458 -20.69 9.03 -35.08
N GLU A 459 -21.71 8.25 -35.45
CA GLU A 459 -23.03 8.39 -34.84
C GLU A 459 -22.98 8.05 -33.35
N GLU A 460 -22.30 6.96 -32.99
CA GLU A 460 -22.19 6.56 -31.59
C GLU A 460 -21.43 7.60 -30.78
N LEU A 461 -20.35 8.14 -31.34
CA LEU A 461 -19.60 9.18 -30.66
C LEU A 461 -20.46 10.42 -30.46
N THR A 462 -21.25 10.78 -31.47
CA THR A 462 -22.17 11.92 -31.33
C THR A 462 -23.17 11.68 -30.21
N ALA A 463 -23.73 10.47 -30.13
CA ALA A 463 -24.69 10.16 -29.09
C ALA A 463 -24.06 10.25 -27.69
N ALA A 464 -22.83 9.72 -27.55
CA ALA A 464 -22.15 9.78 -26.25
C ALA A 464 -21.86 11.22 -25.86
N VAL A 465 -21.41 12.03 -26.82
CA VAL A 465 -21.15 13.44 -26.54
C VAL A 465 -22.43 14.15 -26.15
N ALA A 466 -23.55 13.80 -26.79
CA ALA A 466 -24.83 14.40 -26.44
C ALA A 466 -25.25 14.04 -25.02
N LEU A 467 -25.01 12.79 -24.61
CA LEU A 467 -25.29 12.39 -23.24
C LEU A 467 -24.44 13.19 -22.25
N ALA A 468 -23.15 13.34 -22.55
CA ALA A 468 -22.28 14.14 -21.69
C ALA A 468 -22.73 15.59 -21.63
N ALA A 469 -23.26 16.12 -22.72
CA ALA A 469 -23.77 17.49 -22.72
C ALA A 469 -25.05 17.62 -21.92
N GLY A 470 -25.91 16.60 -21.95
CA GLY A 470 -27.16 16.64 -21.23
C GLY A 470 -27.07 16.25 -19.77
N HIS A 471 -25.89 15.80 -19.32
CA HIS A 471 -25.69 15.46 -17.91
C HIS A 471 -26.15 16.58 -16.97
N ALA A 472 -25.82 17.83 -17.29
CA ALA A 472 -26.11 18.93 -16.38
C ALA A 472 -27.62 19.16 -16.25
N ARG A 473 -28.33 19.23 -17.38
CA ARG A 473 -29.77 19.39 -17.32
C ARG A 473 -30.45 18.18 -16.71
N ALA A 474 -29.87 16.99 -16.87
CA ALA A 474 -30.44 15.81 -16.23
C ALA A 474 -30.33 15.90 -14.71
N CYS A 475 -29.18 16.32 -14.21
CA CYS A 475 -29.02 16.48 -12.77
C CYS A 475 -29.94 17.58 -12.24
N LEU A 476 -30.05 18.69 -12.97
CA LEU A 476 -30.87 19.80 -12.49
C LEU A 476 -32.35 19.49 -12.57
N ASP A 477 -32.78 18.67 -13.52
CA ASP A 477 -34.18 18.31 -13.62
C ASP A 477 -34.60 17.32 -12.53
N GLU A 478 -33.65 16.53 -12.03
CA GLU A 478 -33.91 15.73 -10.85
C GLU A 478 -34.14 16.64 -9.66
N ASP A 479 -35.24 16.43 -8.95
CA ASP A 479 -35.49 17.17 -7.72
C ASP A 479 -35.64 16.16 -6.58
N LEU A 480 -35.07 16.50 -5.42
CA LEU A 480 -34.83 15.54 -4.35
C LEU A 480 -36.08 15.11 -3.61
N LYS A 481 -37.23 15.75 -3.88
CA LYS A 481 -38.43 15.46 -3.11
C LYS A 481 -38.92 14.02 -3.32
N ASP A 482 -38.70 13.46 -4.50
CA ASP A 482 -39.15 12.11 -4.80
C ASP A 482 -38.14 11.03 -4.41
N SER A 483 -37.00 11.42 -3.85
CA SER A 483 -35.95 10.46 -3.53
C SER A 483 -36.42 9.47 -2.48
N THR A 484 -36.16 8.18 -2.74
CA THR A 484 -36.50 7.13 -1.80
C THR A 484 -35.43 6.90 -0.75
N VAL A 485 -34.25 7.54 -0.89
CA VAL A 485 -33.20 7.37 0.10
C VAL A 485 -33.69 7.88 1.45
N LYS A 486 -33.30 7.18 2.51
CA LYS A 486 -33.88 7.43 3.83
C LYS A 486 -33.30 8.68 4.46
N VAL A 487 -34.17 9.59 4.86
CA VAL A 487 -33.76 10.71 5.71
C VAL A 487 -33.35 10.16 7.08
N PRO A 488 -32.23 10.59 7.65
CA PRO A 488 -31.85 10.10 8.97
C PRO A 488 -32.90 10.48 10.02
N ALA A 489 -33.38 9.47 10.74
CA ALA A 489 -34.42 9.65 11.73
C ALA A 489 -33.89 9.70 13.15
N LYS A 490 -32.57 9.76 13.32
CA LYS A 490 -31.97 9.77 14.65
C LYS A 490 -32.20 11.12 15.32
N ASN A 491 -31.74 11.22 16.56
CA ASN A 491 -31.72 12.48 17.30
C ASN A 491 -30.32 12.91 17.70
N ALA A 492 -29.45 11.96 18.05
CA ALA A 492 -28.07 12.24 18.37
C ALA A 492 -27.17 11.50 17.38
N THR A 493 -26.25 12.22 16.77
CA THR A 493 -25.31 11.65 15.81
C THR A 493 -23.95 11.49 16.48
N VAL A 494 -23.35 10.32 16.29
CA VAL A 494 -22.02 10.03 16.82
C VAL A 494 -21.12 9.65 15.66
N ASN A 495 -19.85 10.03 15.76
CA ASN A 495 -18.89 9.92 14.66
C ASN A 495 -19.44 10.60 13.41
N PRO A 496 -19.60 11.92 13.41
CA PRO A 496 -20.19 12.60 12.26
C PRO A 496 -19.17 12.78 11.15
N GLN A 497 -19.33 12.03 10.07
CA GLN A 497 -18.52 12.24 8.88
C GLN A 497 -18.91 13.50 8.12
N LYS A 498 -20.01 14.14 8.51
CA LYS A 498 -20.46 15.37 7.88
C LYS A 498 -19.56 16.51 8.34
N ASN A 499 -18.62 16.90 7.50
CA ASN A 499 -17.80 18.07 7.79
C ASN A 499 -18.62 19.34 7.58
N SER A 500 -18.08 20.45 8.07
CA SER A 500 -18.76 21.72 7.91
C SER A 500 -18.65 22.21 6.46
N PRO A 501 -19.69 22.87 5.94
CA PRO A 501 -19.58 23.46 4.60
C PRO A 501 -18.52 24.54 4.50
N ALA A 502 -18.17 25.18 5.62
CA ALA A 502 -17.07 26.14 5.62
C ALA A 502 -15.76 25.46 5.23
N LEU A 503 -15.61 24.17 5.53
CA LEU A 503 -14.43 23.45 5.10
C LEU A 503 -14.34 23.38 3.58
N GLY A 504 -15.46 23.10 2.91
CA GLY A 504 -15.46 23.08 1.47
C GLY A 504 -15.27 24.46 0.86
N ALA A 505 -15.89 25.48 1.47
CA ALA A 505 -15.68 26.84 1.00
C ALA A 505 -14.21 27.24 1.12
N THR A 506 -13.56 26.84 2.22
CA THR A 506 -12.14 27.09 2.37
C THR A 506 -11.33 26.33 1.33
N LEU A 507 -11.70 25.07 1.06
CA LEU A 507 -10.98 24.29 0.06
C LEU A 507 -11.06 24.95 -1.32
N ALA A 508 -12.21 25.55 -1.64
CA ALA A 508 -12.35 26.20 -2.94
C ALA A 508 -11.63 27.55 -2.97
N TYR A 509 -11.69 28.32 -1.88
CA TYR A 509 -10.98 29.58 -1.83
C TYR A 509 -9.47 29.38 -1.82
N LEU A 510 -9.01 28.21 -1.40
CA LEU A 510 -7.59 27.91 -1.36
C LEU A 510 -7.01 27.67 -2.75
N GLY A 511 -7.85 27.42 -3.74
CA GLY A 511 -7.44 27.23 -5.11
C GLY A 511 -7.38 28.48 -5.95
N ILE A 512 -7.54 29.65 -5.35
CA ILE A 512 -7.48 30.93 -6.04
C ILE A 512 -6.27 31.69 -5.53
N ASP A 513 -5.48 32.23 -6.46
CA ASP A 513 -4.22 32.87 -6.10
C ASP A 513 -4.45 34.25 -5.49
N GLN A 514 -3.66 34.56 -4.45
CA GLN A 514 -3.76 35.82 -3.71
C GLN A 514 -5.19 36.07 -3.24
N MET A 515 -5.73 35.09 -2.55
CA MET A 515 -7.09 35.15 -2.03
C MET A 515 -7.02 35.34 -0.52
N LEU A 516 -7.81 36.28 -0.01
CA LEU A 516 -8.00 36.48 1.41
C LEU A 516 -9.34 35.86 1.80
N ALA A 517 -9.28 34.72 2.48
CA ALA A 517 -10.48 33.99 2.85
C ALA A 517 -10.97 34.50 4.21
N LEU A 518 -12.12 35.16 4.22
CA LEU A 518 -12.70 35.74 5.42
C LEU A 518 -13.94 34.97 5.82
N LEU A 519 -14.03 34.60 7.10
CA LEU A 519 -15.19 33.91 7.64
C LEU A 519 -15.92 34.85 8.59
N HIS A 520 -17.22 35.03 8.35
CA HIS A 520 -18.06 35.81 9.26
C HIS A 520 -19.49 35.27 9.24
N GLY A 524 -11.57 32.80 16.41
CA GLY A 524 -10.86 31.66 16.94
C GLY A 524 -11.66 30.38 16.76
N CYS A 525 -12.95 30.65 16.48
CA CYS A 525 -13.94 29.59 16.18
C CYS A 525 -13.60 29.07 14.76
N SER A 526 -12.73 29.76 14.01
CA SER A 526 -12.37 29.38 12.61
C SER A 526 -11.15 28.46 12.59
N THR A 527 -10.44 28.37 13.71
CA THR A 527 -9.21 27.59 13.74
C THR A 527 -9.45 26.18 13.23
N PHE A 528 -10.52 25.54 13.72
CA PHE A 528 -10.77 24.12 13.49
C PHE A 528 -10.72 23.75 12.01
N ILE A 529 -11.17 24.64 11.14
CA ILE A 529 -11.06 24.41 9.70
C ILE A 529 -9.60 24.34 9.29
N ARG A 530 -8.78 25.24 9.82
CA ARG A 530 -7.38 25.33 9.42
C ARG A 530 -6.62 24.06 9.78
N LEU A 531 -6.77 23.57 11.01
CA LEU A 531 -6.04 22.38 11.41
C LEU A 531 -6.42 21.18 10.57
N GLN A 532 -7.72 20.99 10.31
CA GLN A 532 -8.15 19.82 9.55
C GLN A 532 -7.64 19.86 8.12
N LEU A 533 -7.83 21.00 7.44
CA LEU A 533 -7.35 21.10 6.07
C LEU A 533 -5.84 20.94 6.01
N SER A 534 -5.12 21.54 6.97
CA SER A 534 -3.68 21.42 7.01
C SER A 534 -3.25 19.97 7.20
N ARG A 535 -3.87 19.27 8.14
CA ARG A 535 -3.47 17.90 8.42
C ARG A 535 -3.74 16.98 7.23
N HIS A 536 -4.82 17.21 6.49
CA HIS A 536 -4.97 16.43 5.26
C HIS A 536 -3.92 16.81 4.24
N PHE A 537 -3.59 18.10 4.12
CA PHE A 537 -2.71 18.55 3.06
C PHE A 537 -1.27 18.80 3.52
N LYS A 538 -1.01 18.80 4.82
CA LYS A 538 0.31 19.08 5.38
C LYS A 538 0.89 20.36 4.79
N GLU A 539 0.08 21.42 4.82
CA GLU A 539 0.40 22.65 4.14
C GLU A 539 -0.22 23.81 4.89
N PRO A 540 0.39 25.00 4.86
CA PRO A 540 -0.22 26.16 5.52
C PRO A 540 -1.48 26.61 4.79
N VAL A 541 -2.48 27.02 5.56
CA VAL A 541 -3.70 27.58 5.01
C VAL A 541 -3.98 28.90 5.72
N ALA A 542 -4.59 29.84 5.00
CA ALA A 542 -4.87 31.18 5.51
C ALA A 542 -6.37 31.35 5.60
N LEU A 543 -6.87 31.50 6.82
CA LEU A 543 -8.30 31.67 7.07
C LEU A 543 -8.53 32.77 8.10
N ASN A 544 -7.96 33.94 7.85
CA ASN A 544 -8.18 35.08 8.72
C ASN A 544 -9.68 35.38 8.82
N SER A 545 -10.16 35.53 10.05
CA SER A 545 -11.58 35.74 10.31
C SER A 545 -11.80 37.08 10.99
N THR A 546 -13.02 37.59 10.85
CA THR A 546 -13.39 38.87 11.46
C THR A 546 -14.10 38.64 12.79
N ASN A 560 -17.84 48.22 11.95
CA ASN A 560 -16.64 47.44 12.21
C ASN A 560 -16.32 46.53 11.03
N LEU A 561 -17.35 46.15 10.28
CA LEU A 561 -17.16 45.31 9.10
C LEU A 561 -16.31 46.04 8.06
N LYS A 562 -16.71 47.26 7.71
CA LYS A 562 -15.94 48.04 6.73
C LYS A 562 -14.55 48.37 7.26
N LYS A 563 -14.45 48.68 8.55
CA LYS A 563 -13.15 48.99 9.14
C LYS A 563 -12.19 47.81 9.02
N GLY A 564 -12.66 46.62 9.39
CA GLY A 564 -11.82 45.44 9.27
C GLY A 564 -11.47 45.09 7.84
N LEU A 565 -12.44 45.24 6.93
CA LEU A 565 -12.18 44.97 5.52
C LEU A 565 -11.11 45.91 4.98
N LYS A 566 -11.22 47.21 5.30
CA LYS A 566 -10.15 48.14 4.98
C LYS A 566 -8.81 47.61 5.51
N LYS A 567 -8.73 47.46 6.83
CA LYS A 567 -7.53 46.96 7.50
C LYS A 567 -6.85 45.86 6.72
N VAL A 568 -7.60 44.79 6.44
CA VAL A 568 -6.99 43.65 5.78
C VAL A 568 -6.50 44.02 4.38
N ILE A 569 -7.37 44.66 3.58
CA ILE A 569 -6.95 44.87 2.19
C ILE A 569 -5.71 45.75 2.12
N GLU A 570 -5.50 46.66 3.07
CA GLU A 570 -4.23 47.38 3.07
C GLU A 570 -3.09 46.46 3.50
N LYS A 571 -3.29 45.71 4.58
CA LYS A 571 -2.18 44.92 5.13
C LYS A 571 -1.65 43.92 4.11
N PHE A 572 -2.54 43.22 3.42
CA PHE A 572 -2.09 42.09 2.63
C PHE A 572 -2.15 42.32 1.12
N SER A 573 -2.70 43.46 0.67
CA SER A 573 -2.80 43.79 -0.74
C SER A 573 -3.31 42.64 -1.61
N PRO A 574 -4.51 42.14 -1.33
CA PRO A 574 -5.04 41.03 -2.13
C PRO A 574 -5.72 41.52 -3.40
N GLU A 575 -5.96 40.59 -4.31
CA GLU A 575 -6.71 40.87 -5.52
C GLU A 575 -8.08 40.18 -5.54
N VAL A 576 -8.48 39.57 -4.43
CA VAL A 576 -9.82 39.00 -4.28
C VAL A 576 -10.05 38.67 -2.81
N VAL A 577 -11.28 38.84 -2.36
CA VAL A 577 -11.66 38.58 -0.97
C VAL A 577 -12.80 37.56 -0.97
N GLY A 578 -12.62 36.48 -0.21
CA GLY A 578 -13.64 35.46 -0.09
C GLY A 578 -14.39 35.52 1.22
N VAL A 579 -15.67 35.85 1.16
CA VAL A 579 -16.53 35.95 2.34
C VAL A 579 -17.56 34.84 2.27
N MET A 580 -17.63 34.03 3.33
CA MET A 580 -18.61 32.95 3.41
C MET A 580 -19.44 33.11 4.67
N THR A 581 -20.76 33.12 4.51
CA THR A 581 -21.70 33.22 5.61
C THR A 581 -22.76 32.14 5.47
N SER A 582 -23.22 31.64 6.61
CA SER A 582 -24.27 30.63 6.65
C SER A 582 -25.48 31.20 7.36
N GLY A 583 -26.62 31.22 6.69
CA GLY A 583 -27.83 31.77 7.25
C GLY A 583 -28.32 33.01 6.52
N VAL A 592 -26.33 42.37 3.97
CA VAL A 592 -24.87 42.45 4.01
C VAL A 592 -24.35 42.97 2.68
N ARG A 593 -25.12 42.77 1.61
CA ARG A 593 -24.80 43.37 0.33
C ARG A 593 -24.61 44.87 0.46
N SER A 594 -25.47 45.51 1.25
CA SER A 594 -25.32 46.93 1.52
C SER A 594 -24.03 47.21 2.28
N ALA A 595 -23.60 46.31 3.15
CA ALA A 595 -22.34 46.53 3.87
C ALA A 595 -21.14 46.43 2.94
N ILE A 596 -21.17 45.51 1.98
CA ILE A 596 -20.08 45.39 1.02
C ILE A 596 -20.04 46.61 0.11
N VAL A 597 -21.21 47.04 -0.38
CA VAL A 597 -21.24 48.26 -1.18
C VAL A 597 -20.87 49.47 -0.33
N HIS A 598 -21.04 49.39 0.99
CA HIS A 598 -20.57 50.46 1.87
C HIS A 598 -19.05 50.50 1.91
N PHE A 599 -18.42 49.34 2.11
CA PHE A 599 -16.96 49.31 2.10
C PHE A 599 -16.42 49.86 0.78
N ARG A 600 -17.02 49.46 -0.34
CA ARG A 600 -16.60 50.00 -1.62
C ARG A 600 -16.88 51.49 -1.70
N GLN A 601 -17.99 51.94 -1.11
CA GLN A 601 -18.35 53.36 -1.15
C GLN A 601 -17.40 54.20 -0.31
N GLU A 602 -17.17 53.79 0.94
CA GLU A 602 -16.37 54.60 1.86
C GLU A 602 -14.96 54.80 1.33
N TYR A 603 -14.42 53.82 0.61
CA TYR A 603 -13.05 53.88 0.10
C TYR A 603 -13.01 53.28 -1.30
N PRO A 604 -13.01 54.10 -2.34
CA PRO A 604 -12.86 53.60 -3.70
C PRO A 604 -11.43 53.28 -4.08
N GLU A 605 -10.45 53.46 -3.20
CA GLU A 605 -9.13 53.00 -3.56
C GLU A 605 -9.12 51.48 -3.71
N HIS A 606 -9.93 50.79 -2.92
CA HIS A 606 -10.02 49.34 -2.92
C HIS A 606 -11.22 48.85 -3.72
N ASP A 607 -11.81 49.69 -4.58
CA ASP A 607 -12.98 49.25 -5.35
C ASP A 607 -12.63 48.10 -6.28
N GLY A 608 -11.40 48.09 -6.80
CA GLY A 608 -11.03 47.08 -7.76
C GLY A 608 -11.06 45.67 -7.22
N VAL A 609 -10.74 45.50 -5.94
CA VAL A 609 -10.65 44.18 -5.31
C VAL A 609 -12.03 43.55 -5.27
N PRO A 610 -12.24 42.43 -5.95
CA PRO A 610 -13.56 41.79 -5.93
C PRO A 610 -13.81 41.01 -4.66
N VAL A 611 -15.07 41.01 -4.24
CA VAL A 611 -15.52 40.28 -3.07
C VAL A 611 -16.49 39.20 -3.52
N VAL A 612 -16.21 37.95 -3.16
CA VAL A 612 -17.06 36.82 -3.50
C VAL A 612 -17.77 36.37 -2.23
N TRP A 613 -19.10 36.40 -2.25
CA TRP A 613 -19.93 36.12 -1.09
C TRP A 613 -20.69 34.82 -1.32
N ALA A 614 -20.44 33.83 -0.46
CA ALA A 614 -21.02 32.50 -0.60
C ALA A 614 -21.88 32.18 0.59
N SER A 615 -23.01 31.51 0.35
CA SER A 615 -23.96 31.16 1.39
C SER A 615 -24.35 29.70 1.28
N THR A 616 -24.31 29.00 2.39
CA THR A 616 -24.85 27.63 2.41
C THR A 616 -26.12 27.79 3.18
N PRO A 617 -27.27 27.29 2.68
CA PRO A 617 -28.56 27.61 3.30
C PRO A 617 -28.98 27.04 4.64
N ASP A 618 -28.57 25.81 4.98
CA ASP A 618 -29.13 25.27 6.24
C ASP A 618 -28.13 24.87 7.31
N TYR A 619 -26.84 25.12 7.14
CA TYR A 619 -25.88 24.57 8.12
C TYR A 619 -26.29 23.13 8.34
N CYS A 620 -26.74 22.48 7.28
CA CYS A 620 -27.14 21.05 7.33
C CYS A 620 -26.45 20.32 6.17
N GLY A 621 -25.22 20.67 5.81
CA GLY A 621 -24.54 20.05 4.66
C GLY A 621 -23.10 19.73 4.91
N SER A 622 -22.37 19.19 3.92
CA SER A 622 -21.02 18.77 4.19
C SER A 622 -20.08 19.60 3.33
N LEU A 623 -18.83 19.15 3.25
CA LEU A 623 -17.82 19.82 2.45
C LEU A 623 -18.30 20.04 1.01
N GLN A 624 -19.03 19.07 0.47
CA GLN A 624 -19.44 19.12 -0.94
C GLN A 624 -20.39 20.27 -1.21
N GLU A 625 -21.38 20.47 -0.34
CA GLU A 625 -22.34 21.56 -0.55
C GLU A 625 -21.65 22.92 -0.49
N GLY A 626 -20.77 23.12 0.50
CA GLY A 626 -20.05 24.38 0.59
C GLY A 626 -19.15 24.62 -0.61
N TYR A 627 -18.43 23.59 -1.04
CA TYR A 627 -17.58 23.71 -2.23
C TYR A 627 -18.40 24.11 -3.44
N ALA A 628 -19.54 23.44 -3.66
CA ALA A 628 -20.38 23.76 -4.81
C ALA A 628 -20.91 25.18 -4.72
N ALA A 629 -21.35 25.60 -3.52
CA ALA A 629 -21.92 26.93 -3.37
C ALA A 629 -20.89 28.02 -3.65
N THR A 630 -19.68 27.86 -3.11
CA THR A 630 -18.67 28.90 -3.33
C THR A 630 -18.14 28.88 -4.76
N VAL A 631 -18.05 27.70 -5.40
CA VAL A 631 -17.66 27.67 -6.80
C VAL A 631 -18.72 28.35 -7.67
N GLU A 632 -19.99 28.13 -7.35
CA GLU A 632 -21.07 28.80 -8.07
C GLU A 632 -21.00 30.31 -7.87
N ALA A 633 -20.67 30.74 -6.64
CA ALA A 633 -20.53 32.17 -6.38
C ALA A 633 -19.36 32.77 -7.18
N ILE A 634 -18.25 32.05 -7.25
CA ILE A 634 -17.11 32.53 -8.05
C ILE A 634 -17.48 32.61 -9.52
N VAL A 635 -18.19 31.60 -10.03
CA VAL A 635 -18.54 31.55 -11.44
C VAL A 635 -19.49 32.68 -11.82
N ARG A 636 -20.38 33.06 -10.91
CA ARG A 636 -21.36 34.10 -11.22
C ARG A 636 -20.78 35.52 -11.16
N SER A 637 -19.65 35.71 -10.49
CA SER A 637 -19.13 37.04 -10.22
C SER A 637 -17.91 37.39 -11.06
N VAL A 638 -16.86 36.57 -11.02
CA VAL A 638 -15.58 36.93 -11.61
C VAL A 638 -15.59 36.86 -13.14
N PRO A 639 -15.99 35.74 -13.77
CA PRO A 639 -15.83 35.62 -15.22
C PRO A 639 -16.61 36.69 -15.98
N GLU A 640 -16.02 37.16 -17.08
CA GLU A 640 -16.61 38.15 -17.95
C GLU A 640 -16.83 37.56 -19.34
N PRO A 641 -17.96 37.85 -19.97
CA PRO A 641 -18.22 37.27 -21.30
C PRO A 641 -17.50 38.04 -22.39
N GLY A 642 -17.10 37.30 -23.40
CA GLY A 642 -16.41 37.89 -24.54
C GLY A 642 -16.50 36.99 -25.74
N GLU A 643 -15.56 37.18 -26.65
CA GLU A 643 -15.47 36.37 -27.86
C GLU A 643 -14.83 35.02 -27.56
N THR A 644 -15.42 33.97 -28.14
CA THR A 644 -15.02 32.61 -27.85
C THR A 644 -13.61 32.35 -28.34
N ILE A 645 -12.76 31.83 -27.46
CA ILE A 645 -11.38 31.50 -27.79
C ILE A 645 -11.32 30.00 -28.07
N PRO A 646 -11.06 29.58 -29.30
CA PRO A 646 -11.00 28.14 -29.58
C PRO A 646 -9.83 27.48 -28.86
N GLY A 647 -10.04 26.23 -28.46
CA GLY A 647 -9.02 25.50 -27.74
C GLY A 647 -8.97 25.77 -26.25
N GLN A 648 -9.89 26.56 -25.71
CA GLN A 648 -9.93 26.88 -24.29
C GLN A 648 -11.13 26.18 -23.66
N VAL A 649 -10.88 25.44 -22.58
CA VAL A 649 -11.93 24.72 -21.87
C VAL A 649 -11.87 25.08 -20.40
N THR A 650 -13.02 25.42 -19.82
CA THR A 650 -13.12 25.68 -18.40
C THR A 650 -13.47 24.39 -17.67
N VAL A 651 -12.61 23.98 -16.75
CA VAL A 651 -12.79 22.74 -16.00
C VAL A 651 -13.16 23.12 -14.58
N LEU A 652 -14.33 22.65 -14.12
CA LEU A 652 -14.76 22.84 -12.75
C LEU A 652 -14.58 21.53 -12.00
N PRO A 653 -13.48 21.32 -11.30
CA PRO A 653 -13.25 20.03 -10.64
C PRO A 653 -14.05 19.90 -9.35
N GLY A 654 -14.38 18.66 -9.01
CA GLY A 654 -15.10 18.39 -7.80
C GLY A 654 -14.21 18.35 -6.58
N ALA A 655 -14.85 18.45 -5.42
CA ALA A 655 -14.12 18.41 -4.16
C ALA A 655 -13.53 17.04 -3.88
N HIS A 656 -14.05 15.98 -4.50
CA HIS A 656 -13.54 14.63 -4.29
C HIS A 656 -12.22 14.39 -4.99
N LEU A 657 -11.75 15.32 -5.82
CA LEU A 657 -10.52 15.15 -6.58
C LEU A 657 -9.34 15.67 -5.77
N THR A 658 -8.33 14.82 -5.59
CA THR A 658 -7.10 15.23 -4.94
C THR A 658 -6.31 16.14 -5.89
N PRO A 659 -5.36 16.91 -5.37
CA PRO A 659 -4.55 17.77 -6.25
C PRO A 659 -3.87 17.02 -7.40
N ALA A 660 -3.42 15.79 -7.15
CA ALA A 660 -2.81 15.00 -8.21
C ALA A 660 -3.80 14.73 -9.33
N ASP A 661 -5.08 14.49 -9.00
CA ASP A 661 -6.09 14.28 -10.02
C ASP A 661 -6.33 15.54 -10.84
N VAL A 662 -6.30 16.71 -10.19
CA VAL A 662 -6.46 17.96 -10.92
C VAL A 662 -5.30 18.17 -11.89
N GLU A 663 -4.08 17.87 -11.44
CA GLU A 663 -2.92 17.97 -12.32
C GLU A 663 -3.05 17.01 -13.50
N GLU A 664 -3.49 15.78 -13.23
CA GLU A 664 -3.64 14.81 -14.31
C GLU A 664 -4.74 15.22 -15.29
N VAL A 665 -5.81 15.83 -14.80
CA VAL A 665 -6.86 16.32 -15.67
C VAL A 665 -6.31 17.43 -16.57
N ARG A 666 -5.51 18.33 -16.00
CA ARG A 666 -4.87 19.36 -16.81
C ARG A 666 -3.99 18.74 -17.88
N GLU A 667 -3.22 17.71 -17.53
CA GLU A 667 -2.33 17.09 -18.50
C GLU A 667 -3.10 16.36 -19.60
N LEU A 668 -4.21 15.70 -19.24
CA LEU A 668 -5.04 15.05 -20.24
C LEU A 668 -5.66 16.06 -21.20
N CYS A 669 -6.08 17.22 -20.68
CA CYS A 669 -6.63 18.25 -21.54
C CYS A 669 -5.56 18.88 -22.42
N GLU A 670 -4.34 19.01 -21.90
CA GLU A 670 -3.26 19.61 -22.67
C GLU A 670 -2.75 18.67 -23.75
N ALA A 671 -2.85 17.36 -23.53
CA ALA A 671 -2.43 16.40 -24.54
C ALA A 671 -3.30 16.48 -25.79
N PHE A 672 -4.55 16.94 -25.65
CA PHE A 672 -5.44 17.11 -26.78
C PHE A 672 -5.28 18.45 -27.48
N GLY A 673 -4.33 19.26 -27.04
CA GLY A 673 -4.14 20.57 -27.64
C GLY A 673 -5.06 21.65 -27.10
N LEU A 674 -5.64 21.44 -25.92
CA LEU A 674 -6.58 22.38 -25.32
C LEU A 674 -5.93 23.11 -24.17
N ASP A 675 -6.43 24.32 -23.90
CA ASP A 675 -5.97 25.10 -22.77
C ASP A 675 -6.94 24.93 -21.63
N PRO A 676 -6.56 24.28 -20.53
CA PRO A 676 -7.48 24.12 -19.40
C PRO A 676 -7.41 25.27 -18.42
N ILE A 677 -8.54 25.91 -18.16
CA ILE A 677 -8.66 26.88 -17.08
C ILE A 677 -9.43 26.19 -15.96
N ILE A 678 -8.74 25.85 -14.89
CA ILE A 678 -9.31 25.04 -13.81
C ILE A 678 -9.67 25.95 -12.66
N VAL A 679 -10.95 25.98 -12.31
CA VAL A 679 -11.45 26.81 -11.21
C VAL A 679 -12.17 25.92 -10.20
N PRO A 680 -11.65 25.79 -8.97
CA PRO A 680 -10.36 26.28 -8.47
C PRO A 680 -9.21 25.32 -8.77
N ASP A 681 -7.97 25.78 -8.65
CA ASP A 681 -6.79 24.98 -8.94
C ASP A 681 -6.05 24.70 -7.63
N ILE A 682 -6.45 23.61 -6.95
CA ILE A 682 -5.75 23.17 -5.75
C ILE A 682 -4.52 22.34 -6.06
N ALA A 683 -4.25 22.08 -7.35
CA ALA A 683 -3.14 21.21 -7.72
C ALA A 683 -1.79 21.86 -7.53
N ASN A 684 -1.74 23.20 -7.52
CA ASN A 684 -0.48 23.91 -7.30
C ASN A 684 -0.43 24.63 -5.96
N ALA A 685 -1.58 24.85 -5.33
CA ALA A 685 -1.61 25.55 -4.04
C ALA A 685 -1.55 24.56 -2.89
N LEU A 686 -2.56 23.72 -2.75
CA LEU A 686 -2.54 22.78 -1.64
C LEU A 686 -2.03 21.41 -2.07
N ASP A 687 -0.91 21.46 -2.78
CA ASP A 687 -0.08 20.33 -3.08
C ASP A 687 1.31 20.64 -2.57
N GLY A 688 2.12 19.60 -2.41
CA GLY A 688 3.49 19.82 -1.96
C GLY A 688 4.19 20.87 -2.79
N HIS A 689 4.52 22.00 -2.19
CA HIS A 689 5.17 23.06 -2.94
C HIS A 689 5.94 23.95 -1.98
N ILE A 690 7.07 24.46 -2.46
CA ILE A 690 7.91 25.35 -1.66
C ILE A 690 8.32 26.57 -2.47
N VAL A 694 6.51 33.66 1.29
CA VAL A 694 5.44 33.40 2.24
C VAL A 694 4.58 34.64 2.42
N SER A 695 3.28 34.47 2.23
CA SER A 695 2.33 35.55 2.38
C SER A 695 1.14 35.09 3.20
N PRO A 696 0.50 36.01 3.91
CA PRO A 696 -0.75 35.67 4.61
C PRO A 696 -1.94 35.45 3.68
N LEU A 697 -1.74 35.54 2.37
CA LEU A 697 -2.74 35.14 1.39
C LEU A 697 -2.41 33.75 0.85
N SER A 698 -3.35 33.19 0.09
CA SER A 698 -3.16 31.88 -0.52
C SER A 698 -2.52 32.03 -1.88
N THR A 699 -1.43 31.28 -2.11
CA THR A 699 -0.69 31.35 -3.36
C THR A 699 -0.66 29.98 -4.02
N GLY A 700 -0.48 29.99 -5.34
CA GLY A 700 -0.38 28.79 -6.14
C GLY A 700 -1.60 28.49 -6.98
N GLY A 701 -2.76 29.02 -6.62
CA GLY A 701 -3.97 28.72 -7.35
C GLY A 701 -4.07 29.39 -8.71
N VAL A 702 -5.29 29.54 -9.22
CA VAL A 702 -5.52 30.16 -10.51
C VAL A 702 -5.63 31.67 -10.33
N SER A 703 -4.95 32.42 -11.19
CA SER A 703 -4.96 33.87 -11.08
C SER A 703 -6.31 34.43 -11.51
N MET A 704 -6.51 35.71 -11.20
CA MET A 704 -7.79 36.35 -11.48
C MET A 704 -7.98 36.64 -12.96
N ALA A 705 -6.89 36.89 -13.69
CA ALA A 705 -7.00 37.09 -15.13
C ALA A 705 -7.52 35.83 -15.81
N ARG A 706 -7.03 34.66 -15.37
CA ARG A 706 -7.47 33.41 -15.97
C ARG A 706 -8.95 33.13 -15.66
N ILE A 707 -9.38 33.42 -14.42
CA ILE A 707 -10.79 33.22 -14.09
C ILE A 707 -11.66 34.18 -14.88
N ARG A 708 -11.19 35.41 -15.08
CA ARG A 708 -11.94 36.38 -15.86
C ARG A 708 -12.06 35.95 -17.32
N GLN A 709 -10.98 35.43 -17.89
CA GLN A 709 -11.00 35.00 -19.28
C GLN A 709 -11.61 33.62 -19.47
N ALA A 710 -11.89 32.91 -18.37
CA ALA A 710 -12.59 31.63 -18.48
C ALA A 710 -14.02 31.79 -19.00
N GLY A 711 -14.56 33.00 -19.01
CA GLY A 711 -15.86 33.26 -19.58
C GLY A 711 -15.89 33.31 -21.09
N GLN A 712 -14.75 33.13 -21.74
CA GLN A 712 -14.67 33.07 -23.19
C GLN A 712 -14.33 31.66 -23.69
N SER A 713 -14.47 30.65 -22.83
CA SER A 713 -14.11 29.29 -23.20
C SER A 713 -15.12 28.71 -24.18
N ALA A 714 -14.68 27.72 -24.94
CA ALA A 714 -15.54 27.06 -25.92
C ALA A 714 -16.50 26.09 -25.24
N ALA A 715 -16.07 25.43 -24.16
CA ALA A 715 -16.90 24.46 -23.47
C ALA A 715 -16.56 24.47 -21.99
N THR A 716 -17.49 23.95 -21.19
CA THR A 716 -17.33 23.84 -19.75
C THR A 716 -17.45 22.38 -19.33
N LEU A 717 -16.44 21.88 -18.63
CA LEU A 717 -16.41 20.51 -18.14
C LEU A 717 -16.43 20.53 -16.62
N PHE A 718 -17.33 19.77 -16.03
CA PHE A 718 -17.40 19.63 -14.58
C PHE A 718 -17.37 18.15 -14.20
N ILE A 719 -16.59 17.82 -13.18
CA ILE A 719 -16.41 16.46 -12.71
C ILE A 719 -17.13 16.35 -11.38
N GLY A 720 -18.37 15.88 -11.41
CA GLY A 720 -19.18 15.78 -10.21
C GLY A 720 -20.58 16.31 -10.41
N ASP A 721 -21.58 15.59 -9.92
CA ASP A 721 -22.96 16.00 -10.11
C ASP A 721 -23.27 17.29 -9.38
N SER A 722 -22.70 17.47 -8.19
CA SER A 722 -22.99 18.64 -7.37
C SER A 722 -22.59 19.95 -8.05
N LEU A 723 -21.69 19.89 -9.03
CA LEU A 723 -21.25 21.08 -9.74
C LEU A 723 -22.14 21.43 -10.92
N ALA A 724 -23.14 20.60 -11.23
CA ALA A 724 -23.97 20.84 -12.40
C ALA A 724 -24.55 22.25 -12.40
N LYS A 725 -25.12 22.67 -11.27
CA LYS A 725 -25.66 24.01 -11.15
C LYS A 725 -24.64 25.06 -11.57
N ALA A 726 -23.41 24.94 -11.04
CA ALA A 726 -22.37 25.89 -11.40
C ALA A 726 -22.19 25.96 -12.91
N ALA A 727 -22.15 24.81 -13.58
CA ALA A 727 -22.02 24.80 -15.03
C ALA A 727 -23.16 25.56 -15.68
N GLU A 728 -24.39 25.31 -15.22
CA GLU A 728 -25.53 26.04 -15.77
C GLU A 728 -25.43 27.53 -15.48
N ALA A 729 -24.80 27.89 -14.36
CA ALA A 729 -24.57 29.29 -14.07
C ALA A 729 -23.79 29.98 -15.18
N MET A 730 -22.91 29.25 -15.86
CA MET A 730 -22.24 29.80 -17.03
C MET A 730 -23.13 29.71 -18.27
N THR A 731 -23.86 28.60 -18.41
CA THR A 731 -24.59 28.33 -19.65
C THR A 731 -25.61 29.42 -19.95
N GLU A 732 -26.33 29.88 -18.93
CA GLU A 732 -27.31 30.93 -19.13
C GLU A 732 -26.69 32.33 -19.07
N ARG A 733 -25.44 32.45 -18.62
CA ARG A 733 -24.82 33.77 -18.58
C ARG A 733 -24.20 34.17 -19.92
N CYS A 734 -23.69 33.17 -20.65
CA CYS A 734 -23.01 33.46 -21.94
C CYS A 734 -23.54 32.53 -23.04
N GLY A 735 -23.71 31.23 -22.74
CA GLY A 735 -24.16 30.30 -23.73
C GLY A 735 -23.24 29.14 -24.07
N MET A 736 -22.16 28.92 -23.32
CA MET A 736 -21.27 27.83 -23.65
C MET A 736 -21.92 26.47 -23.35
N PRO A 737 -21.63 25.45 -24.16
CA PRO A 737 -22.08 24.10 -23.83
C PRO A 737 -21.38 23.57 -22.60
N SER A 738 -22.09 22.76 -21.83
CA SER A 738 -21.56 22.16 -20.61
C SER A 738 -21.56 20.65 -20.76
N TYR A 739 -20.43 20.04 -20.40
CA TYR A 739 -20.27 18.59 -20.48
C TYR A 739 -19.96 18.06 -19.08
N GLY A 740 -20.72 17.06 -18.65
CA GLY A 740 -20.64 16.56 -17.29
C GLY A 740 -20.20 15.12 -17.22
N PHE A 741 -19.40 14.80 -16.21
CA PHE A 741 -18.92 13.45 -15.96
C PHE A 741 -19.01 13.17 -14.48
N THR A 742 -19.75 12.12 -14.10
CA THR A 742 -19.88 11.79 -12.68
C THR A 742 -18.55 11.35 -12.09
N SER A 743 -17.78 10.56 -12.85
CA SER A 743 -16.50 10.06 -12.35
C SER A 743 -15.53 9.92 -13.50
N LEU A 744 -14.24 9.92 -13.17
CA LEU A 744 -13.18 9.64 -14.13
C LEU A 744 -12.43 8.37 -13.77
N THR A 745 -13.05 7.48 -13.01
CA THR A 745 -12.50 6.18 -12.66
C THR A 745 -13.36 5.10 -13.30
N GLY A 746 -12.72 4.13 -13.92
CA GLY A 746 -13.44 3.08 -14.63
C GLY A 746 -13.27 3.28 -16.13
N LEU A 747 -13.18 2.16 -16.86
CA LEU A 747 -12.82 2.22 -18.26
C LEU A 747 -13.85 3.01 -19.07
N ALA A 748 -15.13 2.75 -18.85
CA ALA A 748 -16.17 3.40 -19.64
C ALA A 748 -16.23 4.91 -19.38
N GLN A 749 -16.06 5.31 -18.12
CA GLN A 749 -16.14 6.72 -17.77
C GLN A 749 -14.99 7.50 -18.38
N VAL A 750 -13.77 6.98 -18.27
CA VAL A 750 -12.63 7.60 -18.93
C VAL A 750 -12.80 7.59 -20.44
N ASP A 751 -13.43 6.54 -20.97
CA ASP A 751 -13.70 6.50 -22.41
C ASP A 751 -14.61 7.65 -22.82
N ARG A 752 -15.67 7.90 -22.05
CA ARG A 752 -16.55 9.03 -22.36
C ARG A 752 -15.82 10.35 -22.26
N PHE A 753 -14.95 10.49 -21.25
CA PHE A 753 -14.18 11.72 -21.12
C PHE A 753 -13.28 11.94 -22.33
N MET A 754 -12.61 10.88 -22.80
CA MET A 754 -11.74 11.01 -23.96
C MET A 754 -12.54 11.32 -25.22
N GLU A 755 -13.72 10.71 -25.38
CA GLU A 755 -14.56 11.01 -26.54
C GLU A 755 -15.00 12.47 -26.53
N THR A 756 -15.41 12.98 -25.37
CA THR A 756 -15.81 14.37 -25.27
C THR A 756 -14.65 15.31 -25.56
N LEU A 757 -13.46 14.98 -25.04
CA LEU A 757 -12.28 15.81 -25.30
C LEU A 757 -11.92 15.82 -26.77
N ALA A 758 -12.00 14.66 -27.43
CA ALA A 758 -11.70 14.59 -28.86
C ALA A 758 -12.73 15.37 -29.66
N ALA A 759 -14.01 15.32 -29.26
CA ALA A 759 -15.02 16.09 -29.96
C ALA A 759 -14.80 17.59 -29.80
N ILE A 760 -14.41 18.02 -28.60
CA ILE A 760 -14.18 19.44 -28.37
C ILE A 760 -12.96 19.92 -29.13
N ALA A 761 -11.85 19.18 -29.04
CA ALA A 761 -10.61 19.60 -29.67
C ALA A 761 -10.62 19.39 -31.18
N GLY A 762 -11.37 18.39 -31.67
CA GLY A 762 -11.37 18.09 -33.09
C GLY A 762 -10.20 17.25 -33.55
N ARG A 763 -9.34 16.80 -32.64
CA ARG A 763 -8.20 15.95 -32.93
C ARG A 763 -8.50 14.51 -32.55
N PRO A 764 -7.80 13.55 -33.17
CA PRO A 764 -7.93 12.17 -32.72
C PRO A 764 -7.33 11.96 -31.34
N ILE A 765 -7.72 10.86 -30.72
CA ILE A 765 -7.24 10.55 -29.36
C ILE A 765 -5.76 10.18 -29.43
N PRO A 766 -4.91 10.74 -28.58
CA PRO A 766 -3.49 10.39 -28.61
C PRO A 766 -3.26 8.92 -28.30
N GLU A 767 -2.20 8.37 -28.89
CA GLU A 767 -1.93 6.93 -28.80
C GLU A 767 -1.40 6.51 -27.45
N LYS A 768 -0.78 7.42 -26.69
CA LYS A 768 -0.38 7.10 -25.33
C LYS A 768 -1.58 6.64 -24.50
N PHE A 769 -2.72 7.30 -24.70
CA PHE A 769 -3.94 6.90 -23.99
C PHE A 769 -4.47 5.57 -24.50
N ARG A 770 -4.24 5.24 -25.77
CA ARG A 770 -4.61 3.91 -26.26
C ARG A 770 -3.78 2.83 -25.57
N ARG A 771 -2.48 3.06 -25.44
CA ARG A 771 -1.62 2.13 -24.71
C ARG A 771 -2.07 2.00 -23.26
N TRP A 772 -2.41 3.12 -22.62
CA TRP A 772 -2.83 3.07 -21.23
C TRP A 772 -4.17 2.36 -21.07
N ARG A 773 -5.07 2.51 -22.04
CA ARG A 773 -6.32 1.76 -22.00
C ARG A 773 -6.07 0.26 -22.12
N SER A 774 -5.15 -0.13 -22.99
CA SER A 774 -4.79 -1.54 -23.08
C SER A 774 -4.22 -2.06 -21.77
N ARG A 775 -3.36 -1.26 -21.13
CA ARG A 775 -2.79 -1.67 -19.85
C ARG A 775 -3.88 -1.82 -18.78
N LEU A 776 -4.83 -0.88 -18.74
CA LEU A 776 -5.92 -0.98 -17.78
C LEU A 776 -6.79 -2.19 -18.04
N MET A 777 -7.04 -2.51 -19.31
CA MET A 777 -7.79 -3.72 -19.65
C MET A 777 -7.10 -4.97 -19.14
N ASP A 778 -5.79 -5.07 -19.38
CA ASP A 778 -5.03 -6.21 -18.88
C ASP A 778 -5.11 -6.31 -17.37
N ALA A 779 -4.94 -5.18 -16.69
CA ALA A 779 -4.98 -5.17 -15.23
C ALA A 779 -6.34 -5.61 -14.71
N MET A 780 -7.43 -5.14 -15.35
CA MET A 780 -8.76 -5.54 -14.92
C MET A 780 -8.96 -7.05 -15.09
N VAL A 781 -8.53 -7.59 -16.23
CA VAL A 781 -8.65 -9.04 -16.44
C VAL A 781 -7.88 -9.80 -15.36
N ASP A 782 -6.66 -9.34 -15.06
CA ASP A 782 -5.81 -10.08 -14.14
C ASP A 782 -6.24 -9.93 -12.69
N SER A 783 -6.94 -8.84 -12.34
CA SER A 783 -7.28 -8.57 -10.96
C SER A 783 -8.74 -8.78 -10.63
N HIS A 784 -9.58 -9.14 -11.60
CA HIS A 784 -10.98 -9.40 -11.28
C HIS A 784 -11.19 -10.60 -10.38
N TYR A 785 -10.16 -11.44 -10.19
CA TYR A 785 -10.32 -12.61 -9.34
C TYR A 785 -10.31 -12.24 -7.85
N GLN A 786 -9.68 -11.12 -7.50
CA GLN A 786 -9.63 -10.69 -6.12
C GLN A 786 -10.80 -9.81 -5.72
N PHE A 787 -11.45 -9.17 -6.68
CA PHE A 787 -12.60 -8.32 -6.39
C PHE A 787 -13.92 -9.08 -6.41
N GLY A 788 -13.95 -10.26 -7.04
CA GLY A 788 -15.19 -10.98 -7.23
C GLY A 788 -15.88 -11.44 -5.96
N LEU A 789 -17.16 -11.08 -5.83
CA LEU A 789 -18.02 -11.55 -4.75
C LEU A 789 -17.49 -11.17 -3.38
N LYS A 790 -16.74 -10.07 -3.30
CA LYS A 790 -16.25 -9.56 -2.03
C LYS A 790 -17.22 -8.52 -1.49
N LYS A 791 -17.28 -8.44 -0.15
CA LYS A 791 -18.23 -7.56 0.52
C LYS A 791 -17.52 -6.26 0.92
N VAL A 792 -18.07 -5.14 0.47
CA VAL A 792 -17.47 -3.83 0.66
C VAL A 792 -18.52 -2.89 1.21
N THR A 793 -18.13 -2.06 2.17
CA THR A 793 -18.99 -1.02 2.72
C THR A 793 -18.30 0.32 2.51
N VAL A 794 -19.00 1.24 1.86
CA VAL A 794 -18.46 2.55 1.50
C VAL A 794 -19.23 3.62 2.27
N ALA A 795 -18.49 4.48 2.97
CA ALA A 795 -19.06 5.58 3.75
C ALA A 795 -18.27 6.84 3.41
N LEU A 796 -18.73 7.56 2.39
CA LEU A 796 -18.05 8.76 1.92
C LEU A 796 -19.10 9.81 1.60
N GLU A 797 -18.64 10.94 1.05
CA GLU A 797 -19.55 11.98 0.60
C GLU A 797 -20.07 11.65 -0.79
N GLY A 798 -21.09 12.41 -1.21
CA GLY A 798 -21.93 11.98 -2.32
C GLY A 798 -21.17 11.62 -3.59
N ASP A 799 -20.35 12.56 -4.08
CA ASP A 799 -19.71 12.35 -5.38
C ASP A 799 -18.64 11.27 -5.30
N ASN A 800 -17.80 11.31 -4.27
CA ASN A 800 -16.79 10.26 -4.10
C ASN A 800 -17.45 8.90 -3.86
N LEU A 801 -18.55 8.89 -3.11
CA LEU A 801 -19.28 7.65 -2.89
C LEU A 801 -19.80 7.09 -4.21
N LYS A 802 -20.40 7.93 -5.04
CA LYS A 802 -20.86 7.48 -6.35
C LYS A 802 -19.71 6.90 -7.17
N THR A 803 -18.60 7.64 -7.23
CA THR A 803 -17.45 7.19 -8.02
C THR A 803 -16.98 5.81 -7.56
N LEU A 804 -16.69 5.68 -6.27
CA LEU A 804 -16.07 4.44 -5.78
C LEU A 804 -17.06 3.28 -5.77
N VAL A 805 -18.32 3.55 -5.44
CA VAL A 805 -19.33 2.49 -5.46
C VAL A 805 -19.52 1.97 -6.87
N ASN A 806 -19.61 2.88 -7.86
CA ASN A 806 -19.77 2.44 -9.24
C ASN A 806 -18.56 1.65 -9.71
N PHE A 807 -17.35 2.11 -9.37
CA PHE A 807 -16.15 1.39 -9.78
C PHE A 807 -16.11 -0.01 -9.17
N LEU A 808 -16.35 -0.11 -7.86
CA LEU A 808 -16.27 -1.41 -7.19
C LEU A 808 -17.37 -2.35 -7.66
N ALA A 809 -18.57 -1.83 -7.91
CA ALA A 809 -19.64 -2.67 -8.41
C ALA A 809 -19.37 -3.13 -9.83
N GLY A 810 -18.76 -2.28 -10.64
CA GLY A 810 -18.39 -2.67 -11.99
C GLY A 810 -17.25 -3.65 -12.05
N MET A 811 -16.42 -3.70 -11.00
CA MET A 811 -15.34 -4.68 -10.96
C MET A 811 -15.73 -5.98 -10.27
N GLY A 812 -16.98 -6.11 -9.82
CA GLY A 812 -17.50 -7.38 -9.35
C GLY A 812 -17.78 -7.47 -7.87
N CYS A 813 -17.52 -6.42 -7.09
CA CYS A 813 -17.72 -6.48 -5.66
C CYS A 813 -19.20 -6.36 -5.31
N GLU A 814 -19.58 -6.95 -4.18
CA GLU A 814 -20.92 -6.82 -3.64
C GLU A 814 -20.89 -5.72 -2.59
N ILE A 815 -21.55 -4.60 -2.89
CA ILE A 815 -21.58 -3.46 -1.99
C ILE A 815 -22.67 -3.70 -0.96
N GLN A 816 -22.27 -3.96 0.29
CA GLN A 816 -23.24 -4.25 1.34
C GLN A 816 -24.03 -3.00 1.70
N ALA A 817 -23.35 -1.92 2.06
CA ALA A 817 -23.99 -0.68 2.48
C ALA A 817 -23.34 0.51 1.81
N ALA A 818 -24.16 1.47 1.42
CA ALA A 818 -23.69 2.74 0.85
C ALA A 818 -24.15 3.85 1.81
N ILE A 819 -23.21 4.32 2.62
CA ILE A 819 -23.49 5.36 3.62
C ILE A 819 -23.04 6.69 3.04
N ALA A 820 -24.00 7.60 2.85
CA ALA A 820 -23.72 8.92 2.31
C ALA A 820 -23.75 9.96 3.43
N ALA A 821 -22.95 11.01 3.26
CA ALA A 821 -22.90 12.08 4.26
C ALA A 821 -24.18 12.90 4.25
N THR A 822 -24.64 13.29 3.06
CA THR A 822 -25.84 14.10 2.92
C THR A 822 -26.72 13.53 1.81
N ARG A 823 -27.96 14.00 1.77
CA ARG A 823 -28.89 13.60 0.72
C ARG A 823 -28.48 14.28 -0.59
N VAL A 824 -28.11 13.46 -1.59
CA VAL A 824 -27.70 13.96 -2.89
C VAL A 824 -28.51 13.26 -3.97
N ARG A 825 -28.41 13.78 -5.18
CA ARG A 825 -29.19 13.28 -6.30
C ARG A 825 -28.63 11.96 -6.80
N GLY A 826 -29.52 11.08 -7.26
CA GLY A 826 -29.10 9.82 -7.83
C GLY A 826 -28.55 8.82 -6.84
N LEU A 827 -28.93 8.93 -5.57
CA LEU A 827 -28.44 7.97 -4.57
C LEU A 827 -29.12 6.62 -4.70
N ASP A 828 -30.39 6.60 -5.09
CA ASP A 828 -31.13 5.36 -5.17
C ASP A 828 -30.69 4.47 -6.32
N GLY A 829 -30.11 5.06 -7.36
CA GLY A 829 -29.65 4.29 -8.50
C GLY A 829 -28.30 3.64 -8.32
N LEU A 830 -27.71 3.73 -7.15
CA LEU A 830 -26.40 3.15 -6.92
C LEU A 830 -26.51 1.62 -6.83
N PRO A 831 -25.50 0.91 -7.33
CA PRO A 831 -25.53 -0.57 -7.31
C PRO A 831 -25.18 -1.16 -5.96
N ALA A 832 -26.00 -0.87 -4.95
CA ALA A 832 -25.75 -1.32 -3.59
C ALA A 832 -27.02 -1.92 -3.00
N ARG A 833 -26.84 -2.81 -2.03
CA ARG A 833 -27.97 -3.46 -1.39
C ARG A 833 -28.69 -2.51 -0.45
N ASP A 834 -27.93 -1.77 0.36
CA ASP A 834 -28.51 -0.85 1.34
C ASP A 834 -27.84 0.52 1.18
N ILE A 835 -28.64 1.53 0.87
CA ILE A 835 -28.16 2.90 0.71
C ILE A 835 -28.88 3.75 1.75
N PHE A 836 -28.10 4.42 2.61
CA PHE A 836 -28.70 5.32 3.59
C PHE A 836 -27.77 6.50 3.84
N VAL A 837 -28.36 7.58 4.32
CA VAL A 837 -27.63 8.78 4.72
C VAL A 837 -27.33 8.64 6.21
N GLY A 838 -26.06 8.50 6.55
CA GLY A 838 -25.73 8.26 7.95
C GLY A 838 -24.30 8.61 8.26
N ASP A 839 -23.96 8.41 9.53
CA ASP A 839 -22.65 8.69 10.08
C ASP A 839 -21.83 7.41 10.12
N LEU A 840 -20.70 7.44 10.82
CA LEU A 840 -19.79 6.32 10.89
C LEU A 840 -20.13 5.34 12.01
N GLU A 841 -21.17 5.60 12.81
CA GLU A 841 -21.67 4.58 13.71
C GLU A 841 -22.62 3.63 12.99
N ASP A 842 -23.44 4.16 12.09
CA ASP A 842 -24.19 3.30 11.19
C ASP A 842 -23.27 2.47 10.33
N LEU A 843 -22.04 2.95 10.11
CA LEU A 843 -21.05 2.17 9.39
C LEU A 843 -20.74 0.87 10.13
N GLU A 844 -20.37 0.97 11.41
CA GLU A 844 -20.10 -0.23 12.18
C GLU A 844 -21.37 -1.04 12.45
N THR A 845 -22.53 -0.41 12.38
CA THR A 845 -23.78 -1.17 12.49
C THR A 845 -24.06 -1.96 11.22
N ALA A 846 -23.57 -1.49 10.07
CA ALA A 846 -23.92 -2.09 8.79
C ALA A 846 -22.75 -2.75 8.07
N ALA A 847 -21.51 -2.46 8.45
CA ALA A 847 -20.35 -3.06 7.80
C ALA A 847 -19.99 -4.41 8.39
N ARG A 848 -20.91 -5.06 9.10
CA ARG A 848 -20.62 -6.37 9.67
C ARG A 848 -20.57 -7.43 8.57
N GLY A 849 -19.48 -8.18 8.53
CA GLY A 849 -19.27 -9.16 7.50
C GLY A 849 -18.58 -8.66 6.25
N SER A 850 -18.24 -7.38 6.20
CA SER A 850 -17.61 -6.80 5.02
C SER A 850 -16.12 -7.14 5.00
N ASP A 851 -15.61 -7.39 3.79
CA ASP A 851 -14.18 -7.60 3.61
C ASP A 851 -13.42 -6.30 3.43
N LEU A 852 -14.07 -5.25 2.95
CA LEU A 852 -13.41 -3.97 2.75
C LEU A 852 -14.28 -2.84 3.26
N ILE A 853 -13.64 -1.84 3.87
CA ILE A 853 -14.29 -0.61 4.29
C ILE A 853 -13.61 0.55 3.59
N VAL A 854 -14.38 1.36 2.88
CA VAL A 854 -13.89 2.58 2.26
C VAL A 854 -14.47 3.76 3.03
N ALA A 855 -13.60 4.62 3.54
CA ALA A 855 -14.00 5.77 4.33
C ALA A 855 -12.78 6.66 4.54
N ASN A 856 -12.96 7.71 5.32
CA ASN A 856 -11.87 8.60 5.68
C ASN A 856 -11.05 7.93 6.80
N SER A 857 -10.09 8.67 7.36
CA SER A 857 -9.28 8.12 8.45
C SER A 857 -10.12 7.80 9.68
N ASN A 858 -11.19 8.57 9.93
CA ASN A 858 -12.06 8.30 11.06
C ASN A 858 -12.69 6.91 11.01
N GLY A 859 -12.75 6.31 9.82
CA GLY A 859 -13.20 4.94 9.67
C GLY A 859 -12.37 3.91 10.39
N ARG A 860 -11.14 4.25 10.79
CA ARG A 860 -10.35 3.32 11.58
C ARG A 860 -11.04 3.01 12.90
N GLN A 861 -12.03 3.81 13.29
CA GLN A 861 -12.93 3.36 14.34
C GLN A 861 -13.57 2.03 13.97
N ALA A 862 -14.46 2.08 12.98
CA ALA A 862 -15.39 0.99 12.76
C ALA A 862 -14.70 -0.27 12.29
N ALA A 863 -13.58 -0.14 11.58
CA ALA A 863 -12.82 -1.31 11.19
C ALA A 863 -12.29 -2.04 12.40
N ALA A 864 -11.61 -1.32 13.31
CA ALA A 864 -10.96 -2.00 14.43
C ALA A 864 -11.99 -2.66 15.33
N LYS A 865 -13.16 -2.05 15.45
CA LYS A 865 -14.25 -2.65 16.20
C LYS A 865 -14.75 -3.93 15.54
N LEU A 866 -14.88 -3.92 14.21
CA LEU A 866 -15.47 -5.05 13.50
C LEU A 866 -14.43 -6.06 13.02
N GLY A 867 -13.15 -5.79 13.24
CA GLY A 867 -12.12 -6.70 12.82
C GLY A 867 -11.79 -6.67 11.34
N ILE A 868 -12.27 -5.67 10.61
CA ILE A 868 -11.97 -5.54 9.19
C ILE A 868 -10.60 -4.91 9.06
N LYS A 869 -9.64 -5.67 8.56
CA LYS A 869 -8.27 -5.24 8.42
C LYS A 869 -8.01 -4.52 7.11
N ALA A 870 -8.99 -4.46 6.22
CA ALA A 870 -8.86 -3.80 4.92
C ALA A 870 -9.64 -2.49 4.97
N HIS A 871 -8.92 -1.38 5.03
CA HIS A 871 -9.52 -0.05 5.08
C HIS A 871 -8.85 0.81 4.02
N LEU A 872 -9.62 1.27 3.04
CA LEU A 872 -9.13 2.14 1.98
C LEU A 872 -9.45 3.58 2.36
N ARG A 873 -8.41 4.40 2.51
CA ARG A 873 -8.58 5.79 2.90
C ARG A 873 -8.95 6.63 1.69
N ALA A 874 -10.14 7.22 1.74
CA ALA A 874 -10.61 8.08 0.66
C ALA A 874 -11.32 9.29 1.24
N GLY A 875 -11.34 10.37 0.48
CA GLY A 875 -12.03 11.58 0.89
C GLY A 875 -11.19 12.45 1.83
N LEU A 876 -11.91 13.26 2.60
CA LEU A 876 -11.33 14.15 3.59
C LEU A 876 -12.08 13.98 4.90
N PRO A 877 -11.39 13.97 6.04
CA PRO A 877 -9.94 14.06 6.24
C PRO A 877 -9.20 12.72 6.16
N VAL A 878 -7.96 12.72 5.70
CA VAL A 878 -7.09 11.54 5.73
C VAL A 878 -5.79 11.99 6.38
N PHE A 879 -5.66 11.78 7.69
CA PHE A 879 -4.53 12.29 8.45
C PHE A 879 -3.59 11.21 8.93
N ASP A 880 -3.95 9.94 8.83
CA ASP A 880 -3.14 8.86 9.38
C ASP A 880 -2.14 8.29 8.40
N ARG A 881 -2.21 8.66 7.12
CA ARG A 881 -1.31 8.13 6.10
C ARG A 881 -0.72 9.27 5.30
N LEU A 882 0.53 9.10 4.89
CA LEU A 882 1.26 10.11 4.14
C LEU A 882 1.04 9.93 2.64
N GLY A 883 0.83 11.03 1.94
CA GLY A 883 0.62 11.00 0.52
C GLY A 883 -0.80 10.83 0.07
N ALA A 884 -1.77 11.10 0.94
CA ALA A 884 -3.18 10.95 0.57
C ALA A 884 -3.56 11.95 -0.52
N HIS A 885 -3.08 13.19 -0.42
CA HIS A 885 -3.38 14.21 -1.41
C HIS A 885 -2.61 14.01 -2.70
N GLN A 886 -1.65 13.10 -2.73
CA GLN A 886 -0.87 12.79 -3.93
C GLN A 886 -1.33 11.50 -4.60
N LYS A 887 -2.51 11.00 -4.24
CA LYS A 887 -3.04 9.77 -4.81
C LYS A 887 -3.84 10.10 -6.05
N MET A 888 -3.39 9.60 -7.20
CA MET A 888 -4.02 9.87 -8.48
C MET A 888 -4.92 8.70 -8.86
N TRP A 889 -6.23 8.95 -8.88
CA TRP A 889 -7.20 7.93 -9.26
C TRP A 889 -8.06 8.43 -10.41
N VAL A 890 -7.46 9.01 -11.43
CA VAL A 890 -8.18 9.61 -12.55
C VAL A 890 -7.52 9.16 -13.85
N GLY A 891 -8.35 8.83 -14.84
CA GLY A 891 -7.84 8.37 -16.10
C GLY A 891 -7.49 6.90 -16.05
N TYR A 892 -6.82 6.44 -17.11
CA TYR A 892 -6.47 5.02 -17.20
C TYR A 892 -5.45 4.64 -16.13
N ARG A 893 -4.38 5.45 -15.98
CA ARG A 893 -3.37 5.12 -14.98
C ARG A 893 -3.92 5.28 -13.56
N GLY A 894 -4.77 6.27 -13.33
CA GLY A 894 -5.38 6.41 -12.02
C GLY A 894 -6.31 5.26 -11.68
N THR A 895 -7.11 4.82 -12.65
CA THR A 895 -7.94 3.64 -12.43
C THR A 895 -7.09 2.42 -12.15
N MET A 896 -5.98 2.28 -12.87
CA MET A 896 -5.06 1.16 -12.60
C MET A 896 -4.49 1.24 -11.19
N ASN A 897 -4.13 2.44 -10.75
CA ASN A 897 -3.57 2.61 -9.40
C ASN A 897 -4.59 2.22 -8.34
N LEU A 898 -5.83 2.71 -8.48
CA LEU A 898 -6.88 2.36 -7.52
C LEU A 898 -7.16 0.86 -7.55
N LEU A 899 -7.21 0.27 -8.74
CA LEU A 899 -7.44 -1.15 -8.89
C LEU A 899 -6.37 -1.95 -8.17
N PHE A 900 -5.10 -1.60 -8.38
CA PHE A 900 -4.01 -2.35 -7.77
C PHE A 900 -3.98 -2.15 -6.25
N GLU A 901 -4.29 -0.94 -5.78
CA GLU A 901 -4.33 -0.69 -4.34
C GLU A 901 -5.40 -1.56 -3.67
N THR A 902 -6.60 -1.58 -4.25
CA THR A 902 -7.67 -2.38 -3.66
C THR A 902 -7.38 -3.87 -3.77
N ALA A 903 -6.80 -4.30 -4.89
CA ALA A 903 -6.46 -5.72 -5.06
C ALA A 903 -5.40 -6.14 -4.05
N ASN A 904 -4.42 -5.28 -3.77
CA ASN A 904 -3.40 -5.62 -2.79
C ASN A 904 -3.96 -5.57 -1.37
N LEU A 905 -4.94 -4.70 -1.11
CA LEU A 905 -5.63 -4.74 0.17
C LEU A 905 -6.36 -6.07 0.35
N PHE A 906 -7.00 -6.56 -0.70
CA PHE A 906 -7.67 -7.85 -0.63
C PHE A 906 -6.68 -9.00 -0.50
N GLN A 907 -5.50 -8.88 -1.14
CA GLN A 907 -4.51 -9.94 -1.10
C GLN A 907 -3.84 -10.03 0.26
N ALA A 908 -3.55 -8.88 0.88
CA ALA A 908 -2.81 -8.89 2.13
C ALA A 908 -3.67 -9.36 3.31
N ASN A 909 -4.98 -9.14 3.23
CA ASN A 909 -5.90 -9.49 4.31
C ASN A 909 -6.66 -10.78 4.02
N ALA A 910 -6.01 -11.75 3.40
CA ALA A 910 -6.64 -13.03 3.10
C ALA A 910 -5.58 -14.13 2.96
N CYS B 36 -14.40 32.66 24.41
CA CYS B 36 -15.62 32.00 24.91
C CYS B 36 -15.33 31.30 26.25
N ALA B 37 -16.29 30.52 26.75
CA ALA B 37 -16.11 29.82 28.05
C ALA B 37 -16.23 28.30 27.82
N TYR B 38 -17.15 27.86 26.95
CA TYR B 38 -17.35 26.42 26.79
C TYR B 38 -16.12 25.76 26.18
N ASP B 39 -15.22 26.54 25.60
CA ASP B 39 -14.00 25.96 25.07
C ASP B 39 -13.10 25.48 26.19
N GLY B 40 -13.02 26.23 27.30
CA GLY B 40 -12.27 25.75 28.44
C GLY B 40 -12.87 24.51 29.06
N ALA B 41 -14.19 24.54 29.29
CA ALA B 41 -14.87 23.37 29.83
C ALA B 41 -14.75 22.19 28.89
N ARG B 42 -14.69 22.44 27.59
CA ARG B 42 -14.49 21.37 26.61
C ARG B 42 -13.10 20.77 26.75
N VAL B 43 -12.06 21.60 26.66
CA VAL B 43 -10.69 21.09 26.67
C VAL B 43 -10.36 20.43 27.99
N VAL B 44 -11.05 20.77 29.07
CA VAL B 44 -10.78 20.09 30.34
C VAL B 44 -11.65 18.84 30.52
N LEU B 45 -12.93 18.91 30.15
CA LEU B 45 -13.87 17.84 30.46
C LEU B 45 -14.02 16.81 29.35
N MET B 46 -13.92 17.23 28.09
CA MET B 46 -13.95 16.26 27.00
C MET B 46 -12.87 15.18 27.04
N PRO B 47 -11.66 15.41 27.56
CA PRO B 47 -10.69 14.30 27.64
C PRO B 47 -11.13 13.12 28.50
N ILE B 48 -12.22 13.25 29.25
CA ILE B 48 -12.64 12.14 30.19
C ILE B 48 -13.03 10.94 29.32
N THR B 49 -12.49 9.77 29.59
CA THR B 49 -12.54 8.67 28.62
C THR B 49 -13.57 7.61 28.80
N ASP B 50 -14.47 7.74 29.70
CA ASP B 50 -15.42 6.69 29.97
C ASP B 50 -16.81 7.28 30.15
N VAL B 51 -17.03 8.43 29.51
CA VAL B 51 -18.22 9.25 29.63
C VAL B 51 -18.68 9.64 28.23
N ILE B 52 -19.99 9.75 28.06
CA ILE B 52 -20.60 10.23 26.83
C ILE B 52 -20.71 11.75 26.89
N HIS B 53 -20.20 12.42 25.88
CA HIS B 53 -20.24 13.88 25.79
C HIS B 53 -21.29 14.29 24.78
N LEU B 54 -22.40 14.85 25.27
CA LEU B 54 -23.48 15.32 24.41
C LEU B 54 -23.37 16.83 24.26
N VAL B 55 -23.28 17.29 23.02
CA VAL B 55 -23.02 18.67 22.70
C VAL B 55 -24.29 19.23 22.05
N HIS B 56 -25.10 19.94 22.84
CA HIS B 56 -26.40 20.42 22.37
C HIS B 56 -26.18 21.52 21.35
N GLY B 57 -26.36 21.20 20.07
CA GLY B 57 -26.29 22.19 19.03
C GLY B 57 -25.45 21.76 17.85
N PRO B 58 -24.95 22.75 17.10
CA PRO B 58 -24.33 22.47 15.81
C PRO B 58 -22.89 21.95 15.93
N ILE B 59 -22.46 21.29 14.86
CA ILE B 59 -21.07 20.87 14.73
C ILE B 59 -20.17 22.10 14.54
N ALA B 60 -20.62 23.08 13.77
CA ALA B 60 -19.98 24.37 13.78
C ALA B 60 -19.89 24.84 15.23
N CYS B 61 -18.75 25.41 15.58
CA CYS B 61 -18.43 25.76 16.97
C CYS B 61 -18.10 24.53 17.81
N ALA B 62 -18.16 23.35 17.23
CA ALA B 62 -17.88 22.18 18.03
C ALA B 62 -16.89 21.29 17.30
N GLN B 77 -12.24 4.00 25.70
CA GLN B 77 -11.87 4.74 24.46
C GLN B 77 -13.09 5.51 23.94
N LEU B 78 -14.20 5.48 24.69
CA LEU B 78 -15.44 6.16 24.25
C LEU B 78 -15.08 7.65 24.16
N TYR B 79 -13.90 8.04 24.55
CA TYR B 79 -13.59 9.49 24.58
C TYR B 79 -13.49 9.96 23.17
N ARG B 80 -13.35 9.02 22.26
CA ARG B 80 -13.25 9.39 20.83
C ARG B 80 -14.64 9.36 20.19
N ARG B 81 -15.68 9.21 21.00
CA ARG B 81 -17.07 9.26 20.50
C ARG B 81 -17.61 10.62 20.83
N GLY B 82 -17.81 11.44 19.82
CA GLY B 82 -18.44 12.73 20.04
C GLY B 82 -19.89 12.54 19.74
N PHE B 83 -20.72 13.19 20.50
CA PHE B 83 -22.16 13.03 20.33
C PHE B 83 -22.77 14.42 20.22
N THR B 84 -23.36 14.70 19.06
CA THR B 84 -23.89 16.01 18.73
C THR B 84 -25.37 15.88 18.39
N THR B 85 -26.20 16.71 19.02
CA THR B 85 -27.63 16.67 18.78
C THR B 85 -27.97 17.32 17.45
N GLU B 86 -28.93 16.73 16.74
CA GLU B 86 -29.34 17.22 15.43
C GLU B 86 -29.81 18.66 15.52
N MET B 87 -29.12 19.55 14.80
CA MET B 87 -29.52 20.98 14.74
C MET B 87 -30.27 21.39 16.00
N GLY B 96 -35.33 23.03 22.00
CA GLY B 96 -34.88 21.68 21.70
C GLY B 96 -34.62 20.87 22.95
N GLU B 97 -35.25 21.27 24.05
CA GLU B 97 -35.04 20.55 25.29
C GLU B 97 -35.69 19.17 25.25
N LYS B 98 -36.79 19.05 24.51
CA LYS B 98 -37.47 17.73 24.37
C LYS B 98 -36.57 16.82 23.52
N LYS B 99 -36.01 17.36 22.43
CA LYS B 99 -35.09 16.62 21.61
C LYS B 99 -33.84 16.22 22.40
N LEU B 100 -33.37 17.09 23.28
CA LEU B 100 -32.24 16.73 24.14
C LEU B 100 -32.63 15.65 25.13
N TYR B 101 -33.85 15.70 25.65
CA TYR B 101 -34.41 14.61 26.45
C TYR B 101 -34.33 13.29 25.69
N ARG B 102 -34.82 13.29 24.44
CA ARG B 102 -34.81 12.11 23.61
C ARG B 102 -33.38 11.60 23.39
N ALA B 103 -32.46 12.51 23.08
CA ALA B 103 -31.08 12.12 22.82
C ALA B 103 -30.43 11.54 24.06
N ILE B 104 -30.68 12.15 25.23
CA ILE B 104 -30.13 11.63 26.48
C ILE B 104 -30.61 10.20 26.70
N LEU B 105 -31.93 10.00 26.60
CA LEU B 105 -32.47 8.67 26.80
C LEU B 105 -31.84 7.67 25.84
N GLU B 106 -31.86 7.98 24.54
CA GLU B 106 -31.40 7.01 23.54
C GLU B 106 -29.91 6.70 23.70
N LEU B 107 -29.09 7.72 23.90
CA LEU B 107 -27.66 7.50 24.06
C LEU B 107 -27.38 6.71 25.32
N ALA B 108 -28.17 6.90 26.36
CA ALA B 108 -27.98 6.12 27.58
C ALA B 108 -28.34 4.65 27.35
N GLU B 109 -29.45 4.39 26.65
CA GLU B 109 -29.85 3.01 26.42
C GLU B 109 -28.89 2.28 25.47
N ARG B 110 -28.40 2.99 24.45
CA ARG B 110 -27.54 2.34 23.46
C ARG B 110 -26.17 2.03 24.03
N TYR B 111 -25.54 3.00 24.68
CA TYR B 111 -24.18 2.85 25.18
C TYR B 111 -24.14 2.50 26.67
N GLU B 112 -25.17 1.84 27.17
CA GLU B 112 -25.17 1.36 28.55
C GLU B 112 -24.14 0.26 28.73
N GLY B 113 -23.50 0.25 29.91
CA GLY B 113 -22.44 -0.68 30.21
C GLY B 113 -21.07 -0.24 29.77
N GLN B 114 -20.98 0.71 28.84
CA GLN B 114 -19.72 1.26 28.38
C GLN B 114 -19.55 2.71 28.82
N ALA B 115 -20.60 3.33 29.35
CA ALA B 115 -20.56 4.70 29.82
C ALA B 115 -20.91 4.73 31.30
N LYS B 116 -20.17 5.55 32.05
CA LYS B 116 -20.41 5.70 33.48
C LYS B 116 -21.09 7.02 33.81
N ALA B 117 -21.11 7.97 32.88
CA ALA B 117 -21.76 9.26 33.09
C ALA B 117 -22.03 9.88 31.74
N MET B 118 -22.68 11.04 31.74
CA MET B 118 -22.96 11.79 30.52
C MET B 118 -22.85 13.27 30.80
N PHE B 119 -22.02 13.97 30.02
CA PHE B 119 -21.88 15.41 30.11
C PHE B 119 -22.71 16.07 29.02
N VAL B 120 -23.55 17.02 29.41
CA VAL B 120 -24.37 17.79 28.49
C VAL B 120 -23.79 19.20 28.43
N TYR B 121 -23.04 19.49 27.37
CA TYR B 121 -22.44 20.80 27.20
C TYR B 121 -23.37 21.71 26.40
N ALA B 122 -23.57 22.92 26.92
CA ALA B 122 -24.25 23.97 26.15
C ALA B 122 -23.20 24.70 25.32
N THR B 123 -23.60 25.04 24.09
CA THR B 123 -22.70 25.73 23.14
C THR B 123 -23.19 27.14 22.87
N CYS B 124 -22.33 28.01 22.28
CA CYS B 124 -22.67 29.42 21.91
C CYS B 124 -24.07 29.43 21.29
N VAL B 125 -24.34 28.52 20.33
CA VAL B 125 -25.66 28.50 19.61
C VAL B 125 -26.79 28.23 20.59
N THR B 126 -26.67 27.16 21.38
CA THR B 126 -27.78 26.79 22.26
C THR B 126 -27.97 27.82 23.37
N ALA B 127 -26.88 28.36 23.92
CA ALA B 127 -27.03 29.37 24.96
C ALA B 127 -27.82 30.56 24.44
N MET B 128 -27.69 30.80 23.13
CA MET B 128 -28.52 31.86 22.49
C MET B 128 -29.96 31.36 22.43
N THR B 129 -30.16 30.07 22.15
CA THR B 129 -31.51 29.53 22.18
C THR B 129 -32.13 29.62 23.57
N GLY B 130 -31.30 29.51 24.61
CA GLY B 130 -31.78 29.69 25.98
C GLY B 130 -32.36 28.46 26.64
N ASP B 131 -32.30 27.30 25.98
CA ASP B 131 -32.80 26.08 26.60
C ASP B 131 -31.98 25.75 27.83
N ASP B 132 -32.65 25.67 28.99
CA ASP B 132 -31.98 25.46 30.26
C ASP B 132 -31.57 24.00 30.39
N VAL B 133 -30.26 23.74 30.33
CA VAL B 133 -29.78 22.36 30.43
C VAL B 133 -29.99 21.81 31.83
N GLU B 134 -30.06 22.67 32.84
CA GLU B 134 -30.39 22.22 34.18
C GLU B 134 -31.79 21.62 34.22
N ALA B 135 -32.74 22.25 33.51
CA ALA B 135 -34.10 21.75 33.48
C ALA B 135 -34.17 20.35 32.88
N VAL B 136 -33.47 20.12 31.76
CA VAL B 136 -33.51 18.80 31.16
C VAL B 136 -32.75 17.79 32.01
N CYS B 137 -31.67 18.21 32.67
CA CYS B 137 -31.00 17.30 33.59
C CYS B 137 -31.95 16.85 34.70
N ALA B 138 -32.67 17.79 35.29
CA ALA B 138 -33.61 17.43 36.34
C ALA B 138 -34.75 16.57 35.79
N ALA B 139 -35.24 16.88 34.60
CA ALA B 139 -36.37 16.18 34.02
C ALA B 139 -35.99 14.86 33.36
N ALA B 140 -34.70 14.54 33.25
CA ALA B 140 -34.27 13.33 32.59
C ALA B 140 -33.43 12.39 33.47
N GLY B 141 -32.80 12.90 34.53
CA GLY B 141 -31.94 12.05 35.34
C GLY B 141 -32.69 10.97 36.09
N LYS B 142 -33.93 11.25 36.49
CA LYS B 142 -34.70 10.27 37.24
C LYS B 142 -35.13 9.07 36.39
N LYS B 143 -34.91 9.12 35.07
CA LYS B 143 -35.27 8.02 34.19
C LYS B 143 -34.10 7.09 33.94
N VAL B 144 -32.99 7.62 33.44
CA VAL B 144 -31.74 6.87 33.31
C VAL B 144 -30.78 7.36 34.39
N ALA B 145 -30.25 6.44 35.17
CA ALA B 145 -29.51 6.77 36.38
C ALA B 145 -28.01 6.91 36.17
N ILE B 146 -27.50 6.71 34.96
CA ILE B 146 -26.08 7.01 34.74
C ILE B 146 -25.94 8.51 34.91
N PRO B 147 -25.07 8.97 35.81
CA PRO B 147 -25.10 10.37 36.23
C PRO B 147 -24.92 11.34 35.06
N LEU B 148 -25.83 12.31 34.99
CA LEU B 148 -25.79 13.36 33.97
C LEU B 148 -25.33 14.65 34.64
N ILE B 149 -24.28 15.24 34.11
CA ILE B 149 -23.67 16.45 34.66
C ILE B 149 -23.94 17.60 33.70
N PRO B 150 -24.63 18.65 34.15
CA PRO B 150 -24.86 19.80 33.26
C PRO B 150 -23.72 20.80 33.28
N VAL B 151 -23.22 21.16 32.10
CA VAL B 151 -22.21 22.20 31.95
C VAL B 151 -22.90 23.38 31.28
N ASN B 152 -23.29 24.37 32.07
CA ASN B 152 -24.02 25.52 31.56
C ASN B 152 -23.16 26.79 31.65
N THR B 153 -23.65 27.84 30.98
CA THR B 153 -22.96 29.13 31.02
C THR B 153 -22.92 29.73 32.41
N PRO B 154 -24.03 29.84 33.16
CA PRO B 154 -23.90 30.43 34.49
C PRO B 154 -23.14 29.51 35.44
N ILE B 162 -11.58 33.37 32.06
CA ILE B 162 -11.08 32.08 32.53
C ILE B 162 -12.15 31.01 32.37
N GLY B 163 -12.07 30.26 31.27
CA GLY B 163 -12.98 29.15 31.08
C GLY B 163 -12.78 28.01 32.04
N ASN B 164 -11.62 27.97 32.70
CA ASN B 164 -11.32 26.89 33.65
C ASN B 164 -12.03 27.08 34.98
N ARG B 165 -12.65 28.22 35.23
CA ARG B 165 -13.56 28.32 36.36
C ARG B 165 -14.64 27.27 36.21
N LEU B 166 -15.49 27.45 35.20
CA LEU B 166 -16.64 26.59 34.93
C LEU B 166 -16.30 25.12 35.09
N ALA B 167 -15.13 24.72 34.57
CA ALA B 167 -14.70 23.33 34.70
C ALA B 167 -14.53 22.94 36.16
N GLY B 168 -13.74 23.70 36.90
CA GLY B 168 -13.53 23.40 38.30
C GLY B 168 -14.80 23.43 39.10
N GLU B 169 -15.69 24.37 38.77
CA GLU B 169 -16.92 24.49 39.54
C GLU B 169 -17.86 23.32 39.30
N VAL B 170 -18.09 22.95 38.04
CA VAL B 170 -18.94 21.79 37.80
C VAL B 170 -18.30 20.54 38.40
N LEU B 171 -16.96 20.44 38.33
CA LEU B 171 -16.28 19.26 38.84
C LEU B 171 -16.46 19.11 40.35
N PHE B 172 -16.31 20.22 41.09
CA PHE B 172 -16.55 20.14 42.53
C PHE B 172 -18.03 19.92 42.82
N LYS B 173 -18.91 20.74 42.24
CA LYS B 173 -20.32 20.71 42.61
C LYS B 173 -20.95 19.36 42.32
N HIS B 174 -20.49 18.64 41.30
CA HIS B 174 -21.20 17.45 40.87
C HIS B 174 -20.37 16.17 40.85
N VAL B 175 -19.06 16.25 40.61
CA VAL B 175 -18.25 15.06 40.38
C VAL B 175 -17.45 14.66 41.61
N ILE B 176 -16.79 15.61 42.26
CA ILE B 176 -15.87 15.30 43.34
C ILE B 176 -16.65 15.04 44.62
N GLY B 177 -16.33 13.93 45.29
CA GLY B 177 -16.92 13.62 46.57
C GLY B 177 -18.09 12.65 46.53
N THR B 178 -18.37 12.05 45.38
CA THR B 178 -19.51 11.16 45.24
C THR B 178 -19.17 9.70 45.54
N ALA B 179 -17.90 9.39 45.80
CA ALA B 179 -17.52 8.00 46.09
C ALA B 179 -16.24 7.96 46.91
N GLU B 180 -16.29 7.27 48.03
CA GLU B 180 -15.08 7.01 48.80
C GLU B 180 -14.15 6.10 47.99
N PRO B 181 -12.85 6.37 47.97
CA PRO B 181 -11.96 5.58 47.13
C PRO B 181 -11.86 4.16 47.61
N PRO B 182 -11.70 3.19 46.70
CA PRO B 182 -11.55 1.79 47.11
C PRO B 182 -10.27 1.53 47.87
N VAL B 183 -9.13 1.98 47.33
CA VAL B 183 -7.84 1.83 47.98
C VAL B 183 -7.25 3.23 48.15
N LEU B 184 -7.12 3.66 49.41
CA LEU B 184 -6.55 4.96 49.75
C LEU B 184 -5.28 4.72 50.56
N GLY B 185 -4.13 4.85 49.91
CA GLY B 185 -2.87 4.62 50.58
C GLY B 185 -2.52 5.74 51.54
N GLU B 186 -1.29 5.66 52.05
CA GLU B 186 -0.77 6.69 52.93
C GLU B 186 -0.19 7.87 52.17
N TYR B 187 -0.10 7.79 50.85
CA TYR B 187 0.39 8.90 50.01
C TYR B 187 -0.41 9.01 48.73
N PRO B 188 -1.71 9.34 48.81
CA PRO B 188 -2.39 9.81 47.59
C PRO B 188 -2.22 11.30 47.30
N ILE B 189 -2.03 11.57 46.01
CA ILE B 189 -1.89 12.91 45.47
C ILE B 189 -2.84 13.04 44.29
N ASN B 190 -3.27 14.28 44.03
CA ASN B 190 -4.11 14.56 42.86
C ASN B 190 -3.33 15.46 41.91
N LEU B 191 -3.11 14.98 40.70
CA LEU B 191 -2.45 15.75 39.66
C LEU B 191 -3.53 16.49 38.85
N ILE B 192 -3.51 17.82 38.92
CA ILE B 192 -4.50 18.66 38.28
C ILE B 192 -3.84 19.32 37.07
N GLY B 193 -4.39 19.07 35.90
CA GLY B 193 -3.90 19.69 34.68
C GLY B 193 -3.03 18.82 33.80
N GLU B 194 -2.91 17.53 34.11
CA GLU B 194 -2.13 16.63 33.27
C GLU B 194 -3.02 16.08 32.16
N TYR B 195 -2.69 16.42 30.92
CA TYR B 195 -3.49 16.03 29.77
C TYR B 195 -2.99 14.75 29.12
N ASN B 196 -2.01 14.10 29.72
CA ASN B 196 -1.41 12.87 29.21
C ASN B 196 -1.09 12.98 27.73
N ILE B 197 -0.53 14.12 27.34
CA ILE B 197 -0.23 14.37 25.94
C ILE B 197 0.90 13.43 25.52
N ALA B 198 0.56 12.41 24.73
CA ALA B 198 1.52 11.42 24.24
C ALA B 198 2.23 10.70 25.38
N GLY B 199 1.59 10.63 26.54
CA GLY B 199 2.14 9.87 27.64
C GLY B 199 3.13 10.60 28.53
N ASP B 200 2.99 11.92 28.69
CA ASP B 200 3.88 12.62 29.60
C ASP B 200 3.61 12.23 31.05
N LEU B 201 2.34 11.99 31.39
CA LEU B 201 2.03 11.40 32.70
C LEU B 201 2.53 9.97 32.81
N TRP B 202 2.61 9.27 31.68
CA TRP B 202 3.04 7.88 31.70
C TRP B 202 4.51 7.75 32.06
N GLY B 203 5.32 8.76 31.74
CA GLY B 203 6.72 8.76 32.15
C GLY B 203 6.94 9.10 33.60
N MET B 204 5.95 9.71 34.25
CA MET B 204 6.05 10.06 35.66
C MET B 204 5.39 9.04 36.58
N LEU B 205 4.41 8.29 36.07
CA LEU B 205 3.73 7.31 36.92
C LEU B 205 4.66 6.26 37.52
N PRO B 206 5.60 5.65 36.78
CA PRO B 206 6.52 4.70 37.44
C PRO B 206 7.34 5.31 38.56
N LEU B 207 7.75 6.57 38.42
CA LEU B 207 8.51 7.22 39.47
C LEU B 207 7.67 7.35 40.73
N PHE B 208 6.42 7.80 40.58
CA PHE B 208 5.54 7.93 41.73
C PHE B 208 5.21 6.57 42.35
N GLU B 209 5.10 5.54 41.52
CA GLU B 209 4.89 4.18 42.04
C GLU B 209 6.09 3.71 42.85
N ARG B 210 7.30 3.96 42.36
CA ARG B 210 8.51 3.55 43.09
C ARG B 210 8.64 4.33 44.38
N LEU B 211 8.26 5.61 44.36
CA LEU B 211 8.32 6.42 45.56
C LEU B 211 7.31 6.01 46.62
N GLY B 212 6.29 5.23 46.24
CA GLY B 212 5.25 4.86 47.17
C GLY B 212 4.10 5.84 47.25
N ILE B 213 3.95 6.71 46.27
CA ILE B 213 2.89 7.72 46.25
C ILE B 213 1.80 7.26 45.30
N GLN B 214 0.55 7.47 45.68
CA GLN B 214 -0.60 7.02 44.90
C GLN B 214 -1.22 8.19 44.15
N VAL B 215 -1.41 8.04 42.85
CA VAL B 215 -2.07 9.05 42.03
C VAL B 215 -3.56 8.72 42.06
N LEU B 216 -4.27 9.32 43.01
CA LEU B 216 -5.68 9.00 43.16
C LEU B 216 -6.51 9.56 42.01
N SER B 217 -6.14 10.74 41.51
CA SER B 217 -6.90 11.36 40.43
C SER B 217 -5.97 12.14 39.54
N CYS B 218 -6.03 11.86 38.23
CA CYS B 218 -5.34 12.64 37.22
C CYS B 218 -6.41 13.36 36.41
N PHE B 219 -6.51 14.67 36.59
CA PHE B 219 -7.54 15.46 35.92
C PHE B 219 -7.14 15.67 34.46
N SER B 220 -8.00 15.23 33.55
CA SER B 220 -7.89 15.41 32.09
C SER B 220 -6.81 14.54 31.45
N GLY B 221 -6.26 13.56 32.15
CA GLY B 221 -5.33 12.64 31.54
C GLY B 221 -6.00 11.35 31.12
N ASP B 222 -5.41 10.21 31.46
CA ASP B 222 -6.15 8.95 31.37
C ASP B 222 -7.16 8.92 32.50
N ALA B 223 -8.14 9.81 32.43
CA ALA B 223 -9.02 10.11 33.55
C ALA B 223 -10.30 9.30 33.41
N THR B 224 -10.46 8.30 34.28
CA THR B 224 -11.74 7.63 34.41
C THR B 224 -12.60 8.38 35.40
N PHE B 225 -13.90 8.41 35.13
CA PHE B 225 -14.84 9.17 35.97
C PHE B 225 -14.78 8.70 37.42
N GLU B 226 -14.68 7.39 37.63
CA GLU B 226 -14.58 6.86 38.98
C GLU B 226 -13.32 7.37 39.67
N GLU B 227 -12.21 7.43 38.94
CA GLU B 227 -10.98 7.97 39.51
C GLU B 227 -11.16 9.42 39.93
N LEU B 228 -11.92 10.19 39.14
CA LEU B 228 -12.14 11.58 39.47
C LEU B 228 -13.05 11.75 40.68
N ARG B 229 -13.98 10.82 40.89
CA ARG B 229 -14.89 10.97 42.02
C ARG B 229 -14.22 10.72 43.38
N TYR B 230 -12.93 10.40 43.41
CA TYR B 230 -12.26 10.07 44.66
C TYR B 230 -11.43 11.21 45.24
N ALA B 231 -11.30 12.33 44.54
CA ALA B 231 -10.37 13.38 44.93
C ALA B 231 -10.66 13.97 46.31
N HIS B 232 -11.75 13.57 46.96
CA HIS B 232 -12.09 14.14 48.25
C HIS B 232 -11.13 13.66 49.35
N ARG B 233 -10.60 12.46 49.22
CA ARG B 233 -9.62 11.94 50.17
C ARG B 233 -8.24 11.93 49.52
N ALA B 234 -7.48 12.98 49.77
CA ALA B 234 -6.06 13.03 49.40
C ALA B 234 -5.41 14.08 50.29
N LYS B 235 -4.09 14.16 50.20
CA LYS B 235 -3.35 15.13 51.01
C LYS B 235 -2.70 16.24 50.22
N LEU B 236 -2.32 16.01 48.97
CA LEU B 236 -1.63 17.04 48.20
C LEU B 236 -2.24 17.16 46.80
N ASN B 237 -2.58 18.39 46.44
CA ASN B 237 -2.90 18.74 45.06
C ASN B 237 -1.64 19.29 44.41
N ILE B 238 -1.30 18.76 43.24
CA ILE B 238 -0.19 19.26 42.45
C ILE B 238 -0.76 19.77 41.15
N ILE B 239 -0.60 21.07 40.92
CA ILE B 239 -1.07 21.71 39.69
C ILE B 239 0.09 21.67 38.70
N ILE B 240 -0.07 20.87 37.65
CA ILE B 240 1.00 20.68 36.65
C ILE B 240 0.71 21.71 35.55
N CYS B 241 1.24 22.91 35.76
CA CYS B 241 0.75 24.10 35.07
C CYS B 241 -0.76 24.07 34.93
N SER B 242 -1.26 24.41 33.74
CA SER B 242 -2.71 24.49 33.53
C SER B 242 -3.36 25.28 34.66
N LYS B 243 -2.75 26.43 34.96
CA LYS B 243 -2.96 27.08 36.26
C LYS B 243 -4.42 27.39 36.50
N SER B 244 -5.14 27.83 35.47
CA SER B 244 -6.45 28.44 35.63
C SER B 244 -7.43 27.59 36.43
N LEU B 245 -7.06 26.34 36.74
CA LEU B 245 -7.75 25.56 37.75
C LEU B 245 -7.24 25.86 39.16
N THR B 246 -6.46 26.94 39.32
CA THR B 246 -6.06 27.34 40.66
C THR B 246 -7.26 27.65 41.53
N ASN B 247 -8.36 28.10 40.92
CA ASN B 247 -9.57 28.33 41.71
C ASN B 247 -10.09 27.02 42.30
N LEU B 248 -10.06 25.95 41.52
CA LEU B 248 -10.43 24.64 42.04
C LEU B 248 -9.47 24.18 43.12
N ALA B 249 -8.17 24.46 42.94
CA ALA B 249 -7.20 24.11 43.97
C ALA B 249 -7.45 24.85 45.27
N ARG B 250 -7.76 26.15 45.18
CA ARG B 250 -8.06 26.95 46.36
C ARG B 250 -9.36 26.52 47.01
N LYS B 251 -10.33 26.09 46.21
CA LYS B 251 -11.65 25.77 46.71
C LYS B 251 -11.71 24.39 47.32
N MET B 252 -10.97 23.42 46.78
CA MET B 252 -10.77 22.17 47.49
C MET B 252 -9.94 22.38 48.74
N GLN B 253 -9.11 23.43 48.76
CA GLN B 253 -8.29 23.71 49.93
C GLN B 253 -9.14 24.13 51.12
N LYS B 254 -10.10 25.03 50.91
CA LYS B 254 -10.95 25.47 52.01
C LYS B 254 -11.81 24.32 52.53
N ASN B 255 -12.53 23.65 51.64
CA ASN B 255 -13.54 22.69 52.07
C ASN B 255 -12.90 21.40 52.58
N TYR B 256 -11.86 20.92 51.88
CA TYR B 256 -11.32 19.59 52.14
C TYR B 256 -9.93 19.62 52.74
N GLY B 257 -9.36 20.80 52.99
CA GLY B 257 -8.08 20.93 53.66
C GLY B 257 -6.92 20.27 52.95
N MET B 258 -6.68 20.63 51.70
CA MET B 258 -5.69 19.96 50.87
C MET B 258 -4.72 20.98 50.28
N PRO B 259 -3.47 21.01 50.73
CA PRO B 259 -2.51 21.99 50.21
C PRO B 259 -2.25 21.79 48.72
N TYR B 260 -2.08 22.91 48.02
CA TYR B 260 -1.83 22.91 46.59
C TYR B 260 -0.43 23.41 46.29
N LEU B 261 0.23 22.73 45.35
CA LEU B 261 1.61 22.99 44.98
C LEU B 261 1.67 23.09 43.47
N GLU B 262 2.11 24.24 42.98
CA GLU B 262 2.22 24.48 41.53
C GLU B 262 3.57 24.02 41.00
N GLU B 263 3.61 22.85 40.40
CA GLU B 263 4.88 22.31 39.96
C GLU B 263 4.93 22.05 38.46
N SER B 264 6.15 22.04 37.93
CA SER B 264 6.41 21.69 36.54
C SER B 264 7.31 20.47 36.51
N PHE B 265 6.98 19.50 35.65
CA PHE B 265 7.70 18.24 35.56
C PHE B 265 8.51 18.12 34.27
N TYR B 266 8.98 19.24 33.74
CA TYR B 266 9.68 19.27 32.45
C TYR B 266 11.12 19.71 32.70
N GLY B 267 12.04 18.75 32.74
CA GLY B 267 13.44 19.03 32.97
C GLY B 267 13.95 18.43 34.26
N MET B 268 15.26 18.15 34.33
CA MET B 268 15.84 17.57 35.53
C MET B 268 15.66 18.47 36.74
N THR B 269 15.97 19.76 36.58
CA THR B 269 15.95 20.68 37.71
C THR B 269 14.54 20.89 38.22
N ASP B 270 13.59 21.12 37.32
CA ASP B 270 12.21 21.35 37.75
C ASP B 270 11.59 20.09 38.33
N THR B 271 11.92 18.93 37.76
CA THR B 271 11.47 17.67 38.36
C THR B 271 12.06 17.50 39.76
N ALA B 272 13.32 17.92 39.94
CA ALA B 272 13.94 17.82 41.26
C ALA B 272 13.22 18.71 42.27
N LYS B 273 12.96 19.96 41.90
CA LYS B 273 12.23 20.85 42.79
C LYS B 273 10.84 20.32 43.10
N ALA B 274 10.17 19.78 42.08
CA ALA B 274 8.84 19.22 42.28
C ALA B 274 8.86 18.08 43.27
N LEU B 275 9.78 17.12 43.08
CA LEU B 275 9.82 15.97 43.96
C LEU B 275 10.23 16.36 45.38
N ARG B 276 11.16 17.31 45.51
CA ARG B 276 11.55 17.75 46.84
C ARG B 276 10.38 18.40 47.58
N ASP B 277 9.68 19.31 46.91
CA ASP B 277 8.54 19.98 47.53
C ASP B 277 7.43 18.98 47.87
N ILE B 278 7.17 18.04 46.97
CA ILE B 278 6.13 17.03 47.20
C ILE B 278 6.48 16.19 48.42
N ALA B 279 7.74 15.74 48.50
CA ALA B 279 8.17 14.95 49.64
C ALA B 279 8.03 15.74 50.93
N ARG B 280 8.40 17.02 50.90
CA ARG B 280 8.28 17.86 52.08
C ARG B 280 6.83 17.95 52.56
N GLU B 281 5.92 18.30 51.66
CA GLU B 281 4.54 18.52 52.08
C GLU B 281 3.86 17.22 52.49
N LEU B 282 4.14 16.12 51.80
CA LEU B 282 3.57 14.85 52.22
C LEU B 282 4.23 14.32 53.49
N ASP B 283 5.45 14.75 53.80
CA ASP B 283 6.05 14.42 55.08
C ASP B 283 5.36 15.19 56.20
N ASP B 284 4.99 16.44 55.94
CA ASP B 284 4.17 17.17 56.90
C ASP B 284 2.84 16.43 57.13
N ALA B 285 2.15 16.09 56.05
CA ALA B 285 0.81 15.50 56.19
C ALA B 285 0.87 14.12 56.82
N VAL B 286 1.79 13.27 56.37
CA VAL B 286 1.91 11.89 56.83
C VAL B 286 3.17 11.81 57.68
N GLY B 287 3.00 11.42 58.95
CA GLY B 287 4.11 11.55 59.85
C GLY B 287 4.43 13.00 60.07
N GLY B 288 5.73 13.30 60.22
CA GLY B 288 6.18 14.66 60.42
C GLY B 288 7.44 14.93 59.63
N LEU B 289 7.80 16.20 59.54
CA LEU B 289 9.08 16.46 58.87
C LEU B 289 10.04 15.56 59.62
N GLU B 290 9.86 15.56 60.94
CA GLU B 290 10.67 14.65 61.77
C GLU B 290 10.43 13.24 61.25
N LYS B 291 11.38 12.36 61.45
CA LYS B 291 11.20 11.05 60.84
C LYS B 291 10.75 11.16 59.38
N ARG B 292 11.43 12.05 58.65
CA ARG B 292 11.16 12.17 57.22
C ARG B 292 11.50 10.87 56.51
N ILE B 293 10.49 10.26 55.92
CA ILE B 293 10.69 9.08 55.08
C ILE B 293 10.68 9.45 53.60
N MET B 294 9.75 10.33 53.21
CA MET B 294 9.63 10.69 51.81
C MET B 294 10.82 11.51 51.34
N GLN B 295 11.36 12.37 52.19
CA GLN B 295 12.54 13.13 51.80
C GLN B 295 13.72 12.20 51.50
N ASP B 296 13.97 11.22 52.36
CA ASP B 296 15.10 10.34 52.09
C ASP B 296 14.84 9.48 50.86
N ARG B 297 13.61 9.00 50.71
CA ARG B 297 13.29 8.17 49.56
C ARG B 297 13.42 8.95 48.25
N VAL B 298 12.98 10.21 48.23
CA VAL B 298 13.12 11.00 47.02
C VAL B 298 14.59 11.31 46.76
N GLU B 299 15.39 11.54 47.80
CA GLU B 299 16.81 11.77 47.56
C GLU B 299 17.43 10.57 46.87
N LYS B 300 17.12 9.37 47.37
CA LYS B 300 17.67 8.15 46.80
C LYS B 300 17.26 7.99 45.33
N LEU B 301 15.96 8.09 45.07
CA LEU B 301 15.47 7.93 43.70
C LEU B 301 16.03 9.01 42.78
N LEU B 302 16.11 10.25 43.26
CA LEU B 302 16.66 11.33 42.45
C LEU B 302 18.08 11.03 42.03
N GLU B 303 18.90 10.58 42.98
CA GLU B 303 20.29 10.28 42.65
C GLU B 303 20.39 9.20 41.59
N GLU B 304 19.70 8.07 41.81
CA GLU B 304 19.83 6.97 40.86
C GLU B 304 19.31 7.35 39.47
N GLU B 305 18.15 8.01 39.42
CA GLU B 305 17.55 8.32 38.12
C GLU B 305 18.36 9.38 37.39
N GLU B 306 18.89 10.37 38.11
CA GLU B 306 19.73 11.37 37.47
C GLU B 306 20.98 10.74 36.88
N ALA B 307 21.62 9.82 37.62
CA ALA B 307 22.78 9.14 37.08
C ALA B 307 22.42 8.36 35.81
N THR B 308 21.32 7.60 35.85
CA THR B 308 20.94 6.79 34.70
C THR B 308 20.62 7.65 33.49
N CYS B 309 19.94 8.78 33.70
CA CYS B 309 19.55 9.60 32.56
C CYS B 309 20.73 10.36 31.98
N ARG B 310 21.68 10.80 32.81
CA ARG B 310 22.91 11.36 32.27
C ARG B 310 23.66 10.33 31.44
N GLU B 311 23.73 9.09 31.94
CA GLU B 311 24.43 8.04 31.21
C GLU B 311 23.76 7.75 29.87
N ARG B 312 22.42 7.78 29.83
CA ARG B 312 21.72 7.54 28.58
C ARG B 312 21.80 8.73 27.64
N LEU B 313 21.94 9.95 28.18
CA LEU B 313 21.97 11.15 27.35
C LEU B 313 23.34 11.42 26.76
N ALA B 314 24.41 10.87 27.33
CA ALA B 314 25.76 11.12 26.81
C ALA B 314 25.92 10.86 25.30
N PRO B 315 25.46 9.73 24.74
CA PRO B 315 25.61 9.56 23.28
C PRO B 315 24.93 10.66 22.47
N TYR B 316 23.72 11.02 22.87
CA TYR B 316 23.00 12.10 22.21
C TYR B 316 23.62 13.46 22.48
N ARG B 317 24.30 13.61 23.63
CA ARG B 317 25.07 14.82 23.87
C ARG B 317 26.20 14.94 22.86
N ALA B 318 26.90 13.85 22.61
CA ALA B 318 28.00 13.88 21.65
C ALA B 318 27.50 14.28 20.26
N ARG B 319 26.38 13.71 19.83
CA ARG B 319 25.91 14.06 18.50
C ARG B 319 25.31 15.47 18.39
N LEU B 320 24.89 16.07 19.50
CA LEU B 320 24.20 17.36 19.49
C LEU B 320 25.02 18.45 20.16
N GLU B 321 26.33 18.47 19.93
CA GLU B 321 27.20 19.47 20.53
C GLU B 321 27.50 20.57 19.53
N GLY B 322 27.41 21.81 19.98
CA GLY B 322 27.75 22.95 19.16
C GLY B 322 26.69 23.37 18.17
N LYS B 323 25.55 22.69 18.13
CA LYS B 323 24.48 23.09 17.21
C LYS B 323 23.79 24.34 17.72
N ARG B 324 23.30 25.13 16.78
CA ARG B 324 22.67 26.41 17.09
C ARG B 324 21.18 26.34 16.86
N SER B 325 20.41 26.84 17.81
CA SER B 325 18.97 26.79 17.78
C SER B 325 18.38 28.18 17.96
N VAL B 326 17.20 28.37 17.41
CA VAL B 326 16.45 29.61 17.54
C VAL B 326 15.10 29.25 18.17
N LEU B 327 14.80 29.89 19.29
CA LEU B 327 13.53 29.68 19.99
C LEU B 327 12.61 30.85 19.69
N PHE B 328 11.50 30.57 19.01
CA PHE B 328 10.60 31.62 18.53
C PHE B 328 9.29 31.62 19.31
N LYS B 333 6.99 24.71 29.17
CA LYS B 333 7.09 26.18 29.35
C LYS B 333 8.33 26.70 28.61
N THR B 334 8.37 28.00 28.32
CA THR B 334 9.50 28.57 27.61
C THR B 334 10.81 28.26 28.32
N TRP B 335 10.86 28.45 29.64
CA TRP B 335 12.10 28.24 30.37
C TRP B 335 12.52 26.77 30.31
N SER B 336 11.58 25.85 30.60
CA SER B 336 11.92 24.44 30.69
C SER B 336 12.59 23.93 29.42
N MET B 337 12.00 24.21 28.26
CA MET B 337 12.61 23.80 27.00
C MET B 337 13.95 24.47 26.80
N VAL B 338 14.06 25.75 27.19
CA VAL B 338 15.35 26.44 27.13
C VAL B 338 16.42 25.62 27.85
N ASN B 339 16.24 25.41 29.16
CA ASN B 339 17.29 24.74 29.91
C ASN B 339 17.53 23.32 29.43
N ALA B 340 16.48 22.60 29.01
CA ALA B 340 16.71 21.26 28.46
C ALA B 340 17.66 21.34 27.26
N LEU B 341 17.41 22.29 26.36
CA LEU B 341 18.28 22.46 25.20
C LEU B 341 19.69 22.84 25.63
N ARG B 342 19.82 23.71 26.63
CA ARG B 342 21.15 24.10 27.10
C ARG B 342 21.89 22.92 27.72
N GLU B 343 21.18 22.07 28.46
CA GLU B 343 21.77 20.84 28.98
C GLU B 343 22.33 20.00 27.86
N LEU B 344 21.54 19.82 26.80
CA LEU B 344 22.04 19.01 25.70
C LEU B 344 23.16 19.68 24.91
N GLY B 345 23.61 20.86 25.33
CA GLY B 345 24.73 21.51 24.68
C GLY B 345 24.39 22.30 23.45
N VAL B 346 23.14 22.66 23.26
CA VAL B 346 22.69 23.43 22.10
C VAL B 346 22.67 24.89 22.49
N GLU B 347 23.39 25.71 21.73
CA GLU B 347 23.44 27.14 21.98
C GLU B 347 22.21 27.82 21.37
N ILE B 348 21.49 28.57 22.19
CA ILE B 348 20.29 29.27 21.73
C ILE B 348 20.71 30.68 21.32
N LEU B 349 20.59 30.98 20.03
CA LEU B 349 20.94 32.31 19.54
C LEU B 349 19.95 33.36 20.00
N ALA B 350 18.66 33.03 19.96
CA ALA B 350 17.62 33.96 20.38
C ALA B 350 16.38 33.21 20.87
N LEU B 383 12.07 36.51 6.99
CA LEU B 383 13.23 36.35 7.86
C LEU B 383 14.18 35.28 7.33
N LEU B 384 14.25 35.17 6.00
CA LEU B 384 15.14 34.19 5.39
C LEU B 384 16.60 34.65 5.45
N GLN B 385 16.85 35.93 5.18
CA GLN B 385 18.22 36.44 5.16
C GLN B 385 18.81 36.51 6.57
N VAL B 386 17.98 36.86 7.56
CA VAL B 386 18.48 36.86 8.93
C VAL B 386 18.84 35.45 9.36
N MET B 387 18.16 34.44 8.83
CA MET B 387 18.59 33.07 9.09
C MET B 387 19.88 32.76 8.36
N TYR B 388 20.00 33.25 7.13
CA TYR B 388 21.22 33.02 6.37
C TYR B 388 22.45 33.53 7.11
N ASP B 389 22.33 34.71 7.73
CA ASP B 389 23.44 35.22 8.53
C ASP B 389 23.47 34.65 9.94
N LYS B 390 22.36 34.03 10.38
CA LYS B 390 22.35 33.36 11.69
C LYS B 390 22.91 31.96 11.57
N MET B 391 22.82 31.36 10.39
CA MET B 391 23.04 29.94 10.15
C MET B 391 22.48 29.05 11.28
N PRO B 392 21.16 29.08 11.50
CA PRO B 392 20.61 28.23 12.56
C PRO B 392 20.56 26.77 12.13
N ASP B 393 20.80 25.88 13.09
CA ASP B 393 20.69 24.45 12.84
C ASP B 393 19.37 23.87 13.30
N LEU B 394 18.63 24.57 14.15
CA LEU B 394 17.39 24.04 14.68
C LEU B 394 16.45 25.18 15.04
N ILE B 395 15.16 24.98 14.79
CA ILE B 395 14.12 25.95 15.12
C ILE B 395 13.17 25.28 16.09
N VAL B 396 13.14 25.77 17.33
CA VAL B 396 12.35 25.12 18.38
C VAL B 396 11.10 25.94 18.69
N ALA B 397 10.63 26.74 17.74
CA ALA B 397 9.29 27.27 17.90
C ALA B 397 8.35 26.08 17.87
N GLY B 398 7.94 25.61 19.03
CA GLY B 398 7.02 24.50 19.06
C GLY B 398 5.63 24.84 18.63
N GLY B 399 5.44 26.03 18.10
CA GLY B 399 4.12 26.50 17.75
C GLY B 399 3.60 25.88 16.48
N LYS B 400 2.32 26.18 16.23
CA LYS B 400 1.63 25.77 15.02
C LYS B 400 2.10 26.53 13.80
N THR B 401 3.13 27.36 13.94
CA THR B 401 3.89 27.93 12.85
C THR B 401 4.73 26.91 12.13
N LYS B 402 4.49 25.62 12.43
CA LYS B 402 5.26 24.53 11.86
C LYS B 402 5.50 24.72 10.38
N PHE B 403 4.42 24.70 9.59
CA PHE B 403 4.52 24.58 8.14
C PHE B 403 5.47 25.63 7.56
N LEU B 404 5.44 26.85 8.09
CA LEU B 404 6.41 27.87 7.70
C LEU B 404 7.83 27.42 8.01
N ALA B 405 8.05 26.90 9.23
CA ALA B 405 9.39 26.48 9.62
C ALA B 405 9.87 25.31 8.77
N LEU B 406 8.98 24.36 8.49
CA LEU B 406 9.31 23.25 7.61
C LEU B 406 9.72 23.75 6.23
N LYS B 407 8.99 24.73 5.71
CA LYS B 407 9.32 25.27 4.40
C LYS B 407 10.53 26.18 4.41
N THR B 408 11.05 26.54 5.58
CA THR B 408 12.30 27.30 5.64
C THR B 408 13.53 26.42 5.44
N LYS B 409 13.35 25.12 5.16
CA LYS B 409 14.46 24.21 4.85
C LYS B 409 15.43 24.07 6.01
N THR B 410 14.89 24.08 7.23
CA THR B 410 15.70 23.90 8.43
C THR B 410 15.03 22.89 9.35
N PRO B 411 15.81 22.16 10.15
CA PRO B 411 15.21 21.25 11.12
C PRO B 411 14.35 21.99 12.13
N PHE B 412 13.17 21.44 12.39
CA PHE B 412 12.17 22.08 13.23
C PHE B 412 11.69 21.10 14.29
N LEU B 413 11.43 21.60 15.50
CA LEU B 413 10.95 20.79 16.59
C LEU B 413 9.77 21.47 17.27
N ASP B 414 8.82 20.67 17.74
CA ASP B 414 7.54 21.18 18.23
C ASP B 414 7.33 20.73 19.66
N ILE B 415 7.00 21.68 20.54
CA ILE B 415 6.74 21.38 21.95
C ILE B 415 5.37 21.93 22.37
N ASN B 416 4.31 21.20 22.05
CA ASN B 416 2.98 21.76 22.29
C ASN B 416 2.01 20.60 22.40
N HIS B 417 0.72 20.91 22.31
CA HIS B 417 -0.32 19.90 22.42
C HIS B 417 -0.31 18.93 21.24
N GLY B 418 0.44 19.22 20.18
CA GLY B 418 0.51 18.38 19.01
C GLY B 418 1.67 17.41 18.96
N ARG B 419 2.50 17.34 20.00
CA ARG B 419 3.60 16.39 20.00
C ARG B 419 3.09 14.97 20.17
N SER B 420 3.75 14.02 19.51
CA SER B 420 3.38 12.62 19.55
C SER B 420 4.40 11.78 20.31
N HIS B 421 5.08 12.38 21.29
CA HIS B 421 6.04 11.66 22.11
C HIS B 421 6.07 12.27 23.50
N PRO B 422 6.26 11.46 24.54
CA PRO B 422 6.28 12.01 25.90
C PRO B 422 7.59 12.73 26.19
N TYR B 423 7.47 13.91 26.81
CA TYR B 423 8.63 14.72 27.16
C TYR B 423 8.76 14.96 28.66
N ALA B 424 7.90 14.37 29.48
CA ALA B 424 7.95 14.60 30.92
C ALA B 424 8.78 13.54 31.62
N GLY B 425 9.52 13.97 32.63
CA GLY B 425 10.35 13.06 33.40
C GLY B 425 11.64 12.71 32.68
N TYR B 426 12.40 11.82 33.31
CA TYR B 426 13.69 11.43 32.77
C TYR B 426 13.54 10.67 31.47
N GLU B 427 12.61 9.72 31.42
CA GLU B 427 12.36 9.00 30.17
C GLU B 427 11.80 9.93 29.10
N GLY B 428 10.92 10.86 29.50
CA GLY B 428 10.37 11.80 28.55
C GLY B 428 11.44 12.68 27.93
N MET B 429 12.43 13.09 28.72
CA MET B 429 13.47 13.92 28.15
C MET B 429 14.55 13.13 27.43
N VAL B 430 14.72 11.85 27.76
CA VAL B 430 15.46 10.96 26.87
C VAL B 430 14.80 10.92 25.50
N THR B 431 13.47 10.81 25.49
CA THR B 431 12.73 10.86 24.24
C THR B 431 12.91 12.20 23.54
N PHE B 432 12.91 13.29 24.30
CA PHE B 432 13.15 14.61 23.73
C PHE B 432 14.50 14.67 23.02
N ALA B 433 15.56 14.18 23.68
CA ALA B 433 16.87 14.17 23.07
C ALA B 433 16.91 13.27 21.84
N LYS B 434 16.21 12.13 21.89
CA LYS B 434 16.17 11.22 20.75
C LYS B 434 15.51 11.89 19.55
N GLN B 435 14.38 12.56 19.77
CA GLN B 435 13.70 13.23 18.67
C GLN B 435 14.52 14.40 18.13
N LEU B 436 15.23 15.10 19.02
CA LEU B 436 16.13 16.17 18.58
C LEU B 436 17.22 15.62 17.68
N ASP B 437 17.86 14.52 18.10
CA ASP B 437 18.90 13.91 17.29
C ASP B 437 18.35 13.38 15.97
N LEU B 438 17.12 12.88 15.99
CA LEU B 438 16.48 12.42 14.75
C LEU B 438 16.29 13.57 13.77
N THR B 439 15.72 14.68 14.24
CA THR B 439 15.34 15.76 13.35
C THR B 439 16.51 16.66 12.95
N VAL B 440 17.58 16.71 13.74
CA VAL B 440 18.69 17.61 13.47
C VAL B 440 19.80 16.91 12.69
N ASN B 441 20.08 15.65 13.01
CA ASN B 441 21.17 14.90 12.37
C ASN B 441 20.67 14.04 11.22
N ASN B 442 19.56 14.42 10.60
CA ASN B 442 19.06 13.65 9.46
C ASN B 442 19.91 13.93 8.22
N PRO B 443 20.17 12.90 7.40
CA PRO B 443 20.98 13.12 6.19
C PRO B 443 20.30 13.95 5.12
N ILE B 444 19.00 14.22 5.24
CA ILE B 444 18.28 14.89 4.17
C ILE B 444 18.60 16.39 4.10
N TRP B 445 18.95 17.00 5.24
CA TRP B 445 19.12 18.45 5.25
C TRP B 445 20.27 18.95 4.39
N PRO B 446 21.47 18.36 4.43
CA PRO B 446 22.52 18.81 3.49
C PRO B 446 22.13 18.61 2.04
N VAL B 447 21.39 17.55 1.73
CA VAL B 447 20.92 17.35 0.36
C VAL B 447 19.87 18.40 -0.01
N LEU B 448 18.98 18.73 0.93
CA LEU B 448 17.91 19.67 0.65
C LEU B 448 18.43 21.09 0.51
N ASN B 449 19.51 21.43 1.21
CA ASN B 449 20.08 22.77 1.12
C ASN B 449 21.09 22.92 0.00
N ALA B 450 21.27 21.89 -0.83
CA ALA B 450 22.16 21.97 -1.97
C ALA B 450 21.50 22.76 -3.11
N LYS B 451 22.34 23.25 -4.01
CA LYS B 451 21.86 24.08 -5.10
C LYS B 451 21.08 23.25 -6.11
N ALA B 452 20.00 23.83 -6.63
CA ALA B 452 19.19 23.19 -7.64
C ALA B 452 19.94 23.15 -8.97
N PRO B 453 19.59 22.22 -9.86
CA PRO B 453 20.28 22.15 -11.16
C PRO B 453 20.15 23.43 -11.98
N TRP B 454 19.04 24.15 -11.88
CA TRP B 454 18.86 25.36 -12.68
C TRP B 454 19.54 26.58 -12.06
N GLU B 455 20.01 26.49 -10.82
CA GLU B 455 20.69 27.61 -10.17
C GLU B 455 22.17 27.33 -9.92
N LYS B 456 22.70 26.25 -10.49
CA LYS B 456 24.13 26.00 -10.43
C LYS B 456 24.85 26.82 -11.50
N THR B 457 26.08 27.20 -11.20
CA THR B 457 26.91 27.85 -12.20
C THR B 457 27.34 26.84 -13.25
N GLU B 458 27.79 27.35 -14.41
CA GLU B 458 28.12 26.47 -15.53
C GLU B 458 29.28 25.54 -15.19
N GLU B 459 30.22 26.01 -14.37
CA GLU B 459 31.37 25.19 -13.99
C GLU B 459 30.93 23.96 -13.19
N GLU B 460 30.03 24.14 -12.23
CA GLU B 460 29.54 23.02 -11.43
C GLU B 460 28.79 22.02 -12.28
N LEU B 461 27.96 22.50 -13.21
CA LEU B 461 27.25 21.60 -14.11
C LEU B 461 28.23 20.83 -14.99
N THR B 462 29.27 21.49 -15.47
CA THR B 462 30.30 20.81 -16.26
C THR B 462 30.97 19.71 -15.44
N ALA B 463 31.30 20.00 -14.17
CA ALA B 463 31.94 19.01 -13.33
C ALA B 463 31.03 17.80 -13.09
N ALA B 464 29.74 18.06 -12.84
CA ALA B 464 28.79 16.95 -12.62
C ALA B 464 28.64 16.11 -13.87
N VAL B 465 28.56 16.75 -15.04
CA VAL B 465 28.47 16.01 -16.30
C VAL B 465 29.72 15.18 -16.53
N ALA B 466 30.89 15.73 -16.16
CA ALA B 466 32.13 14.99 -16.30
C ALA B 466 32.15 13.76 -15.40
N LEU B 467 31.63 13.89 -14.18
CA LEU B 467 31.53 12.73 -13.30
C LEU B 467 30.62 11.67 -13.89
N ALA B 468 29.46 12.08 -14.42
CA ALA B 468 28.56 11.14 -15.06
C ALA B 468 29.21 10.47 -16.27
N ALA B 469 30.05 11.21 -16.99
CA ALA B 469 30.75 10.61 -18.14
C ALA B 469 31.82 9.63 -17.70
N GLY B 470 32.49 9.90 -16.58
CA GLY B 470 33.54 9.02 -16.10
C GLY B 470 33.06 7.85 -15.27
N HIS B 471 31.76 7.79 -14.98
CA HIS B 471 31.19 6.65 -14.25
C HIS B 471 31.59 5.30 -14.86
N ALA B 472 31.53 5.19 -16.18
CA ALA B 472 31.78 3.90 -16.83
C ALA B 472 33.23 3.46 -16.65
N ARG B 473 34.19 4.36 -16.93
CA ARG B 473 35.59 4.02 -16.72
C ARG B 473 35.92 3.80 -15.26
N ALA B 474 35.20 4.48 -14.35
CA ALA B 474 35.42 4.25 -12.93
C ALA B 474 34.98 2.84 -12.54
N CYS B 475 33.83 2.40 -13.01
CA CYS B 475 33.38 1.05 -12.72
C CYS B 475 34.31 0.01 -13.35
N LEU B 476 34.76 0.25 -14.58
CA LEU B 476 35.61 -0.72 -15.25
C LEU B 476 37.00 -0.77 -14.65
N ASP B 477 37.50 0.34 -14.12
CA ASP B 477 38.81 0.34 -13.50
C ASP B 477 38.81 -0.36 -12.15
N GLU B 478 37.67 -0.36 -11.47
CA GLU B 478 37.52 -1.19 -10.28
C GLU B 478 37.61 -2.66 -10.67
N ASP B 479 38.48 -3.40 -10.00
CA ASP B 479 38.55 -4.84 -10.20
C ASP B 479 38.28 -5.53 -8.87
N LEU B 480 37.52 -6.64 -8.93
CA LEU B 480 36.89 -7.22 -7.75
C LEU B 480 37.87 -7.94 -6.82
N LYS B 481 39.13 -8.10 -7.23
CA LYS B 481 40.07 -8.89 -6.44
C LYS B 481 40.36 -8.24 -5.09
N ASP B 482 40.33 -6.92 -5.01
CA ASP B 482 40.62 -6.21 -3.77
C ASP B 482 39.39 -6.01 -2.89
N SER B 483 38.22 -6.49 -3.32
CA SER B 483 37.00 -6.26 -2.57
C SER B 483 37.05 -6.93 -1.21
N THR B 484 36.66 -6.18 -0.17
CA THR B 484 36.61 -6.70 1.18
C THR B 484 35.30 -7.41 1.49
N VAL B 485 34.30 -7.34 0.59
CA VAL B 485 33.04 -8.02 0.84
C VAL B 485 33.29 -9.52 0.93
N LYS B 486 32.55 -10.17 1.83
CA LYS B 486 32.86 -11.55 2.18
C LYS B 486 32.35 -12.51 1.10
N VAL B 487 33.25 -13.34 0.61
CA VAL B 487 32.82 -14.48 -0.23
C VAL B 487 32.04 -15.46 0.63
N PRO B 488 30.90 -15.97 0.17
CA PRO B 488 30.15 -16.94 0.97
C PRO B 488 30.98 -18.20 1.21
N ALA B 489 31.12 -18.56 2.48
CA ALA B 489 31.93 -19.70 2.88
C ALA B 489 31.10 -20.93 3.18
N LYS B 490 29.81 -20.91 2.88
CA LYS B 490 28.93 -22.03 3.19
C LYS B 490 29.20 -23.18 2.22
N ASN B 491 28.50 -24.28 2.43
CA ASN B 491 28.51 -25.42 1.53
C ASN B 491 27.14 -25.73 0.95
N ALA B 492 26.07 -25.56 1.73
CA ALA B 492 24.71 -25.74 1.26
C ALA B 492 23.96 -24.43 1.41
N THR B 493 23.33 -23.98 0.33
CA THR B 493 22.56 -22.75 0.33
C THR B 493 21.07 -23.09 0.39
N VAL B 494 20.35 -22.39 1.26
CA VAL B 494 18.91 -22.56 1.40
C VAL B 494 18.25 -21.22 1.16
N ASN B 495 17.06 -21.25 0.55
CA ASN B 495 16.37 -20.05 0.08
C ASN B 495 17.29 -19.25 -0.83
N PRO B 496 17.66 -19.76 -2.01
CA PRO B 496 18.59 -19.05 -2.88
C PRO B 496 17.89 -17.94 -3.65
N GLN B 497 18.17 -16.70 -3.28
CA GLN B 497 17.69 -15.56 -4.05
C GLN B 497 18.44 -15.39 -5.36
N LYS B 498 19.51 -16.16 -5.57
CA LYS B 498 20.28 -16.11 -6.81
C LYS B 498 19.49 -16.82 -7.91
N ASN B 499 18.83 -16.04 -8.76
CA ASN B 499 18.16 -16.61 -9.91
C ASN B 499 19.19 -17.01 -10.96
N SER B 500 18.74 -17.79 -11.94
CA SER B 500 19.63 -18.22 -13.00
C SER B 500 19.93 -17.05 -13.95
N PRO B 501 21.15 -16.99 -14.49
CA PRO B 501 21.44 -15.96 -15.50
C PRO B 501 20.62 -16.11 -16.76
N ALA B 502 20.13 -17.31 -17.06
CA ALA B 502 19.22 -17.49 -18.19
C ALA B 502 17.94 -16.69 -18.00
N LEU B 503 17.53 -16.47 -16.75
CA LEU B 503 16.37 -15.61 -16.49
C LEU B 503 16.63 -14.18 -16.96
N GLY B 504 17.81 -13.64 -16.67
CA GLY B 504 18.14 -12.31 -17.13
C GLY B 504 18.31 -12.24 -18.64
N ALA B 505 18.92 -13.27 -19.23
CA ALA B 505 19.04 -13.31 -20.68
C ALA B 505 17.66 -13.34 -21.34
N THR B 506 16.72 -14.09 -20.75
CA THR B 506 15.36 -14.10 -21.25
C THR B 506 14.70 -12.74 -21.09
N LEU B 507 14.92 -12.09 -19.95
CA LEU B 507 14.34 -10.77 -19.73
C LEU B 507 14.83 -9.77 -20.77
N ALA B 508 16.10 -9.87 -21.16
CA ALA B 508 16.64 -8.94 -22.16
C ALA B 508 16.17 -9.30 -23.56
N TYR B 509 16.10 -10.59 -23.90
CA TYR B 509 15.59 -11.00 -25.20
C TYR B 509 14.11 -10.70 -25.35
N LEU B 510 13.39 -10.58 -24.24
CA LEU B 510 11.97 -10.28 -24.28
C LEU B 510 11.69 -8.83 -24.65
N GLY B 511 12.69 -7.96 -24.56
CA GLY B 511 12.57 -6.57 -24.93
C GLY B 511 12.90 -6.25 -26.37
N ILE B 512 13.10 -7.26 -27.21
CA ILE B 512 13.40 -7.09 -28.62
C ILE B 512 12.24 -7.65 -29.43
N ASP B 513 11.78 -6.88 -30.41
CA ASP B 513 10.58 -7.25 -31.16
C ASP B 513 10.88 -8.36 -32.16
N GLN B 514 9.94 -9.30 -32.28
CA GLN B 514 10.06 -10.45 -33.17
C GLN B 514 11.36 -11.20 -32.92
N MET B 515 11.58 -11.55 -31.67
CA MET B 515 12.77 -12.27 -31.25
C MET B 515 12.41 -13.71 -30.93
N LEU B 516 13.18 -14.65 -31.45
CA LEU B 516 13.07 -16.05 -31.11
C LEU B 516 14.16 -16.39 -30.11
N ALA B 517 13.79 -16.58 -28.86
CA ALA B 517 14.74 -16.84 -27.79
C ALA B 517 14.98 -18.35 -27.70
N LEU B 518 16.19 -18.78 -28.03
CA LEU B 518 16.56 -20.19 -28.04
C LEU B 518 17.55 -20.46 -26.92
N LEU B 519 17.29 -21.51 -26.14
CA LEU B 519 18.17 -21.93 -25.07
C LEU B 519 18.80 -23.26 -25.44
N HIS B 520 20.13 -23.31 -25.39
CA HIS B 520 20.85 -24.56 -25.61
C HIS B 520 22.14 -24.57 -24.80
N GLY B 524 12.52 -28.98 -21.96
CA GLY B 524 11.53 -28.93 -20.91
C GLY B 524 12.14 -28.42 -19.62
N CYS B 525 13.49 -28.47 -19.65
CA CYS B 525 14.35 -27.95 -18.56
C CYS B 525 14.26 -26.41 -18.63
N SER B 526 13.70 -25.84 -19.71
CA SER B 526 13.62 -24.36 -19.91
C SER B 526 12.30 -23.81 -19.35
N THR B 527 11.36 -24.69 -19.06
CA THR B 527 10.05 -24.24 -18.62
C THR B 527 10.17 -23.29 -17.44
N PHE B 528 10.98 -23.67 -16.45
CA PHE B 528 11.05 -22.97 -15.16
C PHE B 528 11.29 -21.47 -15.32
N ILE B 529 12.06 -21.07 -16.33
CA ILE B 529 12.24 -19.65 -16.62
C ILE B 529 10.92 -19.02 -17.02
N ARG B 530 10.15 -19.71 -17.86
CA ARG B 530 8.91 -19.16 -18.40
C ARG B 530 7.90 -18.90 -17.28
N LEU B 531 7.69 -19.86 -16.39
CA LEU B 531 6.71 -19.68 -15.33
C LEU B 531 7.08 -18.52 -14.42
N GLN B 532 8.35 -18.42 -14.05
CA GLN B 532 8.76 -17.36 -13.13
C GLN B 532 8.61 -15.99 -13.75
N LEU B 533 9.12 -15.81 -14.98
CA LEU B 533 8.98 -14.51 -15.63
C LEU B 533 7.52 -14.17 -15.85
N SER B 534 6.71 -15.16 -16.24
CA SER B 534 5.29 -14.93 -16.46
C SER B 534 4.61 -14.50 -15.16
N ARG B 535 4.88 -15.19 -14.06
CA ARG B 535 4.22 -14.88 -12.81
C ARG B 535 4.61 -13.50 -12.29
N HIS B 536 5.85 -13.07 -12.51
CA HIS B 536 6.15 -11.68 -12.17
C HIS B 536 5.43 -10.72 -13.10
N PHE B 537 5.34 -11.04 -14.39
CA PHE B 537 4.81 -10.10 -15.35
C PHE B 537 3.36 -10.38 -15.76
N LYS B 538 2.81 -11.54 -15.38
CA LYS B 538 1.46 -11.95 -15.76
C LYS B 538 1.24 -11.78 -17.26
N GLU B 539 2.18 -12.33 -18.04
CA GLU B 539 2.22 -12.11 -19.46
C GLU B 539 2.83 -13.33 -20.13
N PRO B 540 2.44 -13.65 -21.37
CA PRO B 540 3.05 -14.78 -22.07
C PRO B 540 4.49 -14.47 -22.44
N VAL B 541 5.35 -15.48 -22.34
CA VAL B 541 6.73 -15.38 -22.75
C VAL B 541 7.04 -16.56 -23.66
N ALA B 542 7.94 -16.35 -24.62
CA ALA B 542 8.30 -17.35 -25.61
C ALA B 542 9.75 -17.73 -25.40
N LEU B 543 9.98 -18.99 -25.02
CA LEU B 543 11.33 -19.50 -24.76
C LEU B 543 11.48 -20.88 -25.38
N ASN B 544 11.17 -21.00 -26.67
CA ASN B 544 11.37 -22.26 -27.37
C ASN B 544 12.83 -22.69 -27.27
N SER B 545 13.04 -23.95 -26.89
CA SER B 545 14.38 -24.48 -26.68
C SER B 545 14.64 -25.64 -27.62
N THR B 546 15.93 -25.89 -27.86
CA THR B 546 16.34 -26.98 -28.74
C THR B 546 16.69 -28.22 -27.93
N ASN B 560 21.97 -31.59 -36.13
CA ASN B 560 20.64 -31.35 -35.61
C ASN B 560 20.45 -29.88 -35.24
N LEU B 561 21.57 -29.21 -34.90
CA LEU B 561 21.51 -27.79 -34.57
C LEU B 561 21.05 -26.98 -35.77
N LYS B 562 21.69 -27.17 -36.92
CA LYS B 562 21.31 -26.44 -38.13
C LYS B 562 19.90 -26.83 -38.57
N LYS B 563 19.55 -28.12 -38.45
CA LYS B 563 18.22 -28.57 -38.84
C LYS B 563 17.15 -27.87 -38.02
N GLY B 564 17.32 -27.84 -36.69
CA GLY B 564 16.36 -27.17 -35.84
C GLY B 564 16.30 -25.67 -36.08
N LEU B 565 17.46 -25.05 -36.29
CA LEU B 565 17.48 -23.62 -36.58
C LEU B 565 16.73 -23.30 -37.86
N LYS B 566 16.96 -24.09 -38.92
CA LYS B 566 16.15 -23.98 -40.12
C LYS B 566 14.66 -24.06 -39.77
N LYS B 567 14.26 -25.20 -39.21
CA LYS B 567 12.88 -25.44 -38.80
C LYS B 567 12.23 -24.20 -38.21
N VAL B 568 12.85 -23.67 -37.15
CA VAL B 568 12.23 -22.55 -36.46
C VAL B 568 12.14 -21.33 -37.38
N ILE B 569 13.25 -20.97 -38.03
CA ILE B 569 13.20 -19.71 -38.78
C ILE B 569 12.16 -19.77 -39.89
N GLU B 570 11.89 -20.95 -40.46
CA GLU B 570 10.78 -21.02 -41.40
C GLU B 570 9.44 -20.90 -40.68
N LYS B 571 9.27 -21.64 -39.59
CA LYS B 571 7.95 -21.67 -38.94
C LYS B 571 7.52 -20.29 -38.48
N PHE B 572 8.42 -19.53 -37.87
CA PHE B 572 8.00 -18.32 -37.19
C PHE B 572 8.43 -17.04 -37.89
N SER B 573 9.24 -17.13 -38.96
CA SER B 573 9.71 -15.98 -39.72
C SER B 573 10.22 -14.84 -38.83
N PRO B 574 11.23 -15.09 -38.00
CA PRO B 574 11.75 -14.03 -37.12
C PRO B 574 12.76 -13.16 -37.84
N GLU B 575 13.06 -12.01 -37.24
CA GLU B 575 14.10 -11.13 -37.72
C GLU B 575 15.31 -11.07 -36.79
N VAL B 576 15.35 -11.93 -35.77
CA VAL B 576 16.51 -12.06 -34.90
C VAL B 576 16.35 -13.32 -34.05
N VAL B 577 17.46 -13.99 -33.78
CA VAL B 577 17.46 -15.22 -32.99
C VAL B 577 18.39 -15.03 -31.80
N GLY B 578 17.88 -15.29 -30.60
CA GLY B 578 18.68 -15.18 -29.40
C GLY B 578 19.11 -16.52 -28.84
N VAL B 579 20.40 -16.79 -28.87
CA VAL B 579 20.98 -18.04 -28.38
C VAL B 579 21.81 -17.73 -27.16
N MET B 580 21.52 -18.41 -26.04
CA MET B 580 22.27 -18.23 -24.80
C MET B 580 22.80 -19.58 -24.35
N THR B 581 24.11 -19.64 -24.11
CA THR B 581 24.78 -20.83 -23.63
C THR B 581 25.66 -20.47 -22.44
N SER B 582 25.76 -21.40 -21.50
CA SER B 582 26.60 -21.23 -20.33
C SER B 582 27.69 -22.28 -20.34
N GLY B 583 28.94 -21.85 -20.31
CA GLY B 583 30.07 -22.75 -20.35
C GLY B 583 30.90 -22.63 -21.62
N VAL B 592 31.03 -23.45 -31.49
CA VAL B 592 29.64 -23.28 -31.88
C VAL B 592 29.52 -22.18 -32.92
N ARG B 593 30.47 -21.24 -32.91
CA ARG B 593 30.55 -20.24 -33.96
C ARG B 593 30.57 -20.89 -35.34
N SER B 594 31.32 -21.98 -35.47
CA SER B 594 31.33 -22.74 -36.71
C SER B 594 29.96 -23.33 -37.01
N ALA B 595 29.21 -23.73 -35.99
CA ALA B 595 27.87 -24.27 -36.24
C ALA B 595 26.91 -23.19 -36.73
N ILE B 596 27.02 -21.97 -36.20
CA ILE B 596 26.17 -20.88 -36.66
C ILE B 596 26.53 -20.49 -38.08
N VAL B 597 27.83 -20.39 -38.37
CA VAL B 597 28.23 -20.12 -39.75
C VAL B 597 27.87 -21.28 -40.66
N HIS B 598 27.72 -22.49 -40.11
CA HIS B 598 27.24 -23.62 -40.90
C HIS B 598 25.77 -23.43 -41.27
N PHE B 599 24.94 -23.09 -40.28
CA PHE B 599 23.54 -22.84 -40.60
C PHE B 599 23.40 -21.75 -41.66
N ARG B 600 24.17 -20.67 -41.52
CA ARG B 600 24.15 -19.63 -42.54
C ARG B 600 24.66 -20.15 -43.87
N GLN B 601 25.66 -21.03 -43.83
CA GLN B 601 26.25 -21.58 -45.06
C GLN B 601 25.27 -22.51 -45.77
N GLU B 602 24.71 -23.47 -45.04
CA GLU B 602 23.85 -24.48 -45.66
C GLU B 602 22.65 -23.85 -46.34
N TYR B 603 22.14 -22.74 -45.79
CA TYR B 603 20.95 -22.09 -46.33
C TYR B 603 21.13 -20.58 -46.26
N PRO B 604 21.50 -19.93 -47.35
CA PRO B 604 21.59 -18.47 -47.38
C PRO B 604 20.25 -17.78 -47.54
N GLU B 605 19.14 -18.50 -47.63
CA GLU B 605 17.87 -17.79 -47.63
C GLU B 605 17.66 -17.09 -46.29
N HIS B 606 18.15 -17.69 -45.21
CA HIS B 606 18.02 -17.17 -43.87
C HIS B 606 19.27 -16.43 -43.41
N ASP B 607 20.16 -16.05 -44.33
CA ASP B 607 21.40 -15.37 -43.92
C ASP B 607 21.09 -14.04 -43.25
N GLY B 608 20.03 -13.37 -43.69
CA GLY B 608 19.73 -12.04 -43.16
C GLY B 608 19.41 -12.03 -41.69
N VAL B 609 18.79 -13.09 -41.19
CA VAL B 609 18.36 -13.16 -39.79
C VAL B 609 19.57 -13.18 -38.89
N PRO B 610 19.76 -12.18 -38.04
CA PRO B 610 20.92 -12.16 -37.14
C PRO B 610 20.75 -13.08 -35.96
N VAL B 611 21.87 -13.66 -35.52
CA VAL B 611 21.92 -14.53 -34.37
C VAL B 611 22.78 -13.87 -33.31
N VAL B 612 22.23 -13.70 -32.11
CA VAL B 612 22.95 -13.10 -30.99
C VAL B 612 23.28 -14.21 -30.00
N TRP B 613 24.57 -14.40 -29.73
CA TRP B 613 25.05 -15.50 -28.91
C TRP B 613 25.63 -14.92 -27.62
N ALA B 614 25.04 -15.30 -26.48
CA ALA B 614 25.42 -14.77 -25.18
C ALA B 614 25.93 -15.88 -24.29
N SER B 615 26.97 -15.59 -23.50
CA SER B 615 27.58 -16.56 -22.62
C SER B 615 27.76 -15.98 -21.23
N THR B 616 27.36 -16.73 -20.23
CA THR B 616 27.66 -16.33 -18.85
C THR B 616 28.73 -17.29 -18.45
N PRO B 617 29.87 -16.83 -17.89
CA PRO B 617 31.02 -17.71 -17.69
C PRO B 617 31.03 -18.80 -16.62
N ASP B 618 30.37 -18.59 -15.49
CA ASP B 618 30.53 -19.63 -14.45
C ASP B 618 29.26 -20.30 -13.95
N TYR B 619 28.10 -20.03 -14.53
CA TYR B 619 26.87 -20.58 -13.92
C TYR B 619 26.99 -20.32 -12.44
N CYS B 620 27.56 -19.17 -12.08
CA CYS B 620 27.71 -18.75 -10.67
C CYS B 620 27.19 -17.31 -10.55
N GLY B 621 26.15 -16.92 -11.26
CA GLY B 621 25.66 -15.53 -11.24
C GLY B 621 24.17 -15.42 -11.18
N SER B 622 23.61 -14.20 -11.19
CA SER B 622 22.18 -14.08 -11.01
C SER B 622 21.61 -13.46 -12.28
N LEU B 623 20.36 -13.01 -12.18
CA LEU B 623 19.67 -12.37 -13.29
C LEU B 623 20.49 -11.21 -13.85
N GLN B 624 21.17 -10.47 -12.97
CA GLN B 624 21.89 -9.26 -13.39
C GLN B 624 23.05 -9.59 -14.33
N GLU B 625 23.83 -10.62 -13.99
CA GLU B 625 24.97 -10.98 -14.84
C GLU B 625 24.50 -11.43 -16.23
N GLY B 626 23.46 -12.27 -16.28
CA GLY B 626 22.95 -12.71 -17.56
C GLY B 626 22.40 -11.56 -18.39
N TYR B 627 21.64 -10.66 -17.76
CA TYR B 627 21.11 -9.49 -18.45
C TYR B 627 22.24 -8.66 -19.03
N ALA B 628 23.28 -8.39 -18.23
CA ALA B 628 24.39 -7.58 -18.71
C ALA B 628 25.11 -8.28 -19.86
N ALA B 629 25.33 -9.60 -19.75
CA ALA B 629 26.05 -10.32 -20.79
C ALA B 629 25.29 -10.30 -22.12
N THR B 630 23.98 -10.54 -22.07
CA THR B 630 23.23 -10.57 -23.32
C THR B 630 23.03 -9.17 -23.90
N VAL B 631 22.92 -8.14 -23.05
CA VAL B 631 22.85 -6.78 -23.57
C VAL B 631 24.17 -6.41 -24.24
N GLU B 632 25.29 -6.81 -23.64
CA GLU B 632 26.59 -6.57 -24.26
C GLU B 632 26.72 -7.31 -25.59
N ALA B 633 26.19 -8.53 -25.65
CA ALA B 633 26.22 -9.28 -26.91
C ALA B 633 25.37 -8.59 -27.98
N ILE B 634 24.21 -8.08 -27.60
CA ILE B 634 23.36 -7.35 -28.56
C ILE B 634 24.07 -6.09 -29.04
N VAL B 635 24.71 -5.36 -28.12
CA VAL B 635 25.36 -4.11 -28.46
C VAL B 635 26.53 -4.33 -29.40
N ARG B 636 27.24 -5.45 -29.25
CA ARG B 636 28.41 -5.70 -30.08
C ARG B 636 28.06 -6.18 -31.50
N SER B 637 26.86 -6.69 -31.71
CA SER B 637 26.51 -7.35 -32.96
C SER B 637 25.58 -6.52 -33.83
N VAL B 638 24.43 -6.09 -33.30
CA VAL B 638 23.39 -5.48 -34.12
C VAL B 638 23.74 -4.06 -34.56
N PRO B 639 24.09 -3.13 -33.66
CA PRO B 639 24.24 -1.73 -34.06
C PRO B 639 25.34 -1.55 -35.11
N GLU B 640 25.08 -0.63 -36.04
CA GLU B 640 26.02 -0.29 -37.09
C GLU B 640 26.45 1.17 -36.98
N PRO B 641 27.72 1.46 -37.19
CA PRO B 641 28.19 2.84 -37.05
C PRO B 641 27.86 3.67 -38.27
N GLY B 642 27.59 4.94 -38.02
CA GLY B 642 27.28 5.87 -39.09
C GLY B 642 27.50 7.29 -38.65
N GLU B 643 26.83 8.20 -39.34
CA GLU B 643 26.90 9.62 -39.01
C GLU B 643 26.00 9.95 -37.83
N THR B 644 26.54 10.77 -36.92
CA THR B 644 25.87 11.07 -35.67
C THR B 644 24.59 11.85 -35.92
N ILE B 645 23.49 11.36 -35.35
CA ILE B 645 22.19 12.00 -35.46
C ILE B 645 21.96 12.82 -34.20
N PRO B 646 21.92 14.14 -34.28
CA PRO B 646 21.71 14.94 -33.07
C PRO B 646 20.32 14.71 -32.50
N GLY B 647 20.22 14.78 -31.17
CA GLY B 647 18.97 14.54 -30.49
C GLY B 647 18.63 13.09 -30.26
N GLN B 648 19.51 12.16 -30.59
CA GLN B 648 19.28 10.74 -30.41
C GLN B 648 20.18 10.22 -29.28
N VAL B 649 19.57 9.55 -28.30
CA VAL B 649 20.31 9.01 -27.17
C VAL B 649 19.97 7.53 -27.02
N THR B 650 20.99 6.70 -26.88
CA THR B 650 20.81 5.28 -26.63
C THR B 650 20.78 5.04 -25.13
N VAL B 651 19.68 4.48 -24.64
CA VAL B 651 19.49 4.23 -23.22
C VAL B 651 19.58 2.72 -23.01
N LEU B 652 20.53 2.30 -22.16
CA LEU B 652 20.66 0.91 -21.78
C LEU B 652 20.11 0.74 -20.37
N PRO B 653 18.86 0.34 -20.20
CA PRO B 653 18.29 0.25 -18.85
C PRO B 653 18.75 -1.01 -18.13
N GLY B 654 18.79 -0.91 -16.80
CA GLY B 654 19.17 -2.03 -15.99
C GLY B 654 18.03 -2.99 -15.75
N ALA B 655 18.40 -4.19 -15.31
CA ALA B 655 17.40 -5.22 -15.02
C ALA B 655 16.55 -4.88 -13.81
N HIS B 656 17.03 -4.00 -12.93
CA HIS B 656 16.28 -3.62 -11.74
C HIS B 656 15.13 -2.67 -12.05
N LEU B 657 15.01 -2.18 -13.29
CA LEU B 657 13.98 -1.23 -13.66
C LEU B 657 12.74 -1.98 -14.14
N THR B 658 11.59 -1.67 -13.52
CA THR B 658 10.33 -2.22 -13.97
C THR B 658 9.93 -1.58 -15.30
N PRO B 659 9.01 -2.18 -16.04
CA PRO B 659 8.57 -1.57 -17.31
C PRO B 659 8.07 -0.13 -17.16
N ALA B 660 7.39 0.17 -16.05
CA ALA B 660 6.92 1.52 -15.81
C ALA B 660 8.08 2.49 -15.72
N ASP B 661 9.19 2.08 -15.09
CA ASP B 661 10.37 2.93 -15.01
C ASP B 661 10.98 3.18 -16.38
N VAL B 662 10.98 2.15 -17.25
CA VAL B 662 11.51 2.34 -18.60
C VAL B 662 10.64 3.33 -19.37
N GLU B 663 9.32 3.21 -19.23
CA GLU B 663 8.42 4.17 -19.88
C GLU B 663 8.66 5.58 -19.35
N GLU B 664 8.83 5.72 -18.04
CA GLU B 664 9.07 7.05 -17.48
C GLU B 664 10.41 7.62 -17.94
N VAL B 665 11.43 6.78 -18.07
CA VAL B 665 12.71 7.24 -18.58
C VAL B 665 12.56 7.73 -20.01
N ARG B 666 11.80 7.00 -20.83
CA ARG B 666 11.53 7.46 -22.19
C ARG B 666 10.83 8.81 -22.18
N GLU B 667 9.86 8.99 -21.29
CA GLU B 667 9.12 10.25 -21.25
C GLU B 667 10.00 11.40 -20.77
N LEU B 668 10.88 11.14 -19.80
CA LEU B 668 11.80 12.17 -19.35
C LEU B 668 12.77 12.58 -20.45
N CYS B 669 13.24 11.60 -21.23
CA CYS B 669 14.13 11.92 -22.34
C CYS B 669 13.40 12.67 -23.45
N GLU B 670 12.13 12.33 -23.68
CA GLU B 670 11.36 12.99 -24.73
C GLU B 670 10.96 14.40 -24.34
N ALA B 671 10.81 14.67 -23.04
CA ALA B 671 10.49 16.02 -22.60
C ALA B 671 11.62 17.00 -22.89
N PHE B 672 12.85 16.50 -22.98
CA PHE B 672 14.00 17.34 -23.30
C PHE B 672 14.21 17.51 -24.80
N GLY B 673 13.33 16.94 -25.62
CA GLY B 673 13.48 17.04 -27.06
C GLY B 673 14.41 16.00 -27.65
N LEU B 674 14.67 14.91 -26.94
CA LEU B 674 15.58 13.87 -27.39
C LEU B 674 14.81 12.64 -27.83
N ASP B 675 15.42 11.88 -28.73
CA ASP B 675 14.84 10.62 -29.18
C ASP B 675 15.49 9.49 -28.42
N PRO B 676 14.77 8.78 -27.54
CA PRO B 676 15.38 7.67 -26.81
C PRO B 676 15.27 6.35 -27.55
N ILE B 677 16.39 5.70 -27.80
CA ILE B 677 16.41 4.33 -28.30
C ILE B 677 16.78 3.44 -27.13
N ILE B 678 15.83 2.69 -26.61
CA ILE B 678 16.00 1.92 -25.39
C ILE B 678 16.24 0.46 -25.76
N VAL B 679 17.39 -0.06 -25.37
CA VAL B 679 17.75 -1.46 -25.66
C VAL B 679 18.07 -2.16 -24.35
N PRO B 680 17.27 -3.16 -23.93
CA PRO B 680 16.00 -3.60 -24.51
C PRO B 680 14.81 -2.79 -24.00
N ASP B 681 13.66 -2.88 -24.66
CA ASP B 681 12.47 -2.13 -24.29
C ASP B 681 11.43 -3.11 -23.77
N ILE B 682 11.48 -3.39 -22.45
CA ILE B 682 10.46 -4.22 -21.82
C ILE B 682 9.22 -3.43 -21.43
N ALA B 683 9.21 -2.11 -21.68
CA ALA B 683 8.09 -1.28 -21.26
C ALA B 683 6.85 -1.48 -22.11
N ASN B 684 7.01 -1.98 -23.34
CA ASN B 684 5.86 -2.25 -24.20
C ASN B 684 5.62 -3.73 -24.43
N ALA B 685 6.62 -4.57 -24.16
CA ALA B 685 6.46 -6.02 -24.37
C ALA B 685 5.99 -6.69 -23.09
N LEU B 686 6.79 -6.67 -22.04
CA LEU B 686 6.38 -7.33 -20.82
C LEU B 686 5.77 -6.35 -19.83
N ASP B 687 4.87 -5.56 -20.37
CA ASP B 687 3.96 -4.72 -19.62
C ASP B 687 2.56 -5.08 -20.05
N GLY B 688 1.57 -4.72 -19.23
CA GLY B 688 0.19 -5.00 -19.59
C GLY B 688 -0.13 -4.52 -20.99
N HIS B 689 -0.40 -5.44 -21.90
CA HIS B 689 -0.69 -5.03 -23.27
C HIS B 689 -1.52 -6.13 -23.94
N ILE B 690 -2.41 -5.70 -24.82
CA ILE B 690 -3.26 -6.63 -25.56
C ILE B 690 -3.28 -6.27 -27.04
N VAL B 694 -1.29 -12.63 -31.88
CA VAL B 694 -0.53 -13.56 -31.08
C VAL B 694 0.46 -14.33 -31.96
N SER B 695 1.73 -14.29 -31.57
CA SER B 695 2.78 -14.98 -32.29
C SER B 695 3.66 -15.74 -31.33
N PRO B 696 4.27 -16.84 -31.79
CA PRO B 696 5.25 -17.55 -30.96
C PRO B 696 6.58 -16.80 -30.80
N LEU B 697 6.70 -15.61 -31.36
CA LEU B 697 7.82 -14.71 -31.09
C LEU B 697 7.40 -13.65 -30.08
N SER B 698 8.39 -12.90 -29.60
CA SER B 698 8.14 -11.82 -28.64
C SER B 698 7.86 -10.53 -29.38
N THR B 699 6.76 -9.88 -29.01
CA THR B 699 6.33 -8.64 -29.66
C THR B 699 6.24 -7.53 -28.64
N GLY B 700 6.37 -6.29 -29.12
CA GLY B 700 6.26 -5.10 -28.31
C GLY B 700 7.58 -4.40 -28.04
N GLY B 701 8.70 -5.11 -28.14
CA GLY B 701 9.98 -4.53 -27.83
C GLY B 701 10.49 -3.55 -28.87
N VAL B 702 11.80 -3.32 -28.90
CA VAL B 702 12.41 -2.40 -29.84
C VAL B 702 12.72 -3.14 -31.13
N SER B 703 12.38 -2.53 -32.27
CA SER B 703 12.58 -3.17 -33.55
C SER B 703 14.07 -3.20 -33.91
N MET B 704 14.39 -3.99 -34.93
CA MET B 704 15.78 -4.17 -35.32
C MET B 704 16.35 -2.95 -36.03
N ALA B 705 15.51 -2.21 -36.75
CA ALA B 705 15.97 -0.97 -37.38
C ALA B 705 16.42 0.03 -36.33
N ARG B 706 15.68 0.14 -35.23
CA ARG B 706 16.04 1.08 -34.18
C ARG B 706 17.34 0.67 -33.49
N ILE B 707 17.52 -0.64 -33.25
CA ILE B 707 18.77 -1.09 -32.63
C ILE B 707 19.94 -0.86 -33.57
N ARG B 708 19.72 -1.06 -34.88
CA ARG B 708 20.78 -0.82 -35.85
C ARG B 708 21.15 0.66 -35.91
N GLN B 709 20.15 1.55 -35.88
CA GLN B 709 20.43 2.97 -35.94
C GLN B 709 20.84 3.56 -34.60
N ALA B 710 20.76 2.78 -33.52
CA ALA B 710 21.26 3.24 -32.22
C ALA B 710 22.77 3.43 -32.22
N GLY B 711 23.48 2.91 -33.21
CA GLY B 711 24.90 3.13 -33.34
C GLY B 711 25.28 4.49 -33.87
N GLN B 712 24.30 5.33 -34.19
CA GLN B 712 24.54 6.70 -34.63
C GLN B 712 24.11 7.72 -33.58
N SER B 713 23.90 7.29 -32.34
CA SER B 713 23.42 8.19 -31.30
C SER B 713 24.53 9.14 -30.86
N ALA B 714 24.12 10.28 -30.31
CA ALA B 714 25.07 11.28 -29.83
C ALA B 714 25.68 10.88 -28.49
N ALA B 715 24.92 10.19 -27.64
CA ALA B 715 25.41 9.79 -26.34
C ALA B 715 24.75 8.48 -25.92
N THR B 716 25.37 7.80 -24.97
CA THR B 716 24.88 6.54 -24.43
C THR B 716 24.67 6.69 -22.93
N LEU B 717 23.46 6.39 -22.47
CA LEU B 717 23.11 6.45 -21.06
C LEU B 717 22.78 5.04 -20.57
N PHE B 718 23.40 4.64 -19.47
CA PHE B 718 23.10 3.36 -18.85
C PHE B 718 22.76 3.56 -17.38
N ILE B 719 21.73 2.87 -16.91
CA ILE B 719 21.24 2.98 -15.55
C ILE B 719 21.61 1.68 -14.85
N GLY B 720 22.74 1.69 -14.15
CA GLY B 720 23.23 0.51 -13.47
C GLY B 720 24.70 0.28 -13.71
N ASP B 721 25.43 -0.07 -12.65
CA ASP B 721 26.87 -0.26 -12.78
C ASP B 721 27.20 -1.46 -13.65
N SER B 722 26.41 -2.53 -13.55
CA SER B 722 26.69 -3.75 -14.28
C SER B 722 26.66 -3.55 -15.80
N LEU B 723 26.01 -2.49 -16.27
CA LEU B 723 25.93 -2.21 -17.70
C LEU B 723 27.12 -1.40 -18.21
N ALA B 724 28.02 -0.96 -17.32
CA ALA B 724 29.12 -0.11 -17.74
C ALA B 724 29.90 -0.72 -18.90
N LYS B 725 30.25 -2.01 -18.78
CA LYS B 725 30.95 -2.70 -19.84
C LYS B 725 30.24 -2.54 -21.17
N ALA B 726 28.91 -2.78 -21.17
CA ALA B 726 28.14 -2.65 -22.40
C ALA B 726 28.33 -1.26 -23.00
N ALA B 727 28.26 -0.22 -22.18
CA ALA B 727 28.46 1.13 -22.68
C ALA B 727 29.83 1.27 -23.34
N GLU B 728 30.87 0.75 -22.67
CA GLU B 728 32.20 0.81 -23.26
C GLU B 728 32.27 0.00 -24.55
N ALA B 729 31.46 -1.05 -24.65
CA ALA B 729 31.39 -1.81 -25.90
C ALA B 729 31.01 -0.92 -27.07
N MET B 730 30.20 0.11 -26.83
CA MET B 730 29.92 1.08 -27.88
C MET B 730 31.04 2.11 -27.99
N THR B 731 31.60 2.53 -26.86
CA THR B 731 32.53 3.65 -26.86
C THR B 731 33.76 3.36 -27.72
N GLU B 732 34.28 2.15 -27.64
CA GLU B 732 35.44 1.78 -28.46
C GLU B 732 35.05 1.32 -29.85
N ARG B 733 33.76 1.06 -30.10
CA ARG B 733 33.36 0.62 -31.44
C ARG B 733 33.13 1.80 -32.38
N CYS B 734 32.65 2.92 -31.83
CA CYS B 734 32.34 4.11 -32.67
C CYS B 734 32.95 5.37 -32.07
N GLY B 735 32.85 5.54 -30.74
CA GLY B 735 33.36 6.74 -30.11
C GLY B 735 32.37 7.62 -29.37
N MET B 736 31.13 7.18 -29.17
CA MET B 736 30.18 8.02 -28.48
C MET B 736 30.52 8.15 -26.99
N PRO B 737 30.27 9.31 -26.39
CA PRO B 737 30.42 9.45 -24.94
C PRO B 737 29.37 8.62 -24.21
N SER B 738 29.76 8.11 -23.05
CA SER B 738 28.89 7.29 -22.21
C SER B 738 28.67 7.98 -20.89
N TYR B 739 27.41 8.07 -20.46
CA TYR B 739 27.04 8.70 -19.20
C TYR B 739 26.36 7.66 -18.32
N GLY B 740 26.82 7.51 -17.09
CA GLY B 740 26.36 6.47 -16.20
C GLY B 740 25.70 7.01 -14.96
N PHE B 741 24.65 6.32 -14.51
CA PHE B 741 23.93 6.68 -13.30
C PHE B 741 23.63 5.40 -12.53
N THR B 742 24.08 5.33 -11.28
CA THR B 742 23.84 4.14 -10.48
C THR B 742 22.35 3.97 -10.18
N SER B 743 21.66 5.06 -9.89
CA SER B 743 20.24 5.00 -9.55
C SER B 743 19.55 6.26 -10.03
N LEU B 744 18.23 6.16 -10.21
CA LEU B 744 17.39 7.30 -10.52
C LEU B 744 16.38 7.56 -9.41
N THR B 745 16.67 7.10 -8.19
CA THR B 745 15.86 7.35 -7.02
C THR B 745 16.67 8.20 -6.04
N GLY B 746 16.04 9.23 -5.50
CA GLY B 746 16.73 10.15 -4.61
C GLY B 746 16.93 11.47 -5.33
N LEU B 747 16.84 12.57 -4.57
CA LEU B 747 16.82 13.90 -5.17
C LEU B 747 18.12 14.18 -5.93
N ALA B 748 19.26 13.87 -5.32
CA ALA B 748 20.54 14.20 -5.95
C ALA B 748 20.79 13.39 -7.22
N GLN B 749 20.39 12.11 -7.21
CA GLN B 749 20.61 11.26 -8.37
C GLN B 749 19.76 11.71 -9.55
N VAL B 750 18.48 11.99 -9.31
CA VAL B 750 17.63 12.54 -10.36
C VAL B 750 18.14 13.90 -10.81
N ASP B 751 18.71 14.68 -9.89
CA ASP B 751 19.29 15.96 -10.26
C ASP B 751 20.43 15.78 -11.25
N ARG B 752 21.31 14.81 -10.98
CA ARG B 752 22.40 14.54 -11.91
C ARG B 752 21.88 14.07 -13.25
N PHE B 753 20.85 13.23 -13.25
CA PHE B 753 20.26 12.78 -14.50
C PHE B 753 19.71 13.95 -15.31
N MET B 754 19.01 14.87 -14.65
CA MET B 754 18.45 16.03 -15.35
C MET B 754 19.56 16.94 -15.87
N GLU B 755 20.63 17.12 -15.10
CA GLU B 755 21.75 17.94 -15.57
C GLU B 755 22.40 17.32 -16.80
N THR B 756 22.61 16.01 -16.78
CA THR B 756 23.19 15.35 -17.94
C THR B 756 22.28 15.44 -19.16
N LEU B 757 20.97 15.28 -18.95
CA LEU B 757 20.03 15.39 -20.07
C LEU B 757 20.02 16.79 -20.65
N ALA B 758 20.06 17.81 -19.78
CA ALA B 758 20.11 19.19 -20.26
C ALA B 758 21.39 19.48 -21.01
N ALA B 759 22.52 18.93 -20.54
CA ALA B 759 23.77 19.12 -21.25
C ALA B 759 23.75 18.46 -22.61
N ILE B 760 23.18 17.26 -22.71
CA ILE B 760 23.12 16.56 -23.98
C ILE B 760 22.19 17.27 -24.95
N ALA B 761 21.00 17.63 -24.49
CA ALA B 761 20.01 18.25 -25.37
C ALA B 761 20.34 19.71 -25.67
N GLY B 762 21.01 20.41 -24.76
CA GLY B 762 21.28 21.82 -24.94
C GLY B 762 20.13 22.73 -24.60
N ARG B 763 19.03 22.21 -24.08
CA ARG B 763 17.87 22.97 -23.66
C ARG B 763 17.85 23.10 -22.15
N PRO B 764 17.16 24.13 -21.63
CA PRO B 764 16.97 24.22 -20.18
C PRO B 764 16.05 23.12 -19.67
N ILE B 765 16.11 22.89 -18.37
CA ILE B 765 15.29 21.85 -17.75
C ILE B 765 13.82 22.27 -17.77
N PRO B 766 12.90 21.42 -18.19
CA PRO B 766 11.49 21.80 -18.21
C PRO B 766 10.96 22.10 -16.81
N GLU B 767 10.00 23.01 -16.74
CA GLU B 767 9.49 23.51 -15.45
C GLU B 767 8.60 22.50 -14.74
N LYS B 768 7.98 21.57 -15.46
CA LYS B 768 7.24 20.50 -14.81
C LYS B 768 8.13 19.73 -13.85
N PHE B 769 9.38 19.49 -14.25
CA PHE B 769 10.32 18.80 -13.38
C PHE B 769 10.74 19.67 -12.20
N ARG B 770 10.76 20.99 -12.38
CA ARG B 770 11.01 21.87 -11.24
C ARG B 770 9.89 21.77 -10.20
N ARG B 771 8.65 21.77 -10.67
CA ARG B 771 7.52 21.59 -9.77
C ARG B 771 7.59 20.24 -9.07
N TRP B 772 7.95 19.18 -9.81
CA TRP B 772 8.03 17.86 -9.21
C TRP B 772 9.17 17.76 -8.19
N ARG B 773 10.28 18.46 -8.45
CA ARG B 773 11.36 18.50 -7.47
C ARG B 773 10.90 19.21 -6.19
N SER B 774 10.16 20.30 -6.33
CA SER B 774 9.62 20.96 -5.15
C SER B 774 8.68 20.04 -4.37
N ARG B 775 7.84 19.29 -5.08
CA ARG B 775 6.94 18.35 -4.42
C ARG B 775 7.71 17.27 -3.67
N LEU B 776 8.76 16.73 -4.31
CA LEU B 776 9.58 15.71 -3.65
C LEU B 776 10.29 16.27 -2.43
N MET B 777 10.76 17.51 -2.50
CA MET B 777 11.38 18.15 -1.34
C MET B 777 10.40 18.25 -0.18
N ASP B 778 9.18 18.72 -0.46
CA ASP B 778 8.16 18.80 0.57
C ASP B 778 7.87 17.44 1.18
N ALA B 779 7.74 16.42 0.33
CA ALA B 779 7.44 15.08 0.82
C ALA B 779 8.57 14.54 1.70
N MET B 780 9.83 14.80 1.31
CA MET B 780 10.94 14.34 2.12
C MET B 780 10.94 15.02 3.48
N VAL B 781 10.71 16.33 3.51
CA VAL B 781 10.64 17.04 4.80
C VAL B 781 9.54 16.46 5.67
N ASP B 782 8.36 16.21 5.08
CA ASP B 782 7.22 15.77 5.86
C ASP B 782 7.33 14.32 6.31
N SER B 783 8.09 13.49 5.59
CA SER B 783 8.14 12.07 5.87
C SER B 783 9.45 11.62 6.50
N HIS B 784 10.41 12.51 6.71
CA HIS B 784 11.65 12.09 7.37
C HIS B 784 11.45 11.68 8.81
N TYR B 785 10.30 11.98 9.41
CA TYR B 785 10.07 11.61 10.80
C TYR B 785 9.79 10.11 10.95
N GLN B 786 9.27 9.48 9.90
CA GLN B 786 8.97 8.05 9.95
C GLN B 786 10.15 7.18 9.55
N PHE B 787 11.09 7.72 8.79
CA PHE B 787 12.26 6.96 8.37
C PHE B 787 13.41 7.05 9.36
N GLY B 788 13.40 8.06 10.23
CA GLY B 788 14.52 8.31 11.12
C GLY B 788 14.83 7.21 12.11
N LEU B 789 16.09 6.76 12.11
CA LEU B 789 16.60 5.80 13.10
C LEU B 789 15.83 4.49 13.08
N LYS B 790 15.26 4.13 11.93
CA LYS B 790 14.58 2.86 11.77
C LYS B 790 15.55 1.82 11.23
N LYS B 791 15.33 0.56 11.61
CA LYS B 791 16.22 -0.53 11.24
C LYS B 791 15.65 -1.27 10.03
N VAL B 792 16.45 -1.36 8.97
CA VAL B 792 16.04 -1.91 7.70
C VAL B 792 17.08 -2.93 7.26
N THR B 793 16.61 -4.06 6.73
CA THR B 793 17.47 -5.08 6.15
C THR B 793 17.08 -5.28 4.70
N VAL B 794 18.04 -5.14 3.80
CA VAL B 794 17.80 -5.21 2.36
C VAL B 794 18.54 -6.43 1.81
N ALA B 795 17.80 -7.27 1.09
CA ALA B 795 18.34 -8.49 0.47
C ALA B 795 17.86 -8.51 -0.98
N LEU B 796 18.64 -7.92 -1.87
CA LEU B 796 18.28 -7.83 -3.28
C LEU B 796 19.53 -8.09 -4.11
N GLU B 797 19.39 -7.93 -5.43
CA GLU B 797 20.53 -8.05 -6.32
C GLU B 797 21.29 -6.73 -6.36
N GLY B 798 22.48 -6.78 -6.96
CA GLY B 798 23.48 -5.74 -6.75
C GLY B 798 22.98 -4.34 -7.02
N ASP B 799 22.45 -4.10 -8.22
CA ASP B 799 22.09 -2.74 -8.61
C ASP B 799 20.88 -2.23 -7.84
N ASN B 800 19.85 -3.06 -7.72
CA ASN B 800 18.68 -2.67 -6.93
C ASN B 800 19.04 -2.49 -5.46
N LEU B 801 19.93 -3.34 -4.95
CA LEU B 801 20.38 -3.20 -3.57
C LEU B 801 21.09 -1.87 -3.38
N LYS B 802 21.99 -1.51 -4.29
CA LYS B 802 22.66 -0.22 -4.21
C LYS B 802 21.66 0.92 -4.21
N THR B 803 20.72 0.88 -5.16
CA THR B 803 19.72 1.95 -5.27
C THR B 803 18.94 2.11 -3.97
N LEU B 804 18.35 1.03 -3.48
CA LEU B 804 17.46 1.14 -2.33
C LEU B 804 18.22 1.40 -1.04
N VAL B 805 19.40 0.81 -0.88
CA VAL B 805 20.21 1.06 0.31
C VAL B 805 20.63 2.51 0.36
N ASN B 806 21.08 3.06 -0.78
CA ASN B 806 21.48 4.47 -0.80
C ASN B 806 20.30 5.37 -0.51
N PHE B 807 19.14 5.08 -1.09
CA PHE B 807 17.96 5.92 -0.84
C PHE B 807 17.57 5.88 0.63
N LEU B 808 17.49 4.68 1.22
CA LEU B 808 17.05 4.56 2.60
C LEU B 808 18.07 5.17 3.56
N ALA B 809 19.36 5.02 3.28
CA ALA B 809 20.37 5.62 4.13
C ALA B 809 20.37 7.13 4.02
N GLY B 810 20.10 7.65 2.82
CA GLY B 810 19.98 9.09 2.65
C GLY B 810 18.75 9.69 3.27
N MET B 811 17.70 8.88 3.48
CA MET B 811 16.50 9.37 4.14
C MET B 811 16.52 9.15 5.65
N GLY B 812 17.60 8.60 6.20
CA GLY B 812 17.79 8.56 7.64
C GLY B 812 17.71 7.19 8.28
N CYS B 813 17.44 6.13 7.51
CA CYS B 813 17.31 4.81 8.09
C CYS B 813 18.67 4.21 8.43
N GLU B 814 18.68 3.34 9.43
CA GLU B 814 19.87 2.58 9.80
C GLU B 814 19.77 1.22 9.13
N ILE B 815 20.65 0.98 8.16
CA ILE B 815 20.65 -0.27 7.42
C ILE B 815 21.43 -1.30 8.23
N GLN B 816 20.72 -2.29 8.79
CA GLN B 816 21.37 -3.29 9.62
C GLN B 816 22.24 -4.21 8.77
N ALA B 817 21.67 -4.82 7.75
CA ALA B 817 22.39 -5.77 6.90
C ALA B 817 22.10 -5.49 5.44
N ALA B 818 23.13 -5.63 4.62
CA ALA B 818 23.01 -5.50 3.16
C ALA B 818 23.40 -6.86 2.57
N ILE B 819 22.39 -7.63 2.19
CA ILE B 819 22.59 -8.97 1.64
C ILE B 819 22.50 -8.87 0.12
N ALA B 820 23.60 -9.18 -0.56
CA ALA B 820 23.67 -9.13 -2.00
C ALA B 820 23.60 -10.55 -2.58
N ALA B 821 23.04 -10.65 -3.78
CA ALA B 821 22.93 -11.95 -4.44
C ALA B 821 24.29 -12.45 -4.90
N THR B 822 25.07 -11.58 -5.55
CA THR B 822 26.38 -11.93 -6.07
C THR B 822 27.38 -10.85 -5.71
N ARG B 823 28.66 -11.18 -5.87
CA ARG B 823 29.73 -10.21 -5.65
C ARG B 823 29.74 -9.20 -6.79
N VAL B 824 29.49 -7.93 -6.46
CA VAL B 824 29.45 -6.86 -7.44
C VAL B 824 30.38 -5.74 -6.97
N ARG B 825 30.64 -4.80 -7.87
CA ARG B 825 31.57 -3.72 -7.61
C ARG B 825 30.93 -2.68 -6.69
N GLY B 826 31.75 -2.08 -5.83
CA GLY B 826 31.28 -1.02 -4.97
C GLY B 826 30.37 -1.47 -3.85
N LEU B 827 30.46 -2.73 -3.44
CA LEU B 827 29.62 -3.22 -2.35
C LEU B 827 30.09 -2.70 -1.00
N ASP B 828 31.40 -2.54 -0.82
CA ASP B 828 31.93 -2.12 0.46
C ASP B 828 31.63 -0.67 0.79
N GLY B 829 31.40 0.16 -0.23
CA GLY B 829 31.10 1.56 0.00
C GLY B 829 29.66 1.85 0.34
N LEU B 830 28.84 0.83 0.52
CA LEU B 830 27.44 1.04 0.83
C LEU B 830 27.29 1.51 2.28
N PRO B 831 26.32 2.38 2.54
CA PRO B 831 26.11 2.91 3.90
C PRO B 831 25.37 1.94 4.81
N ALA B 832 25.98 0.79 5.07
CA ALA B 832 25.36 -0.25 5.88
C ALA B 832 26.35 -0.77 6.91
N ARG B 833 25.82 -1.29 8.01
CA ARG B 833 26.66 -1.82 9.07
C ARG B 833 27.29 -3.15 8.67
N ASP B 834 26.50 -4.05 8.09
CA ASP B 834 26.96 -5.37 7.70
C ASP B 834 26.58 -5.62 6.25
N ILE B 835 27.57 -5.84 5.40
CA ILE B 835 27.36 -6.13 3.99
C ILE B 835 27.94 -7.51 3.71
N PHE B 836 27.11 -8.42 3.21
CA PHE B 836 27.60 -9.74 2.84
C PHE B 836 26.83 -10.27 1.64
N VAL B 837 27.47 -11.20 0.94
CA VAL B 837 26.86 -11.90 -0.19
C VAL B 837 26.21 -13.16 0.37
N GLY B 838 24.89 -13.22 0.32
CA GLY B 838 24.22 -14.36 0.93
C GLY B 838 22.82 -14.55 0.39
N ASP B 839 22.18 -15.59 0.91
CA ASP B 839 20.84 -15.99 0.54
C ASP B 839 19.83 -15.41 1.54
N LEU B 840 18.59 -15.91 1.48
CA LEU B 840 17.53 -15.41 2.33
C LEU B 840 17.45 -16.13 3.67
N GLU B 841 18.31 -17.11 3.93
CA GLU B 841 18.43 -17.64 5.28
C GLU B 841 19.36 -16.78 6.13
N ASP B 842 20.43 -16.28 5.53
CA ASP B 842 21.23 -15.25 6.19
C ASP B 842 20.40 -14.02 6.46
N LEU B 843 19.34 -13.80 5.67
CA LEU B 843 18.43 -12.70 5.91
C LEU B 843 17.77 -12.85 7.28
N GLU B 844 17.14 -13.99 7.53
CA GLU B 844 16.51 -14.21 8.82
C GLU B 844 17.54 -14.36 9.94
N THR B 845 18.78 -14.71 9.60
CA THR B 845 19.83 -14.72 10.62
C THR B 845 20.28 -13.31 10.99
N ALA B 846 20.13 -12.36 10.06
CA ALA B 846 20.66 -11.02 10.27
C ALA B 846 19.60 -9.93 10.37
N ALA B 847 18.37 -10.19 9.94
CA ALA B 847 17.30 -9.19 10.02
C ALA B 847 16.62 -9.18 11.37
N ARG B 848 17.23 -9.73 12.41
CA ARG B 848 16.62 -9.72 13.73
C ARG B 848 16.65 -8.32 14.32
N GLY B 849 15.50 -7.83 14.75
CA GLY B 849 15.38 -6.49 15.26
C GLY B 849 15.09 -5.43 14.23
N SER B 850 14.97 -5.80 12.96
CA SER B 850 14.72 -4.83 11.90
C SER B 850 13.25 -4.45 11.86
N ASP B 851 12.98 -3.18 11.58
CA ASP B 851 11.62 -2.71 11.38
C ASP B 851 11.13 -2.91 9.96
N LEU B 852 12.03 -2.96 8.98
CA LEU B 852 11.63 -3.15 7.59
C LEU B 852 12.54 -4.17 6.92
N ILE B 853 11.94 -5.00 6.07
CA ILE B 853 12.67 -5.94 5.23
C ILE B 853 12.35 -5.62 3.78
N VAL B 854 13.38 -5.39 2.98
CA VAL B 854 13.24 -5.20 1.54
C VAL B 854 13.81 -6.43 0.85
N ALA B 855 12.99 -7.07 0.04
CA ALA B 855 13.37 -8.29 -0.66
C ALA B 855 12.29 -8.62 -1.68
N ASN B 856 12.46 -9.75 -2.35
CA ASN B 856 11.46 -10.24 -3.29
C ASN B 856 10.32 -10.90 -2.50
N SER B 857 9.38 -11.54 -3.21
CA SER B 857 8.28 -12.19 -2.52
C SER B 857 8.75 -13.33 -1.63
N ASN B 858 9.84 -14.01 -2.01
CA ASN B 858 10.37 -15.10 -1.20
C ASN B 858 10.77 -14.62 0.20
N GLY B 859 11.01 -13.32 0.38
CA GLY B 859 11.26 -12.75 1.69
C GLY B 859 10.14 -12.90 2.68
N ARG B 860 8.91 -13.20 2.21
CA ARG B 860 7.84 -13.45 3.15
C ARG B 860 8.14 -14.65 4.04
N GLN B 861 9.14 -15.46 3.66
CA GLN B 861 9.70 -16.40 4.62
C GLN B 861 10.19 -15.67 5.86
N ALA B 862 11.28 -14.92 5.69
CA ALA B 862 12.05 -14.46 6.82
C ALA B 862 11.29 -13.45 7.67
N ALA B 863 10.40 -12.68 7.05
CA ALA B 863 9.57 -11.77 7.82
C ALA B 863 8.67 -12.52 8.78
N ALA B 864 7.93 -13.51 8.26
CA ALA B 864 6.94 -14.18 9.10
C ALA B 864 7.62 -14.93 10.24
N LYS B 865 8.81 -15.45 9.99
CA LYS B 865 9.60 -16.08 11.04
C LYS B 865 10.02 -15.08 12.11
N LEU B 866 10.46 -13.89 11.68
CA LEU B 866 11.00 -12.91 12.62
C LEU B 866 9.96 -11.94 13.15
N GLY B 867 8.72 -12.04 12.68
CA GLY B 867 7.68 -11.15 13.14
C GLY B 867 7.71 -9.76 12.55
N ILE B 868 8.49 -9.54 11.50
CA ILE B 868 8.55 -8.24 10.85
C ILE B 868 7.36 -8.13 9.90
N LYS B 869 6.44 -7.24 10.23
CA LYS B 869 5.21 -7.06 9.47
C LYS B 869 5.37 -6.09 8.31
N ALA B 870 6.53 -5.45 8.19
CA ALA B 870 6.80 -4.48 7.12
C ALA B 870 7.74 -5.14 6.12
N HIS B 871 7.22 -5.49 4.96
CA HIS B 871 7.99 -6.12 3.90
C HIS B 871 7.72 -5.36 2.60
N LEU B 872 8.75 -4.76 2.03
CA LEU B 872 8.66 -4.04 0.77
C LEU B 872 9.10 -4.96 -0.35
N ARG B 873 8.20 -5.24 -1.28
CA ARG B 873 8.49 -6.15 -2.38
C ARG B 873 9.26 -5.40 -3.47
N ALA B 874 10.48 -5.85 -3.73
CA ALA B 874 11.31 -5.26 -4.76
C ALA B 874 12.05 -6.35 -5.52
N GLY B 875 12.41 -6.05 -6.76
CA GLY B 875 13.17 -6.99 -7.57
C GLY B 875 12.29 -8.03 -8.24
N LEU B 876 12.92 -9.15 -8.57
CA LEU B 876 12.29 -10.30 -9.19
C LEU B 876 12.69 -11.56 -8.43
N PRO B 877 11.75 -12.49 -8.20
CA PRO B 877 10.33 -12.48 -8.55
C PRO B 877 9.44 -11.79 -7.51
N VAL B 878 8.35 -11.17 -7.95
CA VAL B 878 7.32 -10.63 -7.05
C VAL B 878 5.99 -11.19 -7.55
N PHE B 879 5.53 -12.29 -6.95
CA PHE B 879 4.36 -13.00 -7.42
C PHE B 879 3.17 -12.89 -6.49
N ASP B 880 3.35 -12.38 -5.27
CA ASP B 880 2.27 -12.36 -4.29
C ASP B 880 1.44 -11.09 -4.32
N ARG B 881 1.86 -10.07 -5.07
CA ARG B 881 1.15 -8.81 -5.13
C ARG B 881 0.94 -8.40 -6.57
N LEU B 882 -0.20 -7.76 -6.83
CA LEU B 882 -0.57 -7.34 -8.17
C LEU B 882 -0.05 -5.93 -8.45
N GLY B 883 0.49 -5.74 -9.65
CA GLY B 883 1.00 -4.45 -10.05
C GLY B 883 2.45 -4.20 -9.71
N ALA B 884 3.23 -5.25 -9.45
CA ALA B 884 4.64 -5.07 -9.12
C ALA B 884 5.41 -4.51 -10.30
N HIS B 885 5.12 -4.98 -11.51
CA HIS B 885 5.79 -4.50 -12.71
C HIS B 885 5.31 -3.12 -13.13
N GLN B 886 4.25 -2.61 -12.53
CA GLN B 886 3.73 -1.27 -12.81
C GLN B 886 4.13 -0.26 -11.75
N LYS B 887 5.09 -0.58 -10.90
CA LYS B 887 5.54 0.31 -9.85
C LYS B 887 6.65 1.20 -10.38
N MET B 888 6.40 2.51 -10.41
CA MET B 888 7.34 3.48 -10.94
C MET B 888 8.10 4.12 -9.78
N TRP B 889 9.41 3.85 -9.72
CA TRP B 889 10.26 4.41 -8.70
C TRP B 889 11.44 5.15 -9.34
N VAL B 890 11.18 5.96 -10.34
CA VAL B 890 12.22 6.65 -11.10
C VAL B 890 11.81 8.11 -11.27
N GLY B 891 12.78 9.01 -11.11
CA GLY B 891 12.50 10.42 -11.22
C GLY B 891 11.93 10.97 -9.93
N TYR B 892 11.46 12.22 -10.01
CA TYR B 892 10.92 12.88 -8.83
C TYR B 892 9.63 12.20 -8.36
N ARG B 893 8.70 11.93 -9.29
CA ARG B 893 7.45 11.29 -8.89
C ARG B 893 7.68 9.85 -8.43
N GLY B 894 8.60 9.14 -9.07
CA GLY B 894 8.91 7.79 -8.63
C GLY B 894 9.54 7.76 -7.25
N THR B 895 10.46 8.68 -6.99
CA THR B 895 11.03 8.79 -5.65
C THR B 895 9.96 9.12 -4.63
N MET B 896 9.03 10.00 -4.99
CA MET B 896 7.91 10.32 -4.09
C MET B 896 7.05 9.09 -3.82
N ASN B 897 6.79 8.29 -4.86
CA ASN B 897 5.98 7.08 -4.69
C ASN B 897 6.66 6.10 -3.75
N LEU B 898 7.96 5.85 -3.97
CA LEU B 898 8.69 4.94 -3.09
C LEU B 898 8.74 5.47 -1.66
N LEU B 899 8.96 6.78 -1.51
CA LEU B 899 8.99 7.40 -0.20
C LEU B 899 7.67 7.21 0.53
N PHE B 900 6.56 7.47 -0.16
CA PHE B 900 5.25 7.35 0.49
C PHE B 900 4.91 5.90 0.80
N GLU B 901 5.29 4.97 -0.08
CA GLU B 901 5.04 3.56 0.18
C GLU B 901 5.78 3.10 1.44
N THR B 902 7.06 3.45 1.54
CA THR B 902 7.83 3.03 2.71
C THR B 902 7.34 3.73 3.97
N ALA B 903 6.97 5.01 3.86
CA ALA B 903 6.47 5.74 5.03
C ALA B 903 5.15 5.13 5.51
N ASN B 904 4.28 4.72 4.59
CA ASN B 904 3.03 4.10 4.99
C ASN B 904 3.25 2.70 5.55
N LEU B 905 4.26 1.99 5.06
CA LEU B 905 4.63 0.72 5.67
C LEU B 905 5.09 0.93 7.12
N PHE B 906 5.86 1.98 7.36
CA PHE B 906 6.28 2.29 8.72
C PHE B 906 5.12 2.75 9.59
N GLN B 907 4.16 3.47 9.00
CA GLN B 907 3.03 3.98 9.77
C GLN B 907 2.06 2.87 10.15
N ALA B 908 1.82 1.93 9.23
CA ALA B 908 0.82 0.90 9.48
C ALA B 908 1.32 -0.14 10.50
N ASN B 909 2.63 -0.34 10.58
CA ASN B 909 3.20 -1.36 11.46
C ASN B 909 3.80 -0.74 12.72
N ALA B 910 3.17 0.30 13.25
CA ALA B 910 3.64 0.95 14.47
C ALA B 910 2.48 1.65 15.19
FE1 SF4 C . 18.46 -33.09 -16.97
FE2 SF4 C . 17.59 -31.34 -15.34
FE3 SF4 C . 16.06 -33.05 -16.79
FE4 SF4 C . 17.03 -31.10 -18.05
S1 SF4 C . 15.50 -30.91 -16.32
S2 SF4 C . 17.11 -33.33 -18.89
S3 SF4 C . 19.07 -30.94 -17.03
S4 SF4 C . 17.43 -33.63 -15.07
S4B S5Q D . -2.90 -39.00 -15.91
FE8 S5Q D . -3.97 -38.36 -17.84
FE5 S5Q D . -3.73 -36.92 -15.54
S3A S5Q D . -4.15 -36.36 -13.41
FE7 S5Q D . -1.65 -37.40 -16.93
S5A S5Q D . 0.53 -37.33 -16.46
S3B S5Q D . -2.41 -37.25 -19.10
FE6 S5Q D . -3.23 -35.61 -17.84
S2B S5Q D . -3.45 -33.50 -18.33
S1B S5Q D . -5.16 -36.52 -17.23
CX S5Q D . -2.26 -35.67 -16.13
FE4 S5Q D . -2.65 -35.07 -14.24
S1A S5Q D . -3.15 -32.89 -14.53
S4A S5Q D . -0.64 -35.25 -13.32
FE1 S5Q D . -0.88 -33.21 -14.27
FE3 S5Q D . -0.42 -35.49 -15.56
S2A S5Q D . -0.02 -33.45 -16.39
FE2 S5Q D . -2.32 -33.75 -16.44
FE1 SF4 E . -19.05 30.68 20.48
FE2 SF4 E . -18.32 28.40 19.61
FE3 SF4 E . -16.79 30.12 21.04
FE4 SF4 E . -17.13 30.71 18.62
S1 SF4 E . -16.02 28.82 19.37
S2 SF4 E . -17.36 32.31 20.37
S3 SF4 E . -19.29 30.04 18.35
S4 SF4 E . -18.58 28.98 21.83
S4B S5Q F . 0.31 28.56 31.10
FE8 S5Q F . 1.87 29.93 30.12
FE5 S5Q F . 1.34 27.32 29.50
S3A S5Q F . 1.35 25.09 29.79
FE7 S5Q F . -0.41 29.10 29.01
S5A S5Q F . -2.60 28.98 28.60
S3B S5Q F . 0.84 30.90 28.33
FE6 S5Q F . 1.59 29.02 27.42
S2B S5Q F . 2.24 28.65 25.38
S1B S5Q F . 3.17 28.49 28.91
CX S5Q F . 0.27 27.62 27.83
FE4 S5Q F . 0.30 25.61 28.00
S1A S5Q F . 1.19 24.99 26.01
S4A S5Q F . -1.87 25.15 28.01
FE1 S5Q F . -1.10 25.23 25.88
FE3 S5Q F . -1.61 27.32 27.44
S2A S5Q F . -1.48 27.39 25.20
FE2 S5Q F . 0.69 27.18 25.98
#